data_3ZBJ
#
_entry.id   3ZBJ
#
_cell.length_a   1.000
_cell.length_b   1.000
_cell.length_c   1.000
_cell.angle_alpha   90.00
_cell.angle_beta   90.00
_cell.angle_gamma   90.00
#
_symmetry.space_group_name_H-M   'P 1'
#
_entity_poly.entity_id   1
_entity_poly.type   'polypeptide(L)'
_entity_poly.pdbx_seq_one_letter_code
;LEVGRNSPYDYRIKSVVYNPVNVVKIDAVAGVATHIVVAPDETYITHAFGDSESRTFAHKMNHFFVKPKQAMSDTNLVIV
TDKRTYNIVLHFIGEETKKNADGTVSKSFIET
;
_entity_poly.pdbx_strand_id   A,B,C,D,E,F,G,H,I,J,K,L,M,N
#
# COMPACT_ATOMS: atom_id res chain seq x y z
N LEU A 1 48.02 -24.82 -16.06
CA LEU A 1 46.87 -25.75 -16.23
C LEU A 1 46.33 -25.68 -17.63
N GLU A 2 45.22 -24.92 -17.82
CA GLU A 2 44.68 -24.75 -19.14
C GLU A 2 45.62 -23.89 -19.90
N VAL A 3 45.24 -23.48 -21.13
CA VAL A 3 45.98 -22.49 -21.86
C VAL A 3 46.04 -21.29 -21.00
N GLY A 4 45.05 -20.39 -21.15
CA GLY A 4 44.97 -19.32 -20.20
C GLY A 4 44.71 -19.98 -18.89
N ARG A 5 45.56 -19.71 -17.88
CA ARG A 5 45.29 -20.27 -16.59
C ARG A 5 43.96 -19.73 -16.21
N ASN A 6 43.82 -18.40 -16.28
CA ASN A 6 42.54 -17.78 -16.03
C ASN A 6 42.17 -18.03 -14.60
N SER A 7 43.12 -18.41 -13.73
CA SER A 7 42.67 -18.83 -12.44
C SER A 7 43.42 -18.10 -11.39
N PRO A 8 42.66 -17.53 -10.50
CA PRO A 8 42.99 -17.65 -9.10
C PRO A 8 43.02 -19.13 -8.86
N TYR A 9 44.07 -19.65 -8.18
CA TYR A 9 44.37 -21.05 -8.30
C TYR A 9 43.20 -21.90 -7.94
N ASP A 10 42.69 -21.92 -6.68
CA ASP A 10 42.71 -20.93 -5.63
C ASP A 10 44.08 -20.85 -5.03
N TYR A 11 44.62 -21.99 -4.59
CA TYR A 11 46.03 -22.03 -4.37
C TYR A 11 46.53 -23.23 -5.09
N ARG A 12 47.81 -23.58 -4.89
CA ARG A 12 48.45 -24.47 -5.81
C ARG A 12 47.71 -25.76 -5.88
N ILE A 13 47.75 -26.37 -7.07
CA ILE A 13 46.94 -27.52 -7.31
C ILE A 13 47.81 -28.60 -7.88
N LYS A 14 47.06 -29.56 -8.45
CA LYS A 14 47.36 -30.49 -9.48
C LYS A 14 47.89 -29.71 -10.63
N SER A 15 49.02 -29.00 -10.42
CA SER A 15 49.64 -28.31 -11.51
C SER A 15 49.87 -29.31 -12.58
N VAL A 16 49.28 -29.06 -13.75
CA VAL A 16 49.30 -30.01 -14.81
C VAL A 16 50.73 -30.17 -15.19
N VAL A 17 51.37 -31.32 -14.85
CA VAL A 17 52.78 -31.24 -14.98
C VAL A 17 53.19 -31.55 -16.35
N TYR A 18 54.39 -31.08 -16.70
CA TYR A 18 54.60 -30.74 -18.05
C TYR A 18 56.02 -31.04 -18.39
N ASN A 19 56.45 -30.52 -19.55
CA ASN A 19 57.77 -30.03 -19.69
C ASN A 19 57.61 -28.53 -19.59
N PRO A 20 58.65 -27.78 -19.42
CA PRO A 20 58.51 -26.46 -18.85
C PRO A 20 57.79 -25.51 -19.75
N VAL A 21 57.36 -25.97 -20.93
CA VAL A 21 56.77 -25.10 -21.89
C VAL A 21 55.52 -24.47 -21.33
N ASN A 22 54.34 -25.06 -21.58
CA ASN A 22 53.10 -24.34 -21.43
C ASN A 22 52.98 -23.74 -20.06
N VAL A 23 52.83 -24.60 -19.03
CA VAL A 23 52.69 -24.14 -17.68
C VAL A 23 53.96 -23.43 -17.31
N VAL A 24 53.86 -22.26 -16.64
CA VAL A 24 55.04 -21.65 -16.07
C VAL A 24 54.76 -21.48 -14.61
N LYS A 25 55.80 -21.15 -13.83
CA LYS A 25 55.57 -21.00 -12.42
C LYS A 25 55.36 -19.54 -12.23
N ILE A 26 54.07 -19.17 -12.08
CA ILE A 26 53.68 -17.80 -12.18
C ILE A 26 53.91 -17.22 -10.83
N ASP A 27 53.83 -18.12 -9.84
CA ASP A 27 53.81 -17.83 -8.44
C ASP A 27 54.98 -16.98 -7.99
N ALA A 28 54.86 -16.47 -6.75
CA ALA A 28 55.59 -15.37 -6.17
C ALA A 28 54.51 -14.50 -5.62
N VAL A 29 54.79 -13.28 -5.11
CA VAL A 29 53.66 -12.59 -4.54
C VAL A 29 52.74 -12.24 -5.66
N ALA A 30 51.50 -12.80 -5.61
CA ALA A 30 50.56 -12.60 -6.68
C ALA A 30 49.20 -12.43 -6.06
N GLY A 31 48.15 -12.37 -6.90
CA GLY A 31 46.81 -12.25 -6.39
C GLY A 31 46.08 -11.29 -7.27
N VAL A 32 46.74 -10.17 -7.61
CA VAL A 32 46.14 -9.08 -8.32
C VAL A 32 45.82 -9.56 -9.70
N ALA A 33 44.50 -9.73 -9.94
CA ALA A 33 43.87 -10.54 -10.96
C ALA A 33 44.79 -10.92 -12.06
N THR A 34 45.59 -11.98 -11.82
CA THR A 34 46.35 -12.57 -12.88
C THR A 34 45.62 -13.79 -13.28
N HIS A 35 45.09 -13.79 -14.52
CA HIS A 35 44.48 -14.99 -15.02
C HIS A 35 45.60 -15.98 -15.13
N ILE A 36 46.26 -16.04 -16.29
CA ILE A 36 47.56 -16.63 -16.31
C ILE A 36 48.52 -15.53 -16.64
N VAL A 37 49.83 -15.73 -16.37
CA VAL A 37 50.75 -14.80 -16.94
C VAL A 37 51.12 -15.41 -18.26
N VAL A 38 52.40 -15.79 -18.40
CA VAL A 38 53.08 -16.39 -19.52
C VAL A 38 52.17 -16.70 -20.66
N ALA A 39 52.09 -17.99 -21.00
CA ALA A 39 51.22 -18.48 -22.02
C ALA A 39 49.84 -17.97 -21.72
N PRO A 40 48.97 -18.13 -22.67
CA PRO A 40 49.27 -18.47 -24.03
C PRO A 40 49.87 -17.24 -24.64
N ASP A 41 50.02 -17.24 -25.97
CA ASP A 41 50.30 -16.03 -26.68
C ASP A 41 48.98 -15.37 -26.91
N GLU A 42 47.89 -16.14 -26.92
CA GLU A 42 46.62 -15.49 -27.00
C GLU A 42 46.34 -14.93 -25.65
N THR A 43 45.26 -14.13 -25.55
CA THR A 43 44.93 -13.37 -24.37
C THR A 43 44.88 -14.31 -23.22
N TYR A 44 45.60 -13.97 -22.12
CA TYR A 44 45.62 -14.84 -20.99
C TYR A 44 44.22 -15.04 -20.50
N ILE A 45 43.50 -13.96 -20.11
CA ILE A 45 43.88 -12.59 -20.36
C ILE A 45 44.57 -12.04 -19.16
N THR A 46 44.95 -10.76 -19.27
CA THR A 46 46.17 -10.27 -18.73
C THR A 46 46.13 -10.28 -17.24
N HIS A 47 47.28 -9.93 -16.65
CA HIS A 47 47.50 -9.99 -15.25
C HIS A 47 47.85 -8.61 -14.80
N ALA A 48 47.57 -8.32 -13.53
CA ALA A 48 48.34 -7.36 -12.82
C ALA A 48 49.27 -8.21 -12.02
N PHE A 49 50.35 -7.63 -11.47
CA PHE A 49 51.13 -8.47 -10.62
C PHE A 49 51.38 -7.71 -9.37
N GLY A 50 52.12 -8.34 -8.45
CA GLY A 50 52.64 -7.65 -7.31
C GLY A 50 51.54 -7.16 -6.45
N ASP A 51 50.29 -7.52 -6.80
CA ASP A 51 49.17 -7.02 -6.06
C ASP A 51 49.30 -5.54 -6.03
N SER A 52 49.83 -5.00 -7.14
CA SER A 52 49.98 -3.59 -7.27
C SER A 52 49.58 -3.24 -8.67
N GLU A 53 50.02 -2.07 -9.15
CA GLU A 53 49.84 -1.74 -10.52
C GLU A 53 51.01 -0.90 -10.86
N SER A 54 52.20 -1.46 -10.57
CA SER A 54 53.44 -0.89 -10.97
C SER A 54 54.02 -1.96 -11.81
N ARG A 55 54.94 -1.61 -12.71
CA ARG A 55 55.60 -2.70 -13.36
C ARG A 55 56.66 -2.08 -14.19
N THR A 56 57.70 -2.86 -14.50
CA THR A 56 58.85 -2.25 -15.08
C THR A 56 58.61 -2.07 -16.55
N PHE A 57 59.41 -1.16 -17.11
CA PHE A 57 58.97 -0.19 -18.06
C PHE A 57 60.05 -0.09 -19.09
N ALA A 58 61.30 -0.13 -18.61
CA ALA A 58 62.37 -0.14 -19.54
C ALA A 58 62.22 -1.42 -20.27
N HIS A 59 62.91 -1.53 -21.41
CA HIS A 59 62.83 -2.80 -22.07
C HIS A 59 64.15 -3.46 -21.88
N LYS A 60 64.13 -4.71 -21.41
CA LYS A 60 65.37 -5.38 -21.15
C LYS A 60 65.93 -5.72 -22.47
N MET A 61 65.38 -6.80 -23.06
CA MET A 61 65.67 -7.18 -24.41
C MET A 61 64.40 -6.98 -25.16
N ASN A 62 64.20 -7.78 -26.22
CA ASN A 62 62.89 -7.93 -26.79
C ASN A 62 62.02 -8.24 -25.64
N HIS A 63 62.08 -9.50 -25.18
CA HIS A 63 61.35 -9.78 -23.99
C HIS A 63 61.93 -8.94 -22.93
N PHE A 64 61.07 -8.39 -22.07
CA PHE A 64 61.63 -7.39 -21.24
C PHE A 64 60.86 -7.33 -19.97
N PHE A 65 61.55 -6.85 -18.92
CA PHE A 65 61.12 -7.02 -17.55
C PHE A 65 59.76 -6.43 -17.40
N VAL A 66 59.09 -6.80 -16.28
CA VAL A 66 58.24 -5.87 -15.58
C VAL A 66 58.45 -6.19 -14.14
N LYS A 67 58.29 -5.19 -13.24
CA LYS A 67 58.57 -5.55 -11.90
C LYS A 67 57.79 -4.68 -10.97
N PRO A 68 56.57 -5.02 -10.67
CA PRO A 68 55.88 -4.45 -9.57
C PRO A 68 56.67 -4.78 -8.35
N LYS A 69 56.90 -3.79 -7.47
CA LYS A 69 57.38 -4.09 -6.14
C LYS A 69 56.17 -4.09 -5.27
N GLN A 70 55.95 -5.16 -4.50
CA GLN A 70 54.75 -5.17 -3.72
C GLN A 70 54.96 -4.23 -2.57
N ALA A 71 55.40 -4.76 -1.42
CA ALA A 71 55.51 -3.93 -0.25
C ALA A 71 56.85 -3.28 -0.22
N MET A 72 57.36 -3.02 1.00
CA MET A 72 58.66 -2.45 1.16
C MET A 72 59.61 -3.60 1.17
N SER A 73 59.07 -4.78 1.54
CA SER A 73 59.81 -5.99 1.67
C SER A 73 60.41 -6.33 0.34
N ASP A 74 61.20 -7.43 0.30
CA ASP A 74 61.85 -7.83 -0.90
C ASP A 74 60.78 -8.32 -1.80
N THR A 75 60.58 -7.61 -2.92
CA THR A 75 59.47 -7.92 -3.74
C THR A 75 59.94 -7.80 -5.14
N ASN A 76 60.76 -8.78 -5.55
CA ASN A 76 61.28 -8.72 -6.88
C ASN A 76 60.35 -9.47 -7.76
N LEU A 77 59.22 -8.83 -8.05
CA LEU A 77 58.28 -9.45 -8.93
C LEU A 77 58.72 -9.13 -10.30
N VAL A 78 59.17 -10.15 -11.04
CA VAL A 78 59.55 -9.91 -12.39
C VAL A 78 58.59 -10.65 -13.23
N ILE A 79 58.19 -10.05 -14.36
CA ILE A 79 57.64 -10.88 -15.37
C ILE A 79 58.14 -10.30 -16.66
N VAL A 80 59.17 -10.94 -17.24
CA VAL A 80 59.85 -10.39 -18.37
C VAL A 80 59.01 -10.60 -19.59
N THR A 81 57.69 -10.66 -19.38
CA THR A 81 56.79 -11.13 -20.37
C THR A 81 56.77 -10.10 -21.46
N ASP A 82 57.35 -10.47 -22.61
CA ASP A 82 57.27 -9.69 -23.82
C ASP A 82 56.30 -10.42 -24.64
N LYS A 83 56.63 -11.71 -24.80
CA LYS A 83 56.13 -12.62 -25.77
C LYS A 83 57.17 -12.77 -26.84
N ARG A 84 58.46 -12.75 -26.44
CA ARG A 84 59.43 -13.34 -27.31
C ARG A 84 59.72 -14.66 -26.69
N THR A 85 61.00 -14.87 -26.40
CA THR A 85 61.36 -15.80 -25.40
C THR A 85 61.31 -15.04 -24.11
N TYR A 86 61.92 -15.61 -23.04
CA TYR A 86 61.43 -15.23 -21.76
C TYR A 86 62.28 -15.88 -20.71
N ASN A 87 63.00 -15.07 -19.89
CA ASN A 87 63.64 -15.58 -18.71
C ASN A 87 63.37 -14.64 -17.56
N ILE A 88 62.98 -15.18 -16.38
CA ILE A 88 62.82 -14.39 -15.19
C ILE A 88 63.12 -15.25 -14.01
N VAL A 89 63.72 -14.66 -12.95
CA VAL A 89 63.87 -15.44 -11.73
C VAL A 89 63.25 -14.70 -10.60
N LEU A 90 62.17 -15.27 -10.02
CA LEU A 90 61.57 -14.64 -8.89
C LEU A 90 62.15 -15.23 -7.65
N HIS A 91 62.12 -14.46 -6.55
CA HIS A 91 62.27 -15.02 -5.24
C HIS A 91 61.33 -14.24 -4.37
N PHE A 92 61.17 -14.67 -3.10
CA PHE A 92 60.32 -13.88 -2.25
C PHE A 92 60.62 -14.17 -0.82
N ILE A 93 60.79 -13.08 -0.03
CA ILE A 93 60.90 -13.18 1.40
C ILE A 93 60.58 -11.81 1.91
N GLY A 94 59.29 -11.57 2.23
CA GLY A 94 58.87 -10.30 2.76
C GLY A 94 58.72 -10.49 4.22
N GLU A 95 57.60 -9.98 4.81
CA GLU A 95 57.35 -10.09 6.22
C GLU A 95 57.57 -11.51 6.58
N GLU A 96 58.62 -11.74 7.40
CA GLU A 96 59.27 -13.02 7.42
C GLU A 96 58.25 -14.04 7.80
N THR A 97 57.41 -13.70 8.79
CA THR A 97 56.25 -14.51 9.05
C THR A 97 55.22 -14.07 8.06
N LYS A 98 55.17 -14.73 6.89
CA LYS A 98 54.16 -14.42 5.90
C LYS A 98 53.41 -15.67 5.59
N LYS A 99 52.65 -15.62 4.48
CA LYS A 99 52.07 -16.80 3.90
C LYS A 99 53.08 -17.26 2.90
N ASN A 100 53.78 -18.35 3.24
CA ASN A 100 55.14 -18.66 2.84
C ASN A 100 55.43 -18.19 1.46
N ALA A 101 56.27 -17.13 1.36
CA ALA A 101 56.65 -16.59 0.08
C ALA A 101 58.04 -17.06 -0.17
N ASP A 102 58.62 -17.69 0.86
CA ASP A 102 60.02 -17.97 0.96
C ASP A 102 60.49 -18.64 -0.28
N GLY A 103 59.90 -19.80 -0.59
CA GLY A 103 60.30 -20.57 -1.73
C GLY A 103 60.22 -19.66 -2.91
N THR A 104 61.21 -19.78 -3.81
CA THR A 104 61.20 -18.93 -4.95
C THR A 104 61.28 -19.79 -6.18
N VAL A 105 60.88 -19.18 -7.31
CA VAL A 105 60.63 -19.85 -8.56
C VAL A 105 61.59 -19.32 -9.58
N SER A 106 61.45 -19.85 -10.81
CA SER A 106 62.04 -19.30 -11.99
C SER A 106 61.04 -19.56 -13.07
N LYS A 107 60.99 -18.71 -14.13
CA LYS A 107 60.05 -19.05 -15.16
C LYS A 107 60.81 -19.26 -16.43
N SER A 108 60.56 -20.41 -17.10
CA SER A 108 60.88 -20.43 -18.49
C SER A 108 59.61 -20.20 -19.22
N PHE A 109 59.70 -20.07 -20.56
CA PHE A 109 58.62 -19.55 -21.34
C PHE A 109 59.12 -19.50 -22.74
N ILE A 110 58.87 -20.58 -23.53
CA ILE A 110 58.94 -20.43 -24.95
C ILE A 110 57.52 -20.31 -25.38
N GLU A 111 57.27 -19.55 -26.46
CA GLU A 111 55.96 -19.53 -27.04
C GLU A 111 56.02 -20.50 -28.15
N THR A 112 57.06 -20.36 -28.98
CA THR A 112 57.48 -21.29 -30.01
C THR A 112 57.21 -22.72 -29.55
N LEU B 1 48.06 -3.92 -29.24
CA LEU B 1 47.29 -5.18 -29.34
C LEU B 1 46.42 -5.16 -30.58
N GLU B 2 45.11 -4.85 -30.41
CA GLU B 2 44.24 -4.77 -31.55
C GLU B 2 44.62 -3.54 -32.32
N VAL B 3 43.85 -3.18 -33.35
CA VAL B 3 44.00 -1.92 -34.02
C VAL B 3 43.87 -0.88 -32.97
N GLY B 4 42.64 -0.39 -32.78
CA GLY B 4 42.45 0.47 -31.65
C GLY B 4 42.74 -0.36 -30.45
N ARG B 5 43.68 0.10 -29.60
CA ARG B 5 43.93 -0.64 -28.41
C ARG B 5 42.64 -0.67 -27.68
N ASN B 6 42.04 0.52 -27.48
CA ASN B 6 40.75 0.60 -26.88
C ASN B 6 40.83 0.10 -25.48
N SER B 7 42.04 0.01 -24.90
CA SER B 7 42.08 -0.67 -23.64
C SER B 7 42.78 0.17 -22.64
N PRO B 8 42.12 0.33 -21.53
CA PRO B 8 42.80 0.19 -20.26
C PRO B 8 43.39 -1.19 -20.30
N TYR B 9 44.67 -1.36 -19.94
CA TYR B 9 45.38 -2.53 -20.37
C TYR B 9 44.68 -3.78 -19.95
N ASP B 10 44.53 -4.10 -18.64
CA ASP B 10 44.49 -3.29 -17.45
C ASP B 10 45.84 -2.78 -17.12
N TYR B 11 46.83 -3.68 -17.01
CA TYR B 11 48.18 -3.22 -17.08
C TYR B 11 48.85 -4.09 -18.08
N ARG B 12 50.19 -3.96 -18.20
CA ARG B 12 50.84 -4.46 -19.37
C ARG B 12 50.58 -5.92 -19.53
N ILE B 13 50.52 -6.36 -20.79
CA ILE B 13 50.12 -7.69 -21.08
C ILE B 13 51.12 -8.32 -21.98
N LYS B 14 50.62 -9.42 -22.56
CA LYS B 14 50.95 -10.07 -23.78
C LYS B 14 50.89 -9.04 -24.86
N SER B 15 51.73 -7.99 -24.75
CA SER B 15 51.80 -7.02 -25.79
C SER B 15 52.08 -7.76 -27.04
N VAL B 16 51.18 -7.61 -28.02
CA VAL B 16 51.25 -8.39 -29.21
C VAL B 16 52.51 -7.99 -29.88
N VAL B 17 53.55 -8.83 -29.89
CA VAL B 17 54.80 -8.24 -30.27
C VAL B 17 54.93 -8.23 -31.73
N TYR B 18 55.78 -7.34 -32.21
CA TYR B 18 55.53 -6.81 -33.50
C TYR B 18 56.85 -6.54 -34.15
N ASN B 19 56.77 -5.78 -35.26
CA ASN B 19 57.79 -4.83 -35.56
C ASN B 19 57.17 -3.52 -35.16
N PRO B 20 57.91 -2.46 -35.07
CA PRO B 20 57.48 -1.36 -34.24
C PRO B 20 56.29 -0.64 -34.81
N VAL B 21 55.75 -1.10 -35.95
CA VAL B 21 54.69 -0.41 -36.60
C VAL B 21 53.50 -0.34 -35.71
N ASN B 22 52.55 -1.29 -35.83
CA ASN B 22 51.22 -1.09 -35.31
C ASN B 22 51.24 -0.72 -33.86
N VAL B 23 51.64 -1.67 -33.00
CA VAL B 23 51.69 -1.43 -31.58
C VAL B 23 52.70 -0.35 -31.33
N VAL B 24 52.39 0.63 -30.46
CA VAL B 24 53.40 1.57 -30.03
C VAL B 24 53.45 1.48 -28.54
N LYS B 25 54.47 2.08 -27.92
CA LYS B 25 54.57 2.00 -26.50
C LYS B 25 53.93 3.25 -26.01
N ILE B 26 52.68 3.12 -25.55
CA ILE B 26 51.84 4.25 -25.33
C ILE B 26 52.18 4.73 -23.96
N ASP B 27 52.66 3.78 -23.15
CA ASP B 27 52.88 3.90 -21.75
C ASP B 27 53.77 5.06 -21.39
N ALA B 28 53.80 5.38 -20.08
CA ALA B 28 54.24 6.60 -19.46
C ALA B 28 53.10 6.96 -18.57
N VAL B 29 53.08 8.13 -17.90
CA VAL B 29 51.96 8.31 -17.01
C VAL B 29 50.74 8.40 -17.85
N ALA B 30 49.80 7.44 -17.67
CA ALA B 30 48.62 7.38 -18.48
C ALA B 30 47.48 6.98 -17.59
N GLY B 31 46.30 6.74 -18.19
CA GLY B 31 45.16 6.32 -17.42
C GLY B 31 43.96 7.02 -17.95
N VAL B 32 44.10 8.34 -18.20
CA VAL B 32 43.02 9.20 -18.57
C VAL B 32 42.55 8.77 -19.93
N ALA B 33 41.35 8.16 -19.94
CA ALA B 33 40.79 7.29 -20.95
C ALA B 33 41.49 7.38 -22.26
N THR B 34 42.63 6.66 -22.37
CA THR B 34 43.26 6.50 -23.65
C THR B 34 42.89 5.15 -24.11
N HIS B 35 42.12 5.08 -25.20
CA HIS B 35 41.84 3.80 -25.78
C HIS B 35 43.15 3.29 -26.27
N ILE B 36 43.49 3.60 -27.54
CA ILE B 36 44.87 3.52 -27.92
C ILE B 36 45.30 4.93 -28.22
N VAL B 37 46.62 5.19 -28.25
CA VAL B 37 47.01 6.44 -28.81
C VAL B 37 47.22 6.13 -30.26
N VAL B 38 48.48 6.27 -30.71
CA VAL B 38 49.04 6.08 -32.03
C VAL B 38 48.03 5.56 -33.01
N ALA B 39 48.31 4.37 -33.56
CA ALA B 39 47.41 3.71 -34.46
C ALA B 39 46.07 3.66 -33.82
N PRO B 40 45.09 3.28 -34.59
CA PRO B 40 45.15 3.21 -36.02
C PRO B 40 45.13 4.63 -36.50
N ASP B 41 44.95 4.82 -37.82
CA ASP B 41 44.63 6.11 -38.34
C ASP B 41 43.16 6.27 -38.19
N GLU B 42 42.41 5.16 -38.12
CA GLU B 42 41.02 5.29 -37.84
C GLU B 42 40.91 5.60 -36.39
N THR B 43 39.68 5.92 -35.94
CA THR B 43 39.42 6.39 -34.60
C THR B 43 39.96 5.39 -33.64
N TYR B 44 40.77 5.86 -32.66
CA TYR B 44 41.36 4.93 -31.73
C TYR B 44 40.27 4.19 -31.02
N ILE B 45 39.35 4.90 -30.32
CA ILE B 45 39.18 6.32 -30.38
C ILE B 45 39.92 6.97 -29.26
N THR B 46 39.81 8.31 -29.21
CA THR B 46 40.89 9.16 -28.83
C THR B 46 41.22 8.98 -27.39
N HIS B 47 42.30 9.66 -26.99
CA HIS B 47 42.86 9.54 -25.69
C HIS B 47 42.84 10.91 -25.08
N ALA B 48 42.79 10.95 -23.73
CA ALA B 48 43.36 12.04 -23.03
C ALA B 48 44.68 11.51 -22.59
N PHE B 49 45.62 12.39 -22.17
CA PHE B 49 46.81 11.82 -21.66
C PHE B 49 47.08 12.47 -20.35
N GLY B 50 48.19 12.07 -19.72
CA GLY B 50 48.73 12.78 -18.60
C GLY B 50 47.76 12.75 -17.47
N ASP B 51 46.66 12.00 -17.63
CA ASP B 51 45.66 11.98 -16.61
C ASP B 51 45.28 13.39 -16.34
N SER B 52 45.32 14.20 -17.41
CA SER B 52 44.95 15.58 -17.32
C SER B 52 44.14 15.89 -18.53
N GLU B 53 44.03 17.18 -18.86
CA GLU B 53 43.42 17.57 -20.09
C GLU B 53 44.13 18.80 -20.49
N SER B 54 45.46 18.69 -20.55
CA SER B 54 46.31 19.71 -21.07
C SER B 54 47.00 19.01 -22.19
N ARG B 55 47.49 19.76 -23.17
CA ARG B 55 48.30 19.06 -24.12
C ARG B 55 48.86 20.10 -25.01
N THR B 56 49.99 19.78 -25.65
CA THR B 56 50.69 20.82 -26.33
C THR B 56 50.06 21.04 -27.66
N PHE B 57 50.34 22.25 -28.19
CA PHE B 57 49.38 23.07 -28.85
C PHE B 57 50.09 23.66 -30.03
N ALA B 58 51.36 24.04 -29.82
CA ALA B 58 52.10 24.51 -30.93
C ALA B 58 52.21 23.34 -31.83
N HIS B 59 52.60 23.60 -33.09
CA HIS B 59 52.78 22.46 -33.93
C HIS B 59 54.25 22.31 -34.13
N LYS B 60 54.76 21.10 -33.89
CA LYS B 60 56.18 20.91 -34.00
C LYS B 60 56.48 20.92 -35.45
N MET B 61 56.20 19.78 -36.10
CA MET B 61 56.25 19.67 -37.53
C MET B 61 54.85 19.47 -37.97
N ASN B 62 54.67 18.76 -39.10
CA ASN B 62 53.39 18.20 -39.42
C ASN B 62 52.98 17.48 -38.20
N HIS B 63 53.57 16.30 -37.99
CA HIS B 63 53.29 15.65 -36.76
C HIS B 63 53.79 16.54 -35.70
N PHE B 64 53.03 16.65 -34.60
CA PHE B 64 53.42 17.69 -33.73
C PHE B 64 53.01 17.34 -32.35
N PHE B 65 53.74 17.93 -31.37
CA PHE B 65 53.74 17.49 -30.01
C PHE B 65 52.34 17.51 -29.49
N VAL B 66 52.11 16.81 -28.35
CA VAL B 66 51.21 17.30 -27.34
C VAL B 66 51.86 16.94 -26.05
N LYS B 67 51.60 17.71 -24.97
CA LYS B 67 52.31 17.35 -23.79
C LYS B 67 51.54 17.78 -22.59
N PRO B 68 50.60 16.99 -22.13
CA PRO B 68 50.05 17.15 -20.82
C PRO B 68 51.19 17.02 -19.86
N LYS B 69 51.29 17.93 -18.88
CA LYS B 69 52.14 17.69 -17.75
C LYS B 69 51.25 17.17 -16.68
N GLN B 70 51.61 16.01 -16.09
CA GLN B 70 50.70 15.50 -15.10
C GLN B 70 50.86 16.32 -13.86
N ALA B 71 51.72 15.88 -12.93
CA ALA B 71 51.82 16.57 -11.67
C ALA B 71 52.84 17.66 -11.80
N MET B 72 53.51 17.97 -10.67
CA MET B 72 54.55 18.95 -10.66
C MET B 72 55.79 18.22 -11.04
N SER B 73 55.79 16.90 -10.79
CA SER B 73 56.90 16.03 -11.03
C SER B 73 57.23 16.07 -12.49
N ASP B 74 58.31 15.34 -12.87
CA ASP B 74 58.73 15.33 -14.23
C ASP B 74 57.71 14.58 -14.99
N THR B 75 57.02 15.28 -15.90
CA THR B 75 55.90 14.67 -16.52
C THR B 75 55.96 15.09 -17.95
N ASN B 76 56.92 14.52 -18.67
CA ASN B 76 57.05 14.90 -20.05
C ASN B 76 56.24 13.96 -20.86
N LEU B 77 54.92 14.16 -20.80
CA LEU B 77 54.06 13.33 -21.58
C LEU B 77 54.02 13.92 -22.93
N VAL B 78 54.58 13.21 -23.91
CA VAL B 78 54.52 13.71 -25.24
C VAL B 78 53.68 12.76 -26.00
N ILE B 79 52.85 13.29 -26.91
CA ILE B 79 52.38 12.42 -27.92
C ILE B 79 52.32 13.26 -29.15
N VAL B 80 53.33 13.10 -30.03
CA VAL B 80 53.49 13.98 -31.16
C VAL B 80 52.50 13.60 -32.20
N THR B 81 51.36 13.04 -31.76
CA THR B 81 50.46 12.38 -32.63
C THR B 81 49.84 13.42 -33.49
N ASP B 82 50.20 13.42 -34.78
CA ASP B 82 49.58 14.23 -35.79
C ASP B 82 48.73 13.29 -36.52
N LYS B 83 49.43 12.22 -36.97
CA LYS B 83 49.03 11.30 -37.98
C LYS B 83 49.76 11.65 -39.23
N ARG B 84 51.03 12.09 -39.09
CA ARG B 84 51.90 11.98 -40.22
C ARG B 84 52.75 10.80 -39.92
N THR B 85 54.07 11.05 -39.94
CA THR B 85 54.94 10.21 -39.19
C THR B 85 54.97 10.76 -37.81
N TYR B 86 55.97 10.36 -37.00
CA TYR B 86 55.71 10.42 -35.60
C TYR B 86 56.95 10.01 -34.87
N ASN B 87 57.54 10.94 -34.07
CA ASN B 87 58.59 10.58 -33.15
C ASN B 87 58.30 11.24 -31.82
N ILE B 88 58.43 10.47 -30.70
CA ILE B 88 58.31 11.04 -29.39
C ILE B 88 59.15 10.22 -28.45
N VAL B 89 59.76 10.88 -27.44
CA VAL B 89 60.45 10.10 -26.44
C VAL B 89 59.92 10.45 -25.09
N LEU B 90 59.27 9.47 -24.43
CA LEU B 90 58.78 9.71 -23.10
C LEU B 90 59.81 9.25 -22.13
N HIS B 91 59.80 9.86 -20.93
CA HIS B 91 60.43 9.25 -19.79
C HIS B 91 59.54 9.54 -18.63
N PHE B 92 59.84 8.97 -17.45
CA PHE B 92 59.02 9.31 -16.33
C PHE B 92 59.74 9.00 -15.06
N ILE B 93 59.72 9.99 -14.13
CA ILE B 93 60.20 9.80 -12.79
C ILE B 93 59.59 10.90 -11.99
N GLY B 94 58.41 10.62 -11.39
CA GLY B 94 57.73 11.59 -10.57
C GLY B 94 58.02 11.22 -9.16
N GLU B 95 56.98 11.23 -8.30
CA GLU B 95 57.13 10.90 -6.90
C GLU B 95 57.89 9.62 -6.85
N GLU B 96 59.12 9.71 -6.30
CA GLU B 96 60.14 8.75 -6.64
C GLU B 96 59.64 7.40 -6.26
N THR B 97 59.00 7.30 -5.08
CA THR B 97 58.28 6.12 -4.76
C THR B 97 56.95 6.25 -5.43
N LYS B 98 56.83 5.73 -6.66
CA LYS B 98 55.57 5.76 -7.37
C LYS B 98 55.24 4.36 -7.75
N LYS B 99 54.25 4.24 -8.67
CA LYS B 99 53.97 2.99 -9.33
C LYS B 99 54.79 3.03 -10.57
N ASN B 100 55.89 2.23 -10.57
CA ASN B 100 57.13 2.50 -11.27
C ASN B 100 56.91 3.17 -12.58
N ALA B 101 57.29 4.46 -12.65
CA ALA B 101 57.14 5.22 -13.86
C ALA B 101 58.50 5.32 -14.45
N ASP B 102 59.49 4.84 -13.68
CA ASP B 102 60.89 5.09 -13.91
C ASP B 102 61.23 4.77 -15.32
N GLY B 103 60.99 3.50 -15.71
CA GLY B 103 61.34 3.05 -17.02
C GLY B 103 60.68 3.98 -17.99
N THR B 104 61.40 4.32 -19.07
CA THR B 104 60.84 5.22 -20.01
C THR B 104 60.88 4.58 -21.36
N VAL B 105 60.05 5.10 -22.27
CA VAL B 105 59.73 4.52 -23.55
C VAL B 105 60.19 5.45 -24.62
N SER B 106 59.93 5.04 -25.88
CA SER B 106 60.00 5.89 -27.02
C SER B 106 58.91 5.39 -27.92
N LYS B 107 58.33 6.25 -28.78
CA LYS B 107 57.33 5.71 -29.66
C LYS B 107 57.78 5.91 -31.06
N SER B 108 57.77 4.83 -31.86
CA SER B 108 57.74 5.07 -33.28
C SER B 108 56.31 4.90 -33.69
N PHE B 109 56.04 5.17 -34.98
CA PHE B 109 54.68 5.34 -35.43
C PHE B 109 54.78 5.71 -36.87
N ILE B 110 54.72 4.70 -37.77
CA ILE B 110 54.38 5.01 -39.13
C ILE B 110 52.94 4.64 -39.25
N GLU B 111 52.20 5.37 -40.11
CA GLU B 111 50.86 4.96 -40.40
C GLU B 111 50.96 4.18 -41.66
N THR B 112 51.66 4.79 -42.65
CA THR B 112 52.10 4.18 -43.88
C THR B 112 52.44 2.71 -43.64
N LEU C 1 37.95 16.76 -38.19
CA LEU C 1 37.63 15.32 -38.37
C LEU C 1 36.54 15.15 -39.40
N GLU C 2 35.29 14.95 -38.92
CA GLU C 2 34.18 14.82 -39.84
C GLU C 2 33.94 16.18 -40.43
N VAL C 3 32.86 16.33 -41.22
CA VAL C 3 32.42 17.62 -41.66
C VAL C 3 32.21 18.43 -40.45
N GLY C 4 30.97 18.42 -39.92
CA GLY C 4 30.79 19.04 -38.64
C GLY C 4 31.64 18.25 -37.70
N ARG C 5 32.54 18.94 -36.97
CA ARG C 5 33.30 18.21 -36.00
C ARG C 5 32.31 17.65 -35.06
N ASN C 6 31.42 18.52 -34.54
CA ASN C 6 30.36 18.06 -33.70
C ASN C 6 30.95 17.48 -32.45
N SER C 7 32.22 17.78 -32.14
CA SER C 7 32.79 17.04 -31.05
C SER C 7 33.39 17.98 -30.07
N PRO C 8 33.01 17.78 -28.84
CA PRO C 8 33.99 17.77 -27.78
C PRO C 8 34.96 16.70 -28.18
N TYR C 9 36.29 16.98 -28.11
CA TYR C 9 37.21 16.19 -28.87
C TYR C 9 37.10 14.73 -28.56
N ASP C 10 37.38 14.25 -27.32
CA ASP C 10 37.36 14.87 -26.02
C ASP C 10 38.51 15.80 -25.87
N TYR C 11 39.74 15.31 -26.12
CA TYR C 11 40.79 16.24 -26.36
C TYR C 11 41.46 15.78 -27.62
N ARG C 12 42.61 16.40 -27.97
CA ARG C 12 43.07 16.29 -29.31
C ARG C 12 43.28 14.86 -29.68
N ILE C 13 43.07 14.56 -30.97
CA ILE C 13 43.07 13.21 -31.40
C ILE C 13 43.96 13.09 -32.58
N LYS C 14 43.73 11.94 -33.24
CA LYS C 14 43.95 11.58 -34.60
C LYS C 14 43.29 12.61 -35.44
N SER C 15 43.74 13.88 -35.30
CA SER C 15 43.23 14.92 -36.15
C SER C 15 43.42 14.46 -37.55
N VAL C 16 42.31 14.36 -38.28
CA VAL C 16 42.34 13.79 -39.59
C VAL C 16 43.19 14.69 -40.41
N VAL C 17 44.43 14.28 -40.77
CA VAL C 17 45.26 15.32 -41.26
C VAL C 17 45.02 15.51 -42.70
N TYR C 18 45.40 16.71 -43.17
CA TYR C 18 44.68 17.23 -44.27
C TYR C 18 45.62 18.02 -45.10
N ASN C 19 45.03 18.81 -46.02
CA ASN C 19 45.57 20.09 -46.34
C ASN C 19 44.67 21.05 -45.59
N PRO C 20 45.02 22.28 -45.46
CA PRO C 20 44.46 23.06 -44.38
C PRO C 20 43.00 23.35 -44.57
N VAL C 21 42.39 22.85 -45.65
CA VAL C 21 41.03 23.16 -45.95
C VAL C 21 40.14 22.70 -44.84
N ASN C 22 39.55 21.50 -44.94
CA ASN C 22 38.40 21.15 -44.15
C ASN C 22 38.66 21.35 -42.69
N VAL C 23 39.55 20.53 -42.11
CA VAL C 23 39.86 20.63 -40.71
C VAL C 23 40.49 21.97 -40.47
N VAL C 24 40.09 22.68 -39.40
CA VAL C 24 40.79 23.87 -39.00
C VAL C 24 41.24 23.66 -37.60
N LYS C 25 42.13 24.53 -37.09
CA LYS C 25 42.58 24.35 -35.75
C LYS C 25 41.71 25.23 -34.93
N ILE C 26 40.73 24.59 -34.27
CA ILE C 26 39.64 25.31 -33.69
C ILE C 26 40.12 25.75 -32.34
N ASP C 27 41.07 24.96 -31.83
CA ASP C 27 41.58 25.01 -30.49
C ASP C 27 42.09 26.38 -30.11
N ALA C 28 42.33 26.55 -28.79
CA ALA C 28 42.49 27.78 -28.07
C ALA C 28 41.55 27.61 -26.92
N VAL C 29 41.30 28.62 -26.06
CA VAL C 29 40.44 28.29 -24.96
C VAL C 29 39.08 28.02 -25.51
N ALA C 30 38.60 26.76 -25.33
CA ALA C 30 37.34 26.36 -25.89
C ALA C 30 36.65 25.49 -24.89
N GLY C 31 35.51 24.90 -25.28
CA GLY C 31 34.80 24.02 -24.39
C GLY C 31 33.34 24.29 -24.55
N VAL C 32 32.97 25.58 -24.58
CA VAL C 32 31.62 26.02 -24.57
C VAL C 32 31.00 25.59 -25.88
N ALA C 33 30.10 24.59 -25.76
CA ALA C 33 29.63 23.68 -26.78
C ALA C 33 29.93 24.14 -28.16
N THR C 34 31.17 23.91 -28.62
CA THR C 34 31.49 24.11 -30.00
C THR C 34 31.50 22.77 -30.61
N HIS C 35 30.54 22.53 -31.53
CA HIS C 35 30.56 21.30 -32.26
C HIS C 35 31.81 21.37 -33.09
N ILE C 36 31.71 21.89 -34.32
CA ILE C 36 32.89 22.37 -34.97
C ILE C 36 32.75 23.85 -35.08
N VAL C 37 33.86 24.58 -35.33
CA VAL C 37 33.66 25.94 -35.72
C VAL C 37 33.60 25.88 -37.22
N VAL C 38 34.59 26.51 -37.86
CA VAL C 38 34.84 26.66 -39.28
C VAL C 38 33.85 25.92 -40.13
N ALA C 39 34.37 24.97 -40.92
CA ALA C 39 33.55 24.12 -41.73
C ALA C 39 32.50 23.51 -40.86
N PRO C 40 31.54 22.89 -41.48
CA PRO C 40 31.27 22.99 -42.89
C PRO C 40 30.67 24.34 -43.10
N ASP C 41 30.12 24.59 -44.30
CA ASP C 41 29.28 25.72 -44.50
C ASP C 41 27.91 25.32 -44.05
N GLU C 42 27.63 24.01 -44.05
CA GLU C 42 26.37 23.60 -43.47
C GLU C 42 26.53 23.69 -41.99
N THR C 43 25.42 23.50 -41.27
CA THR C 43 25.34 23.71 -39.84
C THR C 43 26.40 22.89 -39.20
N TYR C 44 27.22 23.51 -38.33
CA TYR C 44 28.30 22.78 -37.72
C TYR C 44 27.73 21.62 -36.95
N ILE C 45 26.82 21.88 -35.96
CA ILE C 45 26.18 23.14 -35.74
C ILE C 45 26.92 23.89 -34.69
N THR C 46 26.38 25.09 -34.37
CA THR C 46 27.18 26.23 -34.07
C THR C 46 27.89 26.04 -32.77
N HIS C 47 28.75 27.03 -32.47
CA HIS C 47 29.61 26.98 -31.34
C HIS C 47 29.29 28.19 -30.51
N ALA C 48 29.57 28.07 -29.20
CA ALA C 48 29.89 29.23 -28.43
C ALA C 48 31.38 29.17 -28.35
N PHE C 49 32.04 30.28 -27.98
CA PHE C 49 33.44 30.13 -27.80
C PHE C 49 33.80 30.71 -26.49
N GLY C 50 35.09 30.67 -26.16
CA GLY C 50 35.61 31.42 -25.06
C GLY C 50 35.03 30.93 -23.79
N ASP C 51 34.23 29.84 -23.86
CA ASP C 51 33.57 29.36 -22.69
C ASP C 51 32.83 30.51 -22.11
N SER C 52 32.33 31.38 -23.00
CA SER C 52 31.57 32.51 -22.60
C SER C 52 30.42 32.61 -23.54
N GLU C 53 29.82 33.81 -23.61
CA GLU C 53 28.84 34.06 -24.61
C GLU C 53 28.97 35.51 -24.91
N SER C 54 30.21 35.89 -25.24
CA SER C 54 30.52 37.19 -25.72
C SER C 54 31.10 36.91 -27.06
N ARG C 55 31.07 37.88 -27.97
CA ARG C 55 31.81 37.62 -29.17
C ARG C 55 31.74 38.88 -29.95
N THR C 56 32.72 39.06 -30.84
CA THR C 56 32.85 40.34 -31.44
C THR C 56 31.88 40.46 -32.57
N PHE C 57 31.61 41.72 -32.92
CA PHE C 57 30.30 42.20 -33.22
C PHE C 57 30.46 43.12 -34.39
N ALA C 58 31.54 43.92 -34.36
CA ALA C 58 31.80 44.73 -35.49
C ALA C 58 32.06 43.78 -36.60
N HIS C 59 32.02 44.29 -37.84
CA HIS C 59 32.37 43.39 -38.89
C HIS C 59 33.70 43.80 -39.39
N LYS C 60 34.63 42.84 -39.48
CA LYS C 60 35.96 43.19 -39.89
C LYS C 60 35.87 43.46 -41.35
N MET C 61 35.83 42.36 -42.12
CA MET C 61 35.57 42.42 -43.53
C MET C 61 34.24 41.77 -43.72
N ASN C 62 34.04 41.16 -44.90
CA ASN C 62 32.99 40.21 -45.07
C ASN C 62 33.14 39.27 -43.94
N HIS C 63 34.13 38.36 -44.07
CA HIS C 63 34.38 37.54 -42.94
C HIS C 63 34.81 38.44 -41.85
N PHE C 64 34.35 38.16 -40.63
CA PHE C 64 34.57 39.18 -39.68
C PHE C 64 34.65 38.57 -38.33
N PHE C 65 35.36 39.27 -37.42
CA PHE C 65 35.84 38.72 -36.18
C PHE C 65 34.68 38.20 -35.41
N VAL C 66 34.99 37.35 -34.39
CA VAL C 66 34.25 37.37 -33.15
C VAL C 66 35.27 37.14 -32.10
N LYS C 67 35.05 37.67 -30.88
CA LYS C 67 36.10 37.47 -29.94
C LYS C 67 35.54 37.46 -28.55
N PRO C 68 35.07 36.34 -28.07
CA PRO C 68 34.84 36.16 -26.68
C PRO C 68 36.15 36.36 -25.99
N LYS C 69 36.17 37.15 -24.90
CA LYS C 69 37.31 37.12 -24.02
C LYS C 69 36.94 36.20 -22.90
N GLN C 70 37.79 35.20 -22.61
CA GLN C 70 37.37 34.30 -21.58
C GLN C 70 37.55 35.00 -20.27
N ALA C 71 38.70 34.80 -19.61
CA ALA C 71 38.88 35.36 -18.29
C ALA C 71 39.42 36.75 -18.41
N MET C 72 40.20 37.16 -17.40
CA MET C 72 40.82 38.45 -17.42
C MET C 72 42.10 38.27 -18.15
N SER C 73 42.60 37.02 -18.15
CA SER C 73 43.84 36.64 -18.75
C SER C 73 43.77 36.95 -20.22
N ASP C 74 44.90 36.69 -20.92
CA ASP C 74 44.96 36.98 -22.32
C ASP C 74 44.09 35.98 -22.98
N THR C 75 43.01 36.47 -23.61
CA THR C 75 42.04 35.56 -24.10
C THR C 75 41.61 36.12 -25.41
N ASN C 76 42.50 36.01 -26.40
CA ASN C 76 42.15 36.54 -27.68
C ASN C 76 41.52 35.46 -28.47
N LEU C 77 40.26 35.16 -28.13
CA LEU C 77 39.57 34.16 -28.86
C LEU C 77 39.01 34.83 -30.05
N VAL C 78 39.52 34.47 -31.24
CA VAL C 78 38.97 35.05 -32.41
C VAL C 78 38.33 33.94 -33.16
N ILE C 79 37.18 34.21 -33.78
CA ILE C 79 36.79 33.34 -34.82
C ILE C 79 36.16 34.22 -35.84
N VAL C 80 36.92 34.53 -36.92
CA VAL C 80 36.50 35.51 -37.88
C VAL C 80 35.46 34.89 -38.76
N THR C 81 34.72 33.93 -38.22
CA THR C 81 33.91 33.08 -39.00
C THR C 81 32.77 33.91 -39.52
N ASP C 82 32.80 34.15 -40.83
CA ASP C 82 31.72 34.78 -41.54
C ASP C 82 31.08 33.67 -42.26
N LYS C 83 31.95 32.99 -43.01
CA LYS C 83 31.66 32.09 -44.07
C LYS C 83 31.90 32.80 -45.36
N ARG C 84 32.94 33.66 -45.40
CA ARG C 84 33.49 33.98 -46.67
C ARG C 84 34.73 33.18 -46.76
N THR C 85 35.85 33.88 -46.98
CA THR C 85 37.10 33.35 -46.59
C THR C 85 37.28 33.73 -45.15
N TYR C 86 38.52 33.65 -44.64
CA TYR C 86 38.61 33.46 -43.23
C TYR C 86 40.06 33.46 -42.84
N ASN C 87 40.48 34.46 -42.02
CA ASN C 87 41.77 34.42 -41.39
C ASN C 87 41.63 34.80 -39.94
N ILE C 88 42.26 34.02 -39.02
CA ILE C 88 42.29 34.36 -37.63
C ILE C 88 43.56 33.83 -37.04
N VAL C 89 44.14 34.55 -36.06
CA VAL C 89 45.27 33.98 -35.37
C VAL C 89 45.01 33.97 -33.90
N LEU C 90 44.89 32.76 -33.31
CA LEU C 90 44.70 32.68 -31.90
C LEU C 90 46.03 32.53 -31.24
N HIS C 91 46.11 32.96 -29.97
CA HIS C 91 47.17 32.52 -29.10
C HIS C 91 46.54 32.35 -27.76
N PHE C 92 47.30 31.81 -26.79
CA PHE C 92 46.71 31.72 -25.48
C PHE C 92 47.77 31.57 -24.45
N ILE C 93 47.67 32.39 -23.38
CA ILE C 93 48.49 32.25 -22.21
C ILE C 93 47.76 32.96 -21.12
N GLY C 94 46.92 32.22 -20.36
CA GLY C 94 46.18 32.79 -19.27
C GLY C 94 46.92 32.40 -18.03
N GLU C 95 46.17 31.94 -16.99
CA GLU C 95 46.77 31.56 -15.74
C GLU C 95 47.89 30.65 -16.07
N GLU C 96 49.11 31.12 -15.76
CA GLU C 96 50.27 30.64 -16.45
C GLU C 96 50.37 29.16 -16.23
N THR C 97 50.10 28.72 -14.99
CA THR C 97 49.92 27.33 -14.75
C THR C 97 48.50 27.04 -15.12
N LYS C 98 48.26 26.64 -16.38
CA LYS C 98 46.93 26.28 -16.82
C LYS C 98 46.99 24.89 -17.37
N LYS C 99 45.92 24.52 -18.08
CA LYS C 99 45.92 23.33 -18.90
C LYS C 99 46.34 23.79 -20.24
N ASN C 100 47.61 23.45 -20.60
CA ASN C 100 48.48 24.21 -21.47
C ASN C 100 47.73 24.88 -22.56
N ALA C 101 47.64 26.22 -22.47
CA ALA C 101 46.95 27.00 -23.47
C ALA C 101 48.01 27.64 -24.29
N ASP C 102 49.27 27.49 -23.82
CA ASP C 102 50.39 28.24 -24.27
C ASP C 102 50.47 28.21 -25.75
N GLY C 103 50.58 26.99 -26.31
CA GLY C 103 50.72 26.83 -27.73
C GLY C 103 49.58 27.55 -28.36
N THR C 104 49.86 28.23 -29.48
CA THR C 104 48.82 28.96 -30.12
C THR C 104 48.74 28.51 -31.55
N VAL C 105 47.58 28.79 -32.17
CA VAL C 105 47.18 28.26 -33.45
C VAL C 105 47.02 29.40 -34.40
N SER C 106 46.62 29.05 -35.64
CA SER C 106 46.12 29.97 -36.61
C SER C 106 45.07 29.21 -37.35
N LYS C 107 44.04 29.88 -37.91
CA LYS C 107 43.10 29.10 -38.66
C LYS C 107 43.10 29.59 -40.07
N SER C 108 43.26 28.66 -41.03
CA SER C 108 42.80 29.01 -42.34
C SER C 108 41.45 28.38 -42.50
N PHE C 109 40.80 28.67 -43.64
CA PHE C 109 39.40 28.37 -43.78
C PHE C 109 39.01 28.89 -45.12
N ILE C 110 39.07 28.03 -46.16
CA ILE C 110 38.33 28.32 -47.35
C ILE C 110 37.11 27.47 -47.26
N GLU C 111 35.99 27.96 -47.82
CA GLU C 111 34.82 27.13 -47.91
C GLU C 111 34.87 26.57 -49.28
N THR C 112 35.07 27.48 -50.26
CA THR C 112 35.37 27.20 -51.64
C THR C 112 36.23 25.94 -51.74
N LEU D 1 19.68 33.14 -41.16
CA LEU D 1 19.83 31.71 -41.52
C LEU D 1 18.65 31.25 -42.33
N GLU D 2 17.69 30.57 -41.68
CA GLU D 2 16.50 30.13 -42.36
C GLU D 2 15.68 31.36 -42.64
N VAL D 3 14.45 31.19 -43.17
CA VAL D 3 13.52 32.27 -43.28
C VAL D 3 13.36 32.82 -41.92
N GLY D 4 12.37 32.31 -41.18
CA GLY D 4 12.30 32.69 -39.80
C GLY D 4 13.56 32.17 -39.20
N ARG D 5 14.34 33.06 -38.55
CA ARG D 5 15.52 32.57 -37.89
C ARG D 5 15.02 31.59 -36.88
N ASN D 6 14.05 32.03 -36.06
CA ASN D 6 13.45 31.13 -35.12
C ASN D 6 14.47 30.68 -34.13
N SER D 7 15.62 31.40 -34.03
CA SER D 7 16.64 30.81 -33.22
C SER D 7 17.12 31.79 -32.22
N PRO D 8 17.14 31.35 -31.00
CA PRO D 8 18.29 31.59 -30.17
C PRO D 8 19.44 30.99 -30.93
N TYR D 9 20.57 31.72 -31.07
CA TYR D 9 21.49 31.41 -32.13
C TYR D 9 21.94 29.99 -32.07
N ASP D 10 22.66 29.52 -31.01
CA ASP D 10 22.75 29.96 -29.64
C ASP D 10 23.53 31.23 -29.56
N TYR D 11 24.75 31.25 -30.12
CA TYR D 11 25.35 32.51 -30.39
C TYR D 11 25.80 32.45 -31.81
N ARG D 12 26.55 33.47 -32.25
CA ARG D 12 26.68 33.68 -33.66
C ARG D 12 27.26 32.46 -34.32
N ILE D 13 26.85 32.25 -35.57
CA ILE D 13 27.19 31.03 -36.23
C ILE D 13 27.76 31.36 -37.57
N LYS D 14 27.77 30.28 -38.37
CA LYS D 14 27.76 30.16 -39.78
C LYS D 14 26.61 30.96 -40.27
N SER D 15 26.63 32.29 -40.01
CA SER D 15 25.61 33.14 -40.53
C SER D 15 25.61 32.93 -42.01
N VAL D 16 24.44 32.51 -42.52
CA VAL D 16 24.35 32.12 -43.89
C VAL D 16 24.62 33.34 -44.68
N VAL D 17 25.79 33.45 -45.34
CA VAL D 17 26.09 34.77 -45.79
C VAL D 17 25.45 35.01 -47.10
N TYR D 18 25.28 36.29 -47.40
CA TYR D 18 24.18 36.63 -48.23
C TYR D 18 24.57 37.79 -49.07
N ASN D 19 23.56 38.40 -49.71
CA ASN D 19 23.54 39.81 -49.89
C ASN D 19 22.58 40.28 -48.82
N PRO D 20 22.53 41.55 -48.55
CA PRO D 20 22.02 41.97 -47.25
C PRO D 20 20.55 41.71 -47.09
N VAL D 21 19.90 41.13 -48.11
CA VAL D 21 18.49 40.96 -48.08
C VAL D 21 18.08 40.10 -46.92
N ASN D 22 17.94 38.78 -47.12
CA ASN D 22 17.19 37.95 -46.20
C ASN D 22 17.71 38.10 -44.81
N VAL D 23 18.94 37.60 -44.56
CA VAL D 23 19.54 37.67 -43.26
C VAL D 23 19.72 39.11 -42.91
N VAL D 24 19.38 39.51 -41.66
CA VAL D 24 19.73 40.84 -41.21
C VAL D 24 20.55 40.66 -39.97
N LYS D 25 21.20 41.74 -39.50
CA LYS D 25 22.00 41.60 -38.33
C LYS D 25 21.11 42.02 -37.21
N ILE D 26 20.58 41.01 -36.50
CA ILE D 26 19.49 41.23 -35.60
C ILE D 26 20.12 41.67 -34.32
N ASP D 27 21.37 41.23 -34.15
CA ASP D 27 22.14 41.33 -32.95
C ASP D 27 22.25 42.75 -32.43
N ALA D 28 22.75 42.86 -31.18
CA ALA D 28 22.65 43.99 -30.29
C ALA D 28 22.12 43.36 -29.03
N VAL D 29 21.78 44.13 -27.97
CA VAL D 29 21.37 43.40 -26.80
C VAL D 29 20.09 42.70 -27.12
N ALA D 30 20.11 41.36 -27.08
CA ALA D 30 18.96 40.58 -27.45
C ALA D 30 18.87 39.42 -26.51
N GLY D 31 17.92 38.50 -26.77
CA GLY D 31 17.79 37.33 -25.93
C GLY D 31 16.34 37.07 -25.75
N VAL D 32 15.57 38.14 -25.48
CA VAL D 32 14.18 38.06 -25.13
C VAL D 32 13.44 37.55 -26.34
N ALA D 33 12.98 36.30 -26.24
CA ALA D 33 12.60 35.38 -27.30
C ALA D 33 12.39 36.05 -28.61
N THR D 34 13.48 36.34 -29.33
CA THR D 34 13.37 36.79 -30.69
C THR D 34 13.66 35.60 -31.52
N HIS D 35 12.66 35.12 -32.26
CA HIS D 35 12.91 34.06 -33.19
C HIS D 35 13.81 34.66 -34.22
N ILE D 36 13.25 35.24 -35.29
CA ILE D 36 14.01 36.17 -36.06
C ILE D 36 13.36 37.50 -35.88
N VAL D 37 14.07 38.61 -36.20
CA VAL D 37 13.35 39.83 -36.29
C VAL D 37 12.95 39.90 -37.74
N VAL D 38 13.48 40.91 -38.44
CA VAL D 38 13.31 41.28 -39.82
C VAL D 38 12.45 40.32 -40.58
N ALA D 39 13.04 39.70 -41.61
CA ALA D 39 12.38 38.71 -42.40
C ALA D 39 11.83 37.68 -41.47
N PRO D 40 11.01 36.82 -41.99
CA PRO D 40 10.40 36.95 -43.27
C PRO D 40 9.35 38.01 -43.12
N ASP D 41 8.46 38.15 -44.13
CA ASP D 41 7.27 38.91 -43.95
C ASP D 41 6.27 38.00 -43.33
N GLU D 42 6.45 36.67 -43.50
CA GLU D 42 5.59 35.80 -42.78
C GLU D 42 6.06 35.79 -41.37
N THR D 43 5.29 35.13 -40.49
CA THR D 43 5.50 35.15 -39.06
C THR D 43 6.89 34.71 -38.79
N TYR D 44 7.65 35.51 -38.00
CA TYR D 44 9.02 35.16 -37.75
C TYR D 44 9.06 33.80 -37.11
N ILE D 45 8.40 33.60 -35.94
CA ILE D 45 7.46 34.53 -35.37
C ILE D 45 8.13 35.38 -34.36
N THR D 46 7.33 36.26 -33.74
CA THR D 46 7.75 37.58 -33.40
C THR D 46 8.77 37.53 -32.31
N HIS D 47 9.30 38.73 -32.01
CA HIS D 47 10.38 38.89 -31.10
C HIS D 47 9.90 39.80 -30.02
N ALA D 48 10.50 39.67 -28.82
CA ALA D 48 10.60 40.78 -27.94
C ALA D 48 12.00 41.26 -28.17
N PHE D 49 12.32 42.48 -27.72
CA PHE D 49 13.69 42.84 -27.86
C PHE D 49 14.15 43.38 -26.56
N GLY D 50 15.41 43.78 -26.50
CA GLY D 50 15.92 44.55 -25.40
C GLY D 50 15.86 43.76 -24.15
N ASP D 51 15.47 42.47 -24.26
CA ASP D 51 15.31 41.67 -23.10
C ASP D 51 14.40 42.40 -22.18
N SER D 52 13.44 43.11 -22.79
CA SER D 52 12.47 43.85 -22.05
C SER D 52 11.16 43.63 -22.72
N GLU D 53 10.20 44.52 -22.45
CA GLU D 53 8.97 44.50 -23.19
C GLU D 53 8.54 45.91 -23.24
N SER D 54 9.46 46.75 -23.73
CA SER D 54 9.20 48.12 -24.02
C SER D 54 9.49 48.20 -25.48
N ARG D 55 8.92 49.17 -26.17
CA ARG D 55 9.38 49.32 -27.51
C ARG D 55 8.72 50.54 -28.03
N THR D 56 9.34 51.16 -29.05
CA THR D 56 8.88 52.45 -29.42
C THR D 56 7.68 52.32 -30.30
N PHE D 57 6.93 53.42 -30.36
CA PHE D 57 5.50 53.43 -30.31
C PHE D 57 5.05 54.45 -31.29
N ALA D 58 5.79 55.58 -31.34
CA ALA D 58 5.47 56.54 -32.33
C ALA D 58 5.76 55.86 -33.62
N HIS D 59 5.26 56.44 -34.72
CA HIS D 59 5.61 55.83 -35.96
C HIS D 59 6.56 56.76 -36.63
N LYS D 60 7.71 56.21 -37.07
CA LYS D 60 8.70 57.05 -37.65
C LYS D 60 8.18 57.42 -38.99
N MET D 61 8.32 56.47 -39.94
CA MET D 61 7.72 56.57 -41.23
C MET D 61 6.68 55.50 -41.28
N ASN D 62 6.40 54.98 -42.49
CA ASN D 62 5.72 53.73 -42.61
C ASN D 62 6.44 52.81 -41.72
N HIS D 63 7.61 52.34 -42.20
CA HIS D 63 8.40 51.56 -41.31
C HIS D 63 8.75 52.44 -40.18
N PHE D 64 8.72 51.89 -38.97
CA PHE D 64 8.82 52.82 -37.90
C PHE D 64 9.42 52.14 -36.72
N PHE D 65 10.06 52.97 -35.86
CA PHE D 65 10.98 52.51 -34.86
C PHE D 65 10.29 51.53 -33.98
N VAL D 66 11.10 50.75 -33.21
CA VAL D 66 10.72 50.38 -31.88
C VAL D 66 11.98 50.44 -31.10
N LYS D 67 11.90 50.71 -29.78
CA LYS D 67 13.15 50.82 -29.11
C LYS D 67 13.00 50.48 -27.67
N PRO D 68 13.05 49.22 -27.31
CA PRO D 68 13.24 48.83 -25.96
C PRO D 68 14.54 49.41 -25.51
N LYS D 69 14.57 50.04 -24.33
CA LYS D 69 15.82 50.35 -23.70
C LYS D 69 16.07 49.25 -22.72
N GLN D 70 17.24 48.60 -22.78
CA GLN D 70 17.41 47.51 -21.87
C GLN D 70 17.66 48.09 -20.50
N ALA D 71 18.94 48.26 -20.13
CA ALA D 71 19.23 48.71 -18.80
C ALA D 71 19.24 50.21 -18.77
N MET D 72 20.07 50.77 -17.87
CA MET D 72 20.20 52.19 -17.77
C MET D 72 21.25 52.57 -18.77
N SER D 73 22.11 51.59 -19.08
CA SER D 73 23.22 51.76 -19.97
C SER D 73 22.71 52.16 -21.32
N ASP D 74 23.64 52.40 -22.26
CA ASP D 74 23.26 52.83 -23.57
C ASP D 74 22.63 51.66 -24.21
N THR D 75 21.33 51.78 -24.52
CA THR D 75 20.63 50.64 -24.98
C THR D 75 19.73 51.11 -26.05
N ASN D 76 20.34 51.44 -27.20
CA ASN D 76 19.53 51.94 -28.27
C ASN D 76 19.13 50.78 -29.11
N LEU D 77 18.16 50.02 -28.59
CA LEU D 77 17.68 48.90 -29.34
C LEU D 77 16.66 49.45 -30.26
N VAL D 78 16.95 49.42 -31.56
CA VAL D 78 15.96 49.87 -32.49
C VAL D 78 15.58 48.68 -33.29
N ILE D 79 14.29 48.58 -33.61
CA ILE D 79 13.96 47.73 -34.70
C ILE D 79 12.85 48.42 -35.41
N VAL D 80 13.17 49.09 -36.53
CA VAL D 80 12.22 49.94 -37.20
C VAL D 80 11.27 49.09 -37.96
N THR D 81 11.05 47.87 -37.47
CA THR D 81 10.40 46.85 -38.22
C THR D 81 8.98 47.27 -38.35
N ASP D 82 8.59 47.64 -39.58
CA ASP D 82 7.22 47.89 -39.94
C ASP D 82 6.83 46.71 -40.71
N LYS D 83 7.67 46.47 -41.73
CA LYS D 83 7.44 45.63 -42.86
C LYS D 83 7.11 46.52 -44.02
N ARG D 84 7.76 47.69 -44.09
CA ARG D 84 7.84 48.32 -45.38
C ARG D 84 9.22 48.03 -45.85
N THR D 85 9.95 49.11 -46.15
CA THR D 85 11.36 49.03 -46.10
C THR D 85 11.76 49.30 -44.69
N TYR D 86 13.05 49.63 -44.45
CA TYR D 86 13.52 49.35 -43.14
C TYR D 86 14.93 49.85 -43.05
N ASN D 87 15.20 50.83 -42.15
CA ASN D 87 16.55 51.20 -41.80
C ASN D 87 16.64 51.35 -40.31
N ILE D 88 17.70 50.77 -39.69
CA ILE D 88 17.96 50.96 -38.29
C ILE D 88 19.43 50.86 -38.05
N VAL D 89 19.96 51.65 -37.09
CA VAL D 89 21.35 51.46 -36.75
C VAL D 89 21.47 51.21 -35.29
N LEU D 90 21.91 49.99 -34.91
CA LEU D 90 22.10 49.71 -33.52
C LEU D 90 23.52 49.99 -33.18
N HIS D 91 23.77 50.29 -31.89
CA HIS D 91 25.09 50.18 -31.34
C HIS D 91 24.90 49.66 -29.95
N PHE D 92 26.01 49.33 -29.26
CA PHE D 92 25.82 48.91 -27.90
C PHE D 92 27.09 49.05 -27.14
N ILE D 93 26.98 49.66 -25.93
CA ILE D 93 28.06 49.72 -24.99
C ILE D 93 27.43 50.00 -23.67
N GLY D 94 27.10 48.93 -22.92
CA GLY D 94 26.51 49.09 -21.61
C GLY D 94 27.60 48.87 -20.63
N GLU D 95 27.33 48.07 -19.56
CA GLU D 95 28.31 47.80 -18.54
C GLU D 95 29.55 47.40 -19.24
N GLU D 96 30.59 48.25 -19.10
CA GLU D 96 31.64 48.30 -20.07
C GLU D 96 32.26 46.95 -20.15
N THR D 97 32.47 46.32 -18.97
CA THR D 97 32.82 44.95 -18.96
C THR D 97 31.54 44.19 -19.09
N LYS D 98 31.15 43.86 -20.34
CA LYS D 98 29.95 43.09 -20.57
C LYS D 98 30.32 41.89 -21.36
N LYS D 99 29.30 41.21 -21.90
CA LYS D 99 29.49 40.19 -22.90
C LYS D 99 29.40 40.91 -24.20
N ASN D 100 30.57 41.09 -24.85
CA ASN D 100 30.91 42.19 -25.72
C ASN D 100 29.73 42.65 -26.51
N ALA D 101 29.22 43.85 -26.16
CA ALA D 101 28.10 44.42 -26.85
C ALA D 101 28.65 45.49 -27.74
N ASP D 102 29.96 45.75 -27.55
CA ASP D 102 30.63 46.91 -28.06
C ASP D 102 30.35 47.05 -29.51
N GLY D 103 30.72 46.02 -30.30
CA GLY D 103 30.55 46.06 -31.72
C GLY D 103 29.12 46.38 -31.98
N THR D 104 28.87 47.23 -32.99
CA THR D 104 27.52 47.58 -33.28
C THR D 104 27.26 47.28 -34.72
N VAL D 105 25.95 47.18 -35.04
CA VAL D 105 25.45 46.68 -36.30
C VAL D 105 24.70 47.76 -36.98
N SER D 106 24.14 47.41 -38.15
CA SER D 106 23.14 48.19 -38.83
C SER D 106 22.26 47.17 -39.48
N LYS D 107 20.97 47.47 -39.70
CA LYS D 107 20.18 46.49 -40.38
C LYS D 107 19.67 47.08 -41.65
N SER D 108 19.89 46.38 -42.78
CA SER D 108 19.04 46.66 -43.89
C SER D 108 17.99 45.60 -43.90
N PHE D 109 17.01 45.74 -44.82
CA PHE D 109 15.80 44.98 -44.74
C PHE D 109 14.95 45.45 -45.86
N ILE D 110 15.03 44.77 -47.03
CA ILE D 110 13.97 44.90 -47.99
C ILE D 110 13.16 43.66 -47.81
N GLU D 111 11.84 43.76 -48.04
CA GLU D 111 11.03 42.57 -48.06
C GLU D 111 10.92 42.21 -49.49
N THR D 112 10.56 43.22 -50.31
CA THR D 112 10.58 43.20 -51.75
C THR D 112 11.76 42.36 -52.24
N LEU E 1 -3.11 41.96 -37.54
CA LEU E 1 -2.59 40.72 -38.18
C LEU E 1 -3.71 39.95 -38.81
N GLU E 2 -4.20 38.90 -38.12
CA GLU E 2 -5.31 38.14 -38.63
C GLU E 2 -6.53 39.01 -38.52
N VAL E 3 -7.72 38.45 -38.82
CA VAL E 3 -8.95 39.13 -38.56
C VAL E 3 -8.95 39.44 -37.11
N GLY E 4 -9.50 38.53 -36.30
CA GLY E 4 -9.35 38.73 -34.89
C GLY E 4 -7.88 38.64 -34.64
N ARG E 5 -7.31 39.69 -34.00
CA ARG E 5 -5.92 39.59 -33.68
C ARG E 5 -5.80 38.41 -32.80
N ASN E 6 -6.62 38.37 -31.73
CA ASN E 6 -6.65 37.23 -30.87
C ASN E 6 -5.32 37.09 -30.20
N SER E 7 -4.49 38.15 -30.19
CA SER E 7 -3.16 37.90 -29.72
C SER E 7 -2.81 38.89 -28.67
N PRO E 8 -2.35 38.36 -27.58
CA PRO E 8 -1.17 38.91 -26.95
C PRO E 8 -0.12 38.87 -28.02
N TYR E 9 0.64 39.97 -28.24
CA TYR E 9 1.31 40.12 -29.49
C TYR E 9 2.21 38.96 -29.77
N ASP E 10 3.29 38.68 -28.98
CA ASP E 10 3.56 38.98 -27.60
C ASP E 10 3.87 40.43 -27.44
N TYR E 11 4.83 40.95 -28.21
CA TYR E 11 4.89 42.36 -28.37
C TYR E 11 4.97 42.61 -29.83
N ARG E 12 5.22 43.88 -30.23
CA ARG E 12 4.93 44.25 -31.57
C ARG E 12 5.69 43.40 -32.52
N ILE E 13 5.09 43.17 -33.70
CA ILE E 13 5.64 42.25 -34.62
C ILE E 13 5.72 42.89 -35.96
N LYS E 14 5.89 41.97 -36.92
CA LYS E 14 5.57 42.00 -38.31
C LYS E 14 4.14 42.37 -38.42
N SER E 15 3.79 43.58 -37.93
CA SER E 15 2.44 44.05 -38.08
C SER E 15 2.15 44.00 -39.54
N VAL E 16 1.10 43.24 -39.89
CA VAL E 16 0.81 42.98 -41.26
C VAL E 16 0.45 44.30 -41.85
N VAL E 17 1.33 44.88 -42.70
CA VAL E 17 1.06 46.26 -42.96
C VAL E 17 0.08 46.38 -44.05
N TYR E 18 -0.58 47.54 -44.08
CA TYR E 18 -1.90 47.54 -44.61
C TYR E 18 -2.12 48.83 -45.28
N ASN E 19 -3.41 49.09 -45.59
CA ASN E 19 -3.94 50.41 -45.51
C ASN E 19 -4.70 50.40 -44.21
N PRO E 20 -5.12 51.52 -43.70
CA PRO E 20 -5.39 51.60 -42.29
C PRO E 20 -6.61 50.81 -41.89
N VAL E 21 -7.26 50.13 -42.85
CA VAL E 21 -8.49 49.46 -42.58
C VAL E 21 -8.28 48.40 -41.54
N ASN E 22 -8.03 47.15 -41.95
CA ASN E 22 -8.21 46.02 -41.06
C ASN E 22 -7.44 46.20 -39.79
N VAL E 23 -6.09 46.16 -39.88
CA VAL E 23 -5.26 46.31 -38.73
C VAL E 23 -5.48 47.68 -38.16
N VAL E 24 -5.62 47.81 -36.83
CA VAL E 24 -5.63 49.11 -36.21
C VAL E 24 -4.53 49.12 -35.21
N LYS E 25 -4.18 50.31 -34.69
CA LYS E 25 -3.11 50.36 -33.74
C LYS E 25 -3.79 50.31 -32.41
N ILE E 26 -3.76 49.11 -31.80
CA ILE E 26 -4.60 48.83 -30.69
C ILE E 26 -3.87 49.34 -29.50
N ASP E 27 -2.54 49.37 -29.65
CA ASP E 27 -1.57 49.62 -28.63
C ASP E 27 -1.82 50.93 -27.90
N ALA E 28 -1.10 51.08 -26.76
CA ALA E 28 -1.35 51.99 -25.68
C ALA E 28 -1.30 51.11 -24.48
N VAL E 29 -1.62 51.58 -23.25
CA VAL E 29 -1.46 50.64 -22.17
C VAL E 29 -2.48 49.57 -22.36
N ALA E 30 -2.00 48.32 -22.56
CA ALA E 30 -2.88 47.22 -22.84
C ALA E 30 -2.35 46.01 -22.12
N GLY E 31 -2.97 44.84 -22.36
CA GLY E 31 -2.51 43.63 -21.73
C GLY E 31 -3.70 42.84 -21.33
N VAL E 32 -4.69 43.53 -20.72
CA VAL E 32 -5.84 42.91 -20.13
C VAL E 32 -6.64 42.30 -21.25
N ALA E 33 -6.61 40.95 -21.29
CA ALA E 33 -6.90 40.08 -22.40
C ALA E 33 -7.66 40.75 -23.50
N THR E 34 -6.92 41.49 -24.36
CA THR E 34 -7.50 41.99 -25.56
C THR E 34 -7.05 41.09 -26.64
N HIS E 35 -8.00 40.35 -27.24
CA HIS E 35 -7.65 39.56 -28.38
C HIS E 35 -7.27 40.54 -29.44
N ILE E 36 -8.24 40.97 -30.26
CA ILE E 36 -8.04 42.20 -30.98
C ILE E 36 -9.02 43.18 -30.45
N VAL E 37 -8.82 44.49 -30.69
CA VAL E 37 -9.91 45.37 -30.42
C VAL E 37 -10.66 45.43 -31.72
N VAL E 38 -10.67 46.64 -32.32
CA VAL E 38 -11.28 47.05 -33.56
C VAL E 38 -11.93 45.92 -34.30
N ALA E 39 -11.46 45.67 -35.52
CA ALA E 39 -11.91 44.59 -36.32
C ALA E 39 -11.84 43.34 -35.51
N PRO E 40 -12.43 42.30 -36.01
CA PRO E 40 -13.36 42.32 -37.10
C PRO E 40 -14.62 42.90 -36.56
N ASP E 41 -15.72 42.81 -37.33
CA ASP E 41 -17.01 43.08 -36.80
C ASP E 41 -17.47 41.80 -36.17
N GLU E 42 -16.91 40.66 -36.61
CA GLU E 42 -17.23 39.45 -35.90
C GLU E 42 -16.45 39.48 -34.64
N THR E 43 -16.73 38.51 -33.75
CA THR E 43 -16.19 38.46 -32.42
C THR E 43 -14.70 38.53 -32.51
N TYR E 44 -14.09 39.46 -31.75
CA TYR E 44 -12.66 39.61 -31.83
C TYR E 44 -12.01 38.30 -31.46
N ILE E 45 -12.27 37.77 -30.24
CA ILE E 45 -13.29 38.22 -29.35
C ILE E 45 -12.71 39.16 -28.35
N THR E 46 -13.59 39.62 -27.44
CA THR E 46 -13.56 40.96 -26.95
C THR E 46 -12.35 41.18 -26.11
N HIS E 47 -12.18 42.45 -25.70
CA HIS E 47 -11.03 42.91 -25.01
C HIS E 47 -11.52 43.46 -23.70
N ALA E 48 -10.62 43.44 -22.70
CA ALA E 48 -10.68 44.41 -21.66
C ALA E 48 -9.63 45.38 -22.07
N PHE E 49 -9.63 46.60 -21.48
CA PHE E 49 -8.53 47.44 -21.82
C PHE E 49 -7.98 47.97 -20.55
N GLY E 50 -6.94 48.80 -20.67
CA GLY E 50 -6.47 49.59 -19.56
C GLY E 50 -5.96 48.70 -18.49
N ASP E 51 -5.91 47.38 -18.75
CA ASP E 51 -5.51 46.47 -17.74
C ASP E 51 -6.35 46.73 -16.55
N SER E 52 -7.62 47.09 -16.82
CA SER E 52 -8.56 47.34 -15.79
C SER E 52 -9.84 46.73 -16.22
N GLU E 53 -10.95 47.18 -15.62
CA GLU E 53 -12.24 46.79 -16.09
C GLU E 53 -13.12 47.95 -15.81
N SER E 54 -12.67 49.12 -16.31
CA SER E 54 -13.44 50.31 -16.29
C SER E 54 -13.55 50.64 -17.74
N ARG E 55 -14.57 51.40 -18.12
CA ARG E 55 -14.52 51.84 -19.48
C ARG E 55 -15.66 52.78 -19.63
N THR E 56 -15.55 53.68 -20.62
CA THR E 56 -16.48 54.75 -20.66
C THR E 56 -17.74 54.27 -21.30
N PHE E 57 -18.82 55.04 -21.01
CA PHE E 57 -20.10 54.51 -20.69
C PHE E 57 -21.10 55.40 -21.37
N ALA E 58 -20.81 56.70 -21.35
CA ALA E 58 -21.65 57.58 -22.07
C ALA E 58 -21.48 57.19 -23.49
N HIS E 59 -22.40 57.65 -24.35
CA HIS E 59 -22.19 57.34 -25.72
C HIS E 59 -21.79 58.61 -26.38
N LYS E 60 -20.67 58.56 -27.13
CA LYS E 60 -20.19 59.77 -27.74
C LYS E 60 -21.11 60.05 -28.86
N MET E 61 -20.90 59.31 -29.97
CA MET E 61 -21.80 59.32 -31.08
C MET E 61 -22.41 57.95 -31.12
N ASN E 62 -22.78 57.49 -32.32
CA ASN E 62 -23.02 56.11 -32.54
C ASN E 62 -21.83 55.41 -31.99
N HIS E 63 -20.73 55.46 -32.76
CA HIS E 63 -19.53 54.93 -32.19
C HIS E 63 -19.23 55.76 -31.01
N PHE E 64 -18.77 55.12 -29.94
CA PHE E 64 -18.74 55.91 -28.76
C PHE E 64 -17.67 55.39 -27.86
N PHE E 65 -17.16 56.30 -27.00
CA PHE E 65 -15.92 56.11 -26.30
C PHE E 65 -16.01 54.85 -25.50
N VAL E 66 -14.83 54.36 -25.05
CA VAL E 66 -14.72 53.74 -23.76
C VAL E 66 -13.40 54.18 -23.23
N LYS E 67 -13.23 54.27 -21.90
CA LYS E 67 -11.97 54.76 -21.48
C LYS E 67 -11.65 54.24 -20.12
N PRO E 68 -11.10 53.06 -20.01
CA PRO E 68 -10.46 52.63 -18.81
C PRO E 68 -9.36 53.60 -18.53
N LYS E 69 -9.26 54.08 -17.28
CA LYS E 69 -8.06 54.75 -16.86
C LYS E 69 -7.24 53.72 -16.15
N GLN E 70 -5.97 53.56 -16.56
CA GLN E 70 -5.23 52.52 -15.91
C GLN E 70 -4.86 53.01 -14.54
N ALA E 71 -3.66 53.60 -14.40
CA ALA E 71 -3.21 53.99 -13.09
C ALA E 71 -3.70 55.37 -12.79
N MET E 72 -2.92 56.10 -11.98
CA MET E 72 -3.24 57.47 -11.66
C MET E 72 -2.65 58.29 -12.75
N SER E 73 -1.61 57.73 -13.40
CA SER E 73 -0.88 58.38 -14.44
C SER E 73 -1.81 58.69 -15.56
N ASP E 74 -1.27 59.35 -16.61
CA ASP E 74 -2.08 59.74 -17.73
C ASP E 74 -2.42 58.50 -18.44
N THR E 75 -3.72 58.16 -18.46
CA THR E 75 -4.08 56.89 -18.97
C THR E 75 -5.33 57.11 -19.74
N ASN E 76 -5.17 57.75 -20.91
CA ASN E 76 -6.33 58.03 -21.71
C ASN E 76 -6.52 56.90 -22.64
N LEU E 77 -7.02 55.78 -22.09
CA LEU E 77 -7.27 54.65 -22.92
C LEU E 77 -8.60 54.87 -23.51
N VAL E 78 -8.65 55.08 -24.83
CA VAL E 78 -9.92 55.23 -25.45
C VAL E 78 -10.08 54.08 -26.36
N ILE E 79 -11.30 53.54 -26.44
CA ILE E 79 -11.58 52.75 -27.58
C ILE E 79 -13.00 53.06 -27.92
N VAL E 80 -13.19 53.91 -28.95
CA VAL E 80 -14.51 54.42 -29.26
C VAL E 80 -15.28 53.35 -29.96
N THR E 81 -14.95 52.10 -29.67
CA THR E 81 -15.40 50.99 -30.44
C THR E 81 -16.86 50.86 -30.22
N ASP E 82 -17.64 51.20 -31.27
CA ASP E 82 -19.05 50.97 -31.31
C ASP E 82 -19.21 49.81 -32.18
N LYS E 83 -18.61 50.00 -33.38
CA LYS E 83 -18.83 49.24 -34.56
C LYS E 83 -19.69 50.06 -35.46
N ARG E 84 -19.52 51.39 -35.45
CA ARG E 84 -19.96 52.13 -36.59
C ARG E 84 -18.72 52.41 -37.36
N THR E 85 -18.49 53.71 -37.60
CA THR E 85 -17.16 54.15 -37.85
C THR E 85 -16.56 54.41 -36.51
N TYR E 86 -15.43 55.15 -36.47
CA TYR E 86 -14.58 54.93 -35.35
C TYR E 86 -13.44 55.89 -35.44
N ASN E 87 -13.30 56.81 -34.45
CA ASN E 87 -12.12 57.62 -34.31
C ASN E 87 -11.71 57.64 -32.86
N ILE E 88 -10.40 57.42 -32.57
CA ILE E 88 -9.89 57.55 -31.23
C ILE E 88 -8.46 57.97 -31.31
N VAL E 89 -8.00 58.80 -30.34
CA VAL E 89 -6.59 59.10 -30.31
C VAL E 89 -6.04 58.76 -28.97
N LEU E 90 -5.14 57.76 -28.92
CA LEU E 90 -4.53 57.42 -27.66
C LEU E 90 -3.25 58.16 -27.55
N HIS E 91 -2.81 58.41 -26.31
CA HIS E 91 -1.44 58.73 -26.05
C HIS E 91 -1.09 58.04 -24.77
N PHE E 92 0.20 58.07 -24.37
CA PHE E 92 0.50 57.47 -23.10
C PHE E 92 1.79 57.99 -22.59
N ILE E 93 1.80 58.40 -21.30
CA ILE E 93 2.99 58.75 -20.59
C ILE E 93 2.64 58.65 -19.14
N GLY E 94 2.88 57.46 -18.54
CA GLY E 94 2.61 57.26 -17.14
C GLY E 94 3.91 57.36 -16.44
N GLU E 95 4.19 56.42 -15.51
CA GLU E 95 5.41 56.42 -14.75
C GLU E 95 6.52 56.57 -15.75
N GLU E 96 7.21 57.73 -15.65
CA GLU E 96 7.91 58.25 -16.79
C GLU E 96 8.92 57.23 -17.22
N THR E 97 9.59 56.61 -16.24
CA THR E 97 10.37 55.46 -16.55
C THR E 97 9.42 54.30 -16.56
N LYS E 98 8.87 53.98 -17.75
CA LYS E 98 7.98 52.85 -17.87
C LYS E 98 8.54 51.95 -18.93
N LYS E 99 7.68 51.01 -19.38
CA LYS E 99 7.96 50.23 -20.56
C LYS E 99 7.32 51.00 -21.67
N ASN E 100 8.17 51.65 -22.49
CA ASN E 100 7.89 52.89 -23.19
C ASN E 100 6.47 52.97 -23.64
N ALA E 101 5.69 53.86 -22.99
CA ALA E 101 4.32 54.04 -23.34
C ALA E 101 4.25 55.32 -24.11
N ASP E 102 5.40 56.02 -24.14
CA ASP E 102 5.51 57.39 -24.55
C ASP E 102 4.85 57.57 -25.87
N GLY E 103 5.33 56.82 -26.88
CA GLY E 103 4.82 56.94 -28.21
C GLY E 103 3.34 56.74 -28.13
N THR E 104 2.59 57.54 -28.91
CA THR E 104 1.18 57.40 -28.86
C THR E 104 0.68 57.17 -30.25
N VAL E 105 -0.55 56.64 -30.33
CA VAL E 105 -1.15 56.11 -31.53
C VAL E 105 -2.37 56.91 -31.84
N SER E 106 -3.04 56.50 -32.94
CA SER E 106 -4.37 56.92 -33.26
C SER E 106 -4.99 55.73 -33.90
N LYS E 107 -6.34 55.56 -33.80
CA LYS E 107 -6.89 54.42 -34.49
C LYS E 107 -7.86 54.92 -35.51
N SER E 108 -7.70 54.46 -36.77
CA SER E 108 -8.84 54.52 -37.62
C SER E 108 -9.46 53.16 -37.62
N PHE E 109 -10.61 53.02 -38.29
CA PHE E 109 -11.44 51.87 -38.12
C PHE E 109 -12.65 52.11 -38.95
N ILE E 110 -12.64 51.63 -40.21
CA ILE E 110 -13.88 51.46 -40.90
C ILE E 110 -14.17 50.00 -40.81
N GLU E 111 -15.45 49.63 -40.75
CA GLU E 111 -15.81 48.24 -40.83
C GLU E 111 -16.14 48.01 -42.26
N THR E 112 -17.00 48.89 -42.79
CA THR E 112 -17.32 49.04 -44.19
C THR E 112 -16.10 48.73 -45.04
N LEU F 1 -25.91 41.48 -28.06
CA LEU F 1 -25.19 40.59 -29.00
C LEU F 1 -26.11 39.52 -29.53
N GLU F 2 -26.03 38.30 -28.95
CA GLU F 2 -26.92 37.25 -29.37
C GLU F 2 -28.29 37.60 -28.88
N VAL F 3 -29.27 36.68 -29.03
CA VAL F 3 -30.55 36.83 -28.42
C VAL F 3 -30.31 36.99 -26.97
N GLY F 4 -30.31 35.85 -26.24
CA GLY F 4 -29.89 35.94 -24.87
C GLY F 4 -28.46 36.38 -24.93
N ARG F 5 -28.13 37.50 -24.25
CA ARG F 5 -26.76 37.89 -24.22
C ARG F 5 -26.03 36.74 -23.60
N ASN F 6 -26.51 36.30 -22.42
CA ASN F 6 -25.94 35.14 -21.80
C ASN F 6 -24.53 35.43 -21.42
N SER F 7 -24.12 36.72 -21.39
CA SER F 7 -22.71 36.92 -21.23
C SER F 7 -22.47 37.86 -20.11
N PRO F 8 -21.59 37.43 -19.25
CA PRO F 8 -20.55 38.31 -18.77
C PRO F 8 -19.84 38.75 -20.01
N TYR F 9 -19.58 40.07 -20.17
CA TYR F 9 -19.30 40.58 -21.49
C TYR F 9 -18.17 39.86 -22.14
N ASP F 10 -16.91 39.91 -21.63
CA ASP F 10 -16.42 40.16 -20.30
C ASP F 10 -16.58 41.59 -19.94
N TYR F 11 -16.06 42.49 -20.78
CA TYR F 11 -16.51 43.85 -20.68
C TYR F 11 -16.88 44.26 -22.07
N ARG F 12 -17.18 45.55 -22.27
CA ARG F 12 -17.90 45.93 -23.44
C ARG F 12 -17.15 45.52 -24.67
N ILE F 13 -17.91 45.20 -25.72
CA ILE F 13 -17.33 44.64 -26.88
C ILE F 13 -17.80 45.39 -28.07
N LYS F 14 -17.57 44.71 -29.20
CA LYS F 14 -18.21 44.75 -30.47
C LYS F 14 -19.67 44.59 -30.23
N SER F 15 -20.27 45.53 -29.47
CA SER F 15 -21.69 45.50 -29.28
C SER F 15 -22.29 45.48 -30.64
N VAL F 16 -23.08 44.43 -30.91
CA VAL F 16 -23.60 44.22 -32.21
C VAL F 16 -24.50 45.38 -32.49
N VAL F 17 -24.11 46.32 -33.37
CA VAL F 17 -24.87 47.52 -33.31
C VAL F 17 -26.07 47.38 -34.16
N TYR F 18 -27.06 48.22 -33.85
CA TYR F 18 -28.38 47.79 -34.11
C TYR F 18 -29.19 48.98 -34.48
N ASN F 19 -30.52 48.78 -34.48
CA ASN F 19 -31.42 49.80 -34.06
C ASN F 19 -31.80 49.38 -32.66
N PRO F 20 -32.42 50.22 -31.89
CA PRO F 20 -32.35 50.04 -30.46
C PRO F 20 -33.10 48.83 -29.98
N VAL F 21 -33.71 48.07 -30.91
CA VAL F 21 -34.53 46.97 -30.53
C VAL F 21 -33.74 45.96 -29.75
N ASN F 22 -33.19 44.93 -30.42
CA ASN F 22 -32.77 43.73 -29.74
C ASN F 22 -31.81 44.06 -28.63
N VAL F 23 -30.59 44.52 -28.99
CA VAL F 23 -29.61 44.85 -28.01
C VAL F 23 -30.13 45.98 -27.17
N VAL F 24 -29.97 45.91 -25.83
CA VAL F 24 -30.26 47.06 -25.00
C VAL F 24 -29.01 47.37 -24.25
N LYS F 25 -28.96 48.54 -23.60
CA LYS F 25 -27.78 48.88 -22.88
C LYS F 25 -28.05 48.45 -21.48
N ILE F 26 -27.48 47.29 -21.11
CA ILE F 26 -27.88 46.61 -19.92
C ILE F 26 -27.09 47.23 -18.82
N ASP F 27 -25.92 47.76 -19.23
CA ASP F 27 -24.88 48.25 -18.38
C ASP F 27 -25.36 49.29 -17.39
N ALA F 28 -24.48 49.58 -16.41
CA ALA F 28 -24.74 50.23 -15.15
C ALA F 28 -24.11 49.30 -14.16
N VAL F 29 -24.26 49.50 -12.83
CA VAL F 29 -23.53 48.58 -11.99
C VAL F 29 -24.15 47.24 -12.17
N ALA F 30 -23.35 46.27 -12.68
CA ALA F 30 -23.86 44.97 -12.98
C ALA F 30 -22.81 43.98 -12.60
N GLY F 31 -23.03 42.69 -12.92
CA GLY F 31 -22.05 41.68 -12.63
C GLY F 31 -22.78 40.46 -12.15
N VAL F 32 -23.77 40.68 -11.26
CA VAL F 32 -24.46 39.62 -10.57
C VAL F 32 -25.27 38.88 -11.60
N ALA F 33 -24.80 37.65 -11.89
CA ALA F 33 -25.05 36.84 -13.06
C ALA F 33 -26.23 37.30 -13.85
N THR F 34 -26.01 38.34 -14.69
CA THR F 34 -27.01 38.71 -15.65
C THR F 34 -26.55 38.15 -16.94
N HIS F 35 -27.31 37.18 -17.47
CA HIS F 35 -27.01 36.69 -18.78
C HIS F 35 -27.26 37.84 -19.69
N ILE F 36 -28.48 37.98 -20.22
CA ILE F 36 -28.88 39.25 -20.74
C ILE F 36 -29.97 39.75 -19.85
N VAL F 37 -30.28 41.06 -19.89
CA VAL F 37 -31.50 41.46 -19.26
C VAL F 37 -32.52 41.37 -20.36
N VAL F 38 -33.08 42.54 -20.72
CA VAL F 38 -34.09 42.83 -21.72
C VAL F 38 -34.48 41.62 -22.51
N ALA F 39 -34.26 41.68 -23.83
CA ALA F 39 -34.51 40.59 -24.71
C ALA F 39 -33.84 39.39 -24.16
N PRO F 40 -34.14 38.25 -24.72
CA PRO F 40 -35.26 38.05 -25.59
C PRO F 40 -36.48 38.07 -24.72
N ASP F 41 -37.63 37.67 -25.27
CA ASP F 41 -38.78 37.38 -24.46
C ASP F 41 -38.61 35.97 -23.99
N GLU F 42 -37.84 35.17 -24.73
CA GLU F 42 -37.55 33.86 -24.21
C GLU F 42 -36.54 34.04 -23.13
N THR F 43 -36.25 32.95 -22.39
CA THR F 43 -35.42 32.97 -21.22
C THR F 43 -34.12 33.59 -21.58
N TYR F 44 -33.68 34.60 -20.80
CA TYR F 44 -32.44 35.26 -21.13
C TYR F 44 -31.34 34.25 -21.14
N ILE F 45 -31.09 33.54 -20.00
CA ILE F 45 -31.95 33.50 -18.86
C ILE F 45 -31.49 34.47 -17.84
N THR F 46 -32.22 34.49 -16.71
CA THR F 46 -32.52 35.69 -16.00
C THR F 46 -31.29 36.25 -15.39
N HIS F 47 -31.46 37.45 -14.80
CA HIS F 47 -30.39 38.22 -14.27
C HIS F 47 -30.69 38.43 -12.82
N ALA F 48 -29.63 38.63 -12.02
CA ALA F 48 -29.75 39.41 -10.84
C ALA F 48 -29.21 40.74 -11.26
N PHE F 49 -29.48 41.81 -10.48
CA PHE F 49 -28.84 43.01 -10.86
C PHE F 49 -28.20 43.58 -9.65
N GLY F 50 -27.55 44.74 -9.82
CA GLY F 50 -27.11 45.52 -8.70
C GLY F 50 -26.09 44.78 -7.92
N ASP F 51 -25.68 43.61 -8.42
CA ASP F 51 -24.75 42.80 -7.69
C ASP F 51 -25.32 42.62 -6.33
N SER F 52 -26.66 42.53 -6.29
CA SER F 52 -27.35 42.31 -5.06
C SER F 52 -28.43 41.32 -5.33
N GLU F 53 -29.44 41.27 -4.46
CA GLU F 53 -30.59 40.49 -4.74
C GLU F 53 -31.71 41.22 -4.09
N SER F 54 -31.81 42.51 -4.45
CA SER F 54 -32.91 43.34 -4.07
C SER F 54 -33.47 43.73 -5.38
N ARG F 55 -34.75 44.11 -5.41
CA ARG F 55 -35.18 44.67 -6.65
C ARG F 55 -36.56 45.15 -6.41
N THR F 56 -37.00 46.12 -7.23
CA THR F 56 -38.21 46.77 -6.89
C THR F 56 -39.36 45.94 -7.35
N PHE F 57 -40.52 46.22 -6.73
CA PHE F 57 -41.44 45.24 -6.26
C PHE F 57 -42.80 45.76 -6.57
N ALA F 58 -42.98 47.08 -6.37
CA ALA F 58 -44.21 47.66 -6.74
C ALA F 58 -44.27 47.50 -8.22
N HIS F 59 -45.47 47.68 -8.79
CA HIS F 59 -45.51 47.61 -10.21
C HIS F 59 -45.72 49.00 -10.70
N LYS F 60 -44.88 49.44 -11.64
CA LYS F 60 -44.98 50.78 -12.10
C LYS F 60 -46.20 50.82 -12.96
N MET F 61 -46.03 50.33 -14.20
CA MET F 61 -47.13 50.11 -15.09
C MET F 61 -47.23 48.63 -15.26
N ASN F 62 -47.72 48.20 -16.43
CA ASN F 62 -47.52 46.84 -16.84
C ASN F 62 -46.08 46.58 -16.66
N HIS F 63 -45.28 47.10 -17.61
CA HIS F 63 -43.87 46.98 -17.39
C HIS F 63 -43.59 47.75 -16.17
N PHE F 64 -42.69 47.21 -15.33
CA PHE F 64 -42.63 47.84 -14.06
C PHE F 64 -41.27 47.66 -13.50
N PHE F 65 -40.89 48.59 -12.60
CA PHE F 65 -39.54 48.80 -12.19
C PHE F 65 -39.00 47.53 -11.63
N VAL F 66 -37.65 47.46 -11.52
CA VAL F 66 -37.03 46.80 -10.40
C VAL F 66 -35.85 47.62 -10.07
N LYS F 67 -35.41 47.63 -8.80
CA LYS F 67 -34.31 48.50 -8.55
C LYS F 67 -33.52 48.01 -7.40
N PRO F 68 -32.59 47.10 -7.61
CA PRO F 68 -31.58 46.82 -6.66
C PRO F 68 -30.82 48.09 -6.42
N LYS F 69 -30.58 48.44 -5.15
CA LYS F 69 -29.61 49.46 -4.85
C LYS F 69 -28.36 48.74 -4.52
N GLN F 70 -27.24 49.08 -5.19
CA GLN F 70 -26.06 48.32 -4.88
C GLN F 70 -25.55 48.78 -3.55
N ALA F 71 -24.62 49.75 -3.54
CA ALA F 71 -24.03 50.14 -2.29
C ALA F 71 -24.85 51.21 -1.66
N MET F 72 -24.18 52.10 -0.90
CA MET F 72 -24.84 53.21 -0.28
C MET F 72 -24.85 54.30 -1.30
N SER F 73 -23.88 54.21 -2.23
CA SER F 73 -23.67 55.19 -3.26
C SER F 73 -24.90 55.26 -4.11
N ASP F 74 -24.89 56.17 -5.10
CA ASP F 74 -26.03 56.34 -5.95
C ASP F 74 -26.09 55.14 -6.80
N THR F 75 -27.18 54.36 -6.62
CA THR F 75 -27.22 53.10 -7.27
C THR F 75 -28.62 52.93 -7.74
N ASN F 76 -28.96 53.70 -8.78
CA ASN F 76 -30.31 53.61 -9.27
C ASN F 76 -30.34 52.58 -10.34
N LEU F 77 -30.28 51.32 -9.92
CA LEU F 77 -30.35 50.26 -10.87
C LEU F 77 -31.77 50.04 -11.14
N VAL F 78 -32.21 50.35 -12.37
CA VAL F 78 -33.57 50.09 -12.70
C VAL F 78 -33.55 49.06 -13.75
N ILE F 79 -34.50 48.12 -13.69
CA ILE F 79 -34.78 47.40 -14.87
C ILE F 79 -36.26 47.20 -14.88
N VAL F 80 -36.97 48.01 -15.68
CA VAL F 80 -38.41 48.05 -15.63
C VAL F 80 -38.93 46.85 -16.35
N THR F 81 -38.15 45.77 -16.35
CA THR F 81 -38.37 44.67 -17.22
C THR F 81 -39.61 44.00 -16.74
N ASP F 82 -40.69 44.12 -17.53
CA ASP F 82 -41.91 43.40 -17.34
C ASP F 82 -41.88 42.36 -18.37
N LYS F 83 -41.69 42.87 -19.60
CA LYS F 83 -41.93 42.22 -20.85
C LYS F 83 -43.20 42.74 -21.40
N ARG F 84 -43.48 44.04 -21.18
CA ARG F 84 -44.40 44.68 -22.06
C ARG F 84 -43.56 45.46 -22.99
N THR F 85 -43.84 46.77 -23.03
CA THR F 85 -42.84 47.68 -23.44
C THR F 85 -42.05 48.01 -22.22
N TYR F 86 -41.25 49.11 -22.27
CA TYR F 86 -40.13 49.10 -21.39
C TYR F 86 -39.43 50.42 -21.53
N ASN F 87 -39.37 51.22 -20.44
CA ASN F 87 -38.52 52.38 -20.39
C ASN F 87 -37.81 52.40 -19.06
N ILE F 88 -36.47 52.65 -19.07
CA ILE F 88 -35.72 52.83 -17.86
C ILE F 88 -34.57 53.74 -18.14
N VAL F 89 -34.20 54.58 -17.14
CA VAL F 89 -33.00 55.36 -17.33
C VAL F 89 -32.06 55.12 -16.21
N LEU F 90 -30.89 54.52 -16.51
CA LEU F 90 -29.92 54.29 -15.48
C LEU F 90 -28.96 55.45 -15.49
N HIS F 91 -28.34 55.70 -14.32
CA HIS F 91 -27.14 56.47 -14.28
C HIS F 91 -26.28 55.83 -13.24
N PHE F 92 -25.03 56.29 -13.10
CA PHE F 92 -24.24 55.72 -12.04
C PHE F 92 -23.11 56.61 -11.70
N ILE F 93 -22.93 56.86 -10.38
CA ILE F 93 -21.79 57.55 -9.86
C ILE F 93 -21.71 57.19 -8.42
N GLY F 94 -20.96 56.12 -8.10
CA GLY F 94 -20.79 55.69 -6.73
C GLY F 94 -19.47 56.19 -6.30
N GLU F 95 -18.67 55.32 -5.62
CA GLU F 95 -17.37 55.70 -5.13
C GLU F 95 -16.66 56.34 -6.27
N GLU F 96 -16.39 57.65 -6.11
CA GLU F 96 -16.20 58.50 -7.24
C GLU F 96 -15.05 57.96 -8.04
N THR F 97 -13.99 57.54 -7.34
CA THR F 97 -12.97 56.78 -7.99
C THR F 97 -13.46 55.37 -8.02
N LYS F 98 -14.15 54.99 -9.12
CA LYS F 98 -14.61 53.63 -9.27
C LYS F 98 -14.07 53.11 -10.56
N LYS F 99 -14.64 51.97 -11.00
CA LYS F 99 -14.42 51.47 -12.33
C LYS F 99 -15.53 52.05 -13.14
N ASN F 100 -15.18 53.05 -13.97
CA ASN F 100 -16.00 54.17 -14.38
C ASN F 100 -17.44 53.77 -14.53
N ALA F 101 -18.28 54.24 -13.59
CA ALA F 101 -19.69 53.95 -13.63
C ALA F 101 -20.35 55.19 -14.12
N ASP F 102 -19.55 56.26 -14.25
CA ASP F 102 -20.01 57.60 -14.42
C ASP F 102 -20.99 57.66 -15.54
N GLY F 103 -20.55 57.25 -16.74
CA GLY F 103 -21.38 57.31 -17.90
C GLY F 103 -22.64 56.57 -17.57
N THR F 104 -23.77 57.12 -18.03
CA THR F 104 -25.01 56.47 -17.74
C THR F 104 -25.73 56.22 -19.02
N VAL F 105 -26.69 55.28 -18.96
CA VAL F 105 -27.36 54.69 -20.09
C VAL F 105 -28.81 55.03 -20.02
N SER F 106 -29.55 54.51 -21.02
CA SER F 106 -30.98 54.45 -20.99
C SER F 106 -31.31 53.18 -21.70
N LYS F 107 -32.45 52.53 -21.39
CA LYS F 107 -32.75 51.34 -22.14
C LYS F 107 -34.05 51.55 -22.85
N SER F 108 -34.06 51.30 -24.17
CA SER F 108 -35.33 51.04 -24.77
C SER F 108 -35.44 49.55 -24.89
N PHE F 109 -36.61 49.07 -25.34
CA PHE F 109 -36.94 47.68 -25.22
C PHE F 109 -38.32 47.55 -25.75
N ILE F 110 -38.47 47.24 -27.06
CA ILE F 110 -39.70 46.69 -27.51
C ILE F 110 -39.46 45.22 -27.62
N GLU F 111 -40.50 44.41 -27.39
CA GLU F 111 -40.37 43.01 -27.65
C GLU F 111 -40.95 42.81 -29.00
N THR F 112 -42.15 43.37 -29.19
CA THR F 112 -42.83 43.52 -30.45
C THR F 112 -41.83 43.78 -31.57
N LEU G 1 -44.22 31.80 -14.60
CA LEU G 1 -43.50 31.34 -15.81
C LEU G 1 -44.12 30.06 -16.33
N GLU G 2 -43.50 28.90 -16.01
CA GLU G 2 -44.05 27.64 -16.43
C GLU G 2 -45.31 27.42 -15.62
N VAL G 3 -45.92 26.23 -15.75
CA VAL G 3 -46.99 25.84 -14.89
C VAL G 3 -46.46 25.92 -13.50
N GLY G 4 -45.92 24.80 -13.00
CA GLY G 4 -45.23 24.91 -11.75
C GLY G 4 -44.08 25.83 -12.00
N ARG G 5 -43.98 26.92 -11.21
CA ARG G 5 -42.86 27.78 -11.38
C ARG G 5 -41.67 26.92 -11.12
N ASN G 6 -41.66 26.21 -9.97
CA ASN G 6 -40.62 25.29 -9.69
C ASN G 6 -39.34 26.04 -9.55
N SER G 7 -39.37 27.37 -9.36
CA SER G 7 -38.12 28.06 -9.45
C SER G 7 -37.93 28.90 -8.25
N PRO G 8 -36.79 28.74 -7.66
CA PRO G 8 -36.02 29.88 -7.23
C PRO G 8 -35.81 30.68 -8.50
N TYR G 9 -36.05 32.00 -8.46
CA TYR G 9 -36.29 32.71 -9.69
C TYR G 9 -35.18 32.52 -10.67
N ASP G 10 -33.93 32.97 -10.41
CA ASP G 10 -33.24 33.24 -9.18
C ASP G 10 -33.77 34.49 -8.55
N TYR G 11 -33.80 35.60 -9.29
CA TYR G 11 -34.63 36.67 -8.87
C TYR G 11 -35.45 37.05 -10.06
N ARG G 12 -36.20 38.17 -9.96
CA ARG G 12 -37.27 38.37 -10.88
C ARG G 12 -36.75 38.38 -12.29
N ILE G 13 -37.59 37.92 -13.22
CA ILE G 13 -37.16 37.72 -14.55
C ILE G 13 -38.12 38.38 -15.48
N LYS G 14 -37.97 37.93 -16.73
CA LYS G 14 -38.87 37.86 -17.82
C LYS G 14 -40.09 37.17 -17.34
N SER G 15 -40.76 37.74 -16.32
CA SER G 15 -41.99 37.18 -15.87
C SER G 15 -42.87 37.08 -17.06
N VAL G 16 -43.31 35.84 -17.36
CA VAL G 16 -44.03 35.60 -18.56
C VAL G 16 -45.30 36.36 -18.44
N VAL G 17 -45.47 37.46 -19.19
CA VAL G 17 -46.55 38.28 -18.78
C VAL G 17 -47.81 37.81 -19.39
N TYR G 18 -48.92 38.20 -18.75
CA TYR G 18 -50.04 37.35 -18.82
C TYR G 18 -51.26 38.19 -18.81
N ASN G 19 -52.41 37.52 -18.59
CA ASN G 19 -53.46 38.09 -17.82
C ASN G 19 -53.33 37.44 -16.48
N PRO G 20 -53.98 37.90 -15.46
CA PRO G 20 -53.51 37.62 -14.13
C PRO G 20 -53.68 36.19 -13.74
N VAL G 21 -54.20 35.35 -14.65
CA VAL G 21 -54.50 34.00 -14.33
C VAL G 21 -53.26 33.28 -13.91
N ASN G 22 -52.58 32.58 -14.84
CA ASN G 22 -51.62 31.56 -14.49
C ASN G 22 -50.60 32.09 -13.54
N VAL G 23 -49.72 33.00 -14.03
CA VAL G 23 -48.69 33.56 -13.22
C VAL G 23 -49.34 34.34 -12.11
N VAL G 24 -48.84 34.20 -10.87
CA VAL G 24 -49.29 35.08 -9.80
C VAL G 24 -48.06 35.74 -9.27
N LYS G 25 -48.24 36.78 -8.43
CA LYS G 25 -47.11 37.45 -7.91
C LYS G 25 -46.87 36.82 -6.58
N ILE G 26 -45.87 35.92 -6.55
CA ILE G 26 -45.72 35.02 -5.45
C ILE G 26 -44.95 35.78 -4.43
N ASP G 27 -44.16 36.73 -4.94
CA ASP G 27 -43.15 37.48 -4.24
C ASP G 27 -43.69 38.17 -3.01
N ALA G 28 -42.75 38.66 -2.18
CA ALA G 28 -42.89 39.04 -0.80
C ALA G 28 -41.78 38.31 -0.13
N VAL G 29 -41.65 38.31 1.22
CA VAL G 29 -40.48 37.64 1.72
C VAL G 29 -40.64 36.18 1.43
N ALA G 30 -39.72 35.63 0.61
CA ALA G 30 -39.82 34.27 0.18
C ALA G 30 -38.43 33.69 0.16
N GLY G 31 -38.30 32.45 -0.34
CA GLY G 31 -37.00 31.84 -0.42
C GLY G 31 -37.14 30.40 -0.03
N VAL G 32 -37.89 30.16 1.05
CA VAL G 32 -38.01 28.86 1.66
C VAL G 32 -38.75 27.98 0.69
N ALA G 33 -37.98 27.03 0.10
CA ALA G 33 -38.23 26.31 -1.13
C ALA G 33 -39.65 26.39 -1.58
N THR G 34 -40.01 27.51 -2.24
CA THR G 34 -41.26 27.60 -2.92
C THR G 34 -40.98 27.37 -4.35
N HIS G 35 -41.49 26.25 -4.88
CA HIS G 35 -41.37 26.03 -6.29
C HIS G 35 -42.19 27.10 -6.92
N ILE G 36 -43.49 26.83 -7.17
CA ILE G 36 -44.40 27.92 -7.36
C ILE G 36 -45.34 27.89 -6.21
N VAL G 37 -46.07 29.00 -5.95
CA VAL G 37 -47.16 28.86 -5.04
C VAL G 37 -48.32 28.52 -5.91
N VAL G 38 -49.31 29.44 -5.94
CA VAL G 38 -50.56 29.44 -6.66
C VAL G 38 -50.72 28.25 -7.56
N ALA G 39 -50.86 28.53 -8.86
CA ALA G 39 -50.94 27.51 -9.87
C ALA G 39 -49.79 26.58 -9.68
N PRO G 40 -49.83 25.48 -10.37
CA PRO G 40 -51.00 24.97 -11.03
C PRO G 40 -51.90 24.46 -9.94
N ASP G 41 -52.96 23.72 -10.32
CA ASP G 41 -53.71 22.97 -9.37
C ASP G 41 -52.97 21.67 -9.20
N GLU G 42 -52.17 21.27 -10.21
CA GLU G 42 -51.36 20.12 -10.00
C GLU G 42 -50.23 20.55 -9.12
N THR G 43 -49.43 19.57 -8.67
CA THR G 43 -48.39 19.77 -7.69
C THR G 43 -47.50 20.85 -8.18
N TYR G 44 -47.23 21.87 -7.33
CA TYR G 44 -46.41 22.97 -7.77
C TYR G 44 -45.07 22.44 -8.17
N ILE G 45 -44.34 21.76 -7.25
CA ILE G 45 -44.83 21.28 -5.99
C ILE G 45 -44.49 22.25 -4.92
N THR G 46 -44.88 21.90 -3.69
CA THR G 46 -45.38 22.84 -2.73
C THR G 46 -44.29 23.74 -2.28
N HIS G 47 -44.69 24.72 -1.46
CA HIS G 47 -43.85 25.77 -1.01
C HIS G 47 -43.84 25.72 0.48
N ALA G 48 -42.74 26.21 1.07
CA ALA G 48 -42.83 26.76 2.38
C ALA G 48 -42.87 28.23 2.12
N PHE G 49 -43.28 29.05 3.11
CA PHE G 49 -43.19 30.44 2.84
C PHE G 49 -42.50 31.07 3.98
N GLY G 50 -42.33 32.39 3.91
CA GLY G 50 -41.92 33.17 5.04
C GLY G 50 -40.55 32.78 5.46
N ASP G 51 -39.91 31.89 4.68
CA ASP G 51 -38.62 31.41 5.07
C ASP G 51 -38.75 30.89 6.46
N SER G 52 -39.93 30.32 6.74
CA SER G 52 -40.19 29.75 8.02
C SER G 52 -40.90 28.46 7.78
N GLU G 53 -41.60 27.97 8.81
CA GLU G 53 -42.46 26.85 8.62
C GLU G 53 -43.56 27.05 9.60
N SER G 54 -44.16 28.24 9.51
CA SER G 54 -45.35 28.57 10.23
C SER G 54 -46.31 28.87 9.15
N ARG G 55 -47.60 28.76 9.43
CA ARG G 55 -48.49 29.25 8.41
C ARG G 55 -49.85 29.16 9.00
N THR G 56 -50.77 29.98 8.47
CA THR G 56 -52.01 30.12 9.15
C THR G 56 -52.89 28.96 8.79
N PHE G 57 -53.89 28.74 9.66
CA PHE G 57 -54.29 27.45 10.11
C PHE G 57 -55.78 27.48 10.16
N ALA G 58 -56.32 28.61 10.63
CA ALA G 58 -57.74 28.73 10.62
C ALA G 58 -58.10 28.71 9.18
N HIS G 59 -59.39 28.50 8.89
CA HIS G 59 -59.76 28.56 7.52
C HIS G 59 -60.52 29.82 7.33
N LYS G 60 -60.13 30.63 6.34
CA LYS G 60 -60.78 31.88 6.16
C LYS G 60 -62.10 31.56 5.57
N MET G 61 -62.09 31.29 4.26
CA MET G 61 -63.25 30.78 3.56
C MET G 61 -62.89 29.39 3.16
N ASN G 62 -63.47 28.93 2.04
CA ASN G 62 -62.95 27.77 1.37
C ASN G 62 -61.50 28.05 1.21
N HIS G 63 -61.18 28.92 0.24
CA HIS G 63 -59.81 29.29 0.16
C HIS G 63 -59.49 29.98 1.42
N PHE G 64 -58.30 29.74 1.96
CA PHE G 64 -58.15 30.20 3.29
C PHE G 64 -56.70 30.48 3.53
N PHE G 65 -56.45 31.39 4.49
CA PHE G 65 -55.19 32.04 4.66
C PHE G 65 -54.14 31.00 4.86
N VAL G 66 -52.85 31.41 4.70
CA VAL G 66 -51.80 30.91 5.55
C VAL G 66 -50.91 32.08 5.77
N LYS G 67 -50.21 32.12 6.92
CA LYS G 67 -49.43 33.30 7.10
C LYS G 67 -48.25 33.01 7.98
N PRO G 68 -47.17 32.54 7.42
CA PRO G 68 -45.92 32.54 8.10
C PRO G 68 -45.60 33.97 8.41
N LYS G 69 -45.18 34.26 9.66
CA LYS G 69 -44.57 35.52 9.94
C LYS G 69 -43.09 35.28 9.89
N GLN G 70 -42.36 36.07 9.09
CA GLN G 70 -40.96 35.77 9.02
C GLN G 70 -40.32 36.24 10.29
N ALA G 71 -39.79 37.48 10.29
CA ALA G 71 -39.07 37.93 11.45
C ALA G 71 -40.02 38.57 12.41
N MET G 72 -39.52 39.55 13.18
CA MET G 72 -40.34 40.27 14.10
C MET G 72 -40.96 41.38 13.31
N SER G 73 -40.28 41.75 12.22
CA SER G 73 -40.66 42.83 11.36
C SER G 73 -42.01 42.52 10.80
N ASP G 74 -42.54 43.48 10.00
CA ASP G 74 -43.84 43.31 9.42
C ASP G 74 -43.72 42.25 8.40
N THR G 75 -44.41 41.13 8.64
CA THR G 75 -44.18 40.00 7.80
C THR G 75 -45.51 39.39 7.58
N ASN G 76 -46.34 40.08 6.79
CA ASN G 76 -47.65 39.55 6.56
C ASN G 76 -47.60 38.70 5.35
N LEU G 77 -47.03 37.51 5.52
CA LEU G 77 -46.96 36.61 4.42
C LEU G 77 -48.26 35.90 4.40
N VAL G 78 -49.06 36.15 3.35
CA VAL G 78 -50.29 35.45 3.25
C VAL G 78 -50.19 34.60 2.05
N ILE G 79 -50.73 33.38 2.12
CA ILE G 79 -51.04 32.73 0.91
C ILE G 79 -52.32 32.01 1.15
N VAL G 80 -53.44 32.59 0.66
CA VAL G 80 -54.75 32.09 0.99
C VAL G 80 -55.00 30.86 0.18
N THR G 81 -53.93 30.16 -0.17
CA THR G 81 -53.98 29.14 -1.15
C THR G 81 -54.77 28.02 -0.58
N ASP G 82 -55.99 27.83 -1.11
CA ASP G 82 -56.82 26.69 -0.82
C ASP G 82 -56.69 25.84 -2.00
N LYS G 83 -56.99 26.50 -3.13
CA LYS G 83 -57.29 25.93 -4.41
C LYS G 83 -58.77 26.01 -4.60
N ARG G 84 -59.40 27.10 -4.10
CA ARG G 84 -60.67 27.44 -4.66
C ARG G 84 -60.39 28.56 -5.58
N THR G 85 -61.09 29.67 -5.32
CA THR G 85 -60.57 30.93 -5.76
C THR G 85 -59.66 31.39 -4.67
N TYR G 86 -59.31 32.70 -4.67
CA TYR G 86 -58.07 33.02 -4.05
C TYR G 86 -57.90 34.51 -4.08
N ASN G 87 -57.84 35.16 -2.89
CA ASN G 87 -57.45 36.54 -2.80
C ASN G 87 -56.48 36.68 -1.65
N ILE G 88 -55.35 37.41 -1.88
CA ILE G 88 -54.42 37.71 -0.82
C ILE G 88 -53.75 39.01 -1.14
N VAL G 89 -53.45 39.83 -0.11
CA VAL G 89 -52.66 41.01 -0.38
C VAL G 89 -51.45 41.01 0.48
N LEU G 90 -50.26 40.90 -0.15
CA LEU G 90 -49.05 40.95 0.62
C LEU G 90 -48.56 42.36 0.64
N HIS G 91 -47.80 42.71 1.68
CA HIS G 91 -46.94 43.86 1.63
C HIS G 91 -45.69 43.47 2.36
N PHE G 92 -44.67 44.34 2.33
CA PHE G 92 -43.50 44.00 3.09
C PHE G 92 -42.68 45.20 3.36
N ILE G 93 -42.28 45.36 4.65
CA ILE G 93 -41.34 46.37 5.05
C ILE G 93 -40.80 45.91 6.36
N GLY G 94 -39.68 45.17 6.33
CA GLY G 94 -39.05 44.69 7.54
C GLY G 94 -37.90 45.59 7.79
N GLU G 95 -36.73 45.01 8.14
CA GLU G 95 -35.54 45.78 8.43
C GLU G 95 -35.39 46.74 7.31
N GLU G 96 -35.53 48.04 7.64
CA GLU G 96 -35.92 49.01 6.67
C GLU G 96 -34.89 49.01 5.58
N THR G 97 -33.61 48.93 5.97
CA THR G 97 -32.59 48.67 5.02
C THR G 97 -32.58 47.20 4.82
N LYS G 98 -33.35 46.70 3.83
CA LYS G 98 -33.36 45.28 3.53
C LYS G 98 -33.01 45.12 2.09
N LYS G 99 -33.26 43.91 1.57
CA LYS G 99 -33.22 43.65 0.15
C LYS G 99 -34.61 43.87 -0.31
N ASN G 100 -34.84 45.01 -1.00
CA ASN G 100 -36.06 45.79 -1.03
C ASN G 100 -37.26 44.91 -0.97
N ALA G 101 -37.97 44.95 0.19
CA ALA G 101 -39.15 44.17 0.37
C ALA G 101 -40.29 45.12 0.24
N ASP G 102 -39.94 46.41 0.16
CA ASP G 102 -40.84 47.51 0.32
C ASP G 102 -42.04 47.32 -0.56
N GLY G 103 -41.79 47.22 -1.88
CA GLY G 103 -42.86 47.09 -2.83
C GLY G 103 -43.67 45.92 -2.40
N THR G 104 -45.00 46.06 -2.52
CA THR G 104 -45.84 44.98 -2.12
C THR G 104 -46.73 44.62 -3.27
N VAL G 105 -47.28 43.39 -3.18
CA VAL G 105 -47.96 42.71 -4.26
C VAL G 105 -49.38 42.49 -3.85
N SER G 106 -50.14 41.84 -4.76
CA SER G 106 -51.41 41.26 -4.46
C SER G 106 -51.46 40.03 -5.32
N LYS G 107 -52.21 38.99 -4.91
CA LYS G 107 -52.27 37.85 -5.79
C LYS G 107 -53.69 37.65 -6.19
N SER G 108 -53.95 37.54 -7.50
CA SER G 108 -55.16 36.89 -7.88
C SER G 108 -54.79 35.49 -8.24
N PHE G 109 -55.82 34.67 -8.54
CA PHE G 109 -55.63 33.25 -8.61
C PHE G 109 -56.98 32.68 -8.88
N ILE G 110 -57.32 32.46 -10.17
CA ILE G 110 -58.38 31.55 -10.46
C ILE G 110 -57.69 30.29 -10.88
N GLU G 111 -58.32 29.14 -10.60
CA GLU G 111 -57.80 27.91 -11.12
C GLU G 111 -58.60 27.66 -12.36
N THR G 112 -59.93 27.76 -12.21
CA THR G 112 -60.90 27.78 -13.26
C THR G 112 -60.34 28.49 -14.49
N LEU H 1 -54.41 14.83 0.19
CA LEU H 1 -53.88 14.77 -1.20
C LEU H 1 -54.16 13.43 -1.81
N GLU H 2 -53.13 12.54 -1.83
CA GLU H 2 -53.33 11.22 -2.35
C GLU H 2 -54.19 10.48 -1.38
N VAL H 3 -54.39 9.17 -1.59
CA VAL H 3 -55.03 8.33 -0.62
C VAL H 3 -54.24 8.46 0.62
N GLY H 4 -53.24 7.57 0.80
CA GLY H 4 -52.34 7.79 1.89
C GLY H 4 -51.68 9.09 1.59
N ARG H 5 -51.74 10.05 2.54
CA ARG H 5 -51.04 11.28 2.31
C ARG H 5 -49.61 10.89 2.16
N ASN H 6 -49.10 10.13 3.15
CA ASN H 6 -47.76 9.62 3.06
C ASN H 6 -46.81 10.77 3.07
N SER H 7 -47.24 11.97 3.50
CA SER H 7 -46.35 13.07 3.30
C SER H 7 -46.16 13.80 4.57
N PRO H 8 -44.92 14.00 4.90
CA PRO H 8 -44.50 15.30 5.36
C PRO H 8 -44.87 16.23 4.25
N TYR H 9 -45.52 17.37 4.56
CA TYR H 9 -46.28 18.06 3.55
C TYR H 9 -45.44 18.39 2.36
N ASP H 10 -44.39 19.25 2.44
CA ASP H 10 -43.55 19.62 3.55
C ASP H 10 -44.29 20.51 4.49
N TYR H 11 -44.87 21.60 3.97
CA TYR H 11 -45.89 22.25 4.73
C TYR H 11 -47.04 22.43 3.81
N ARG H 12 -48.07 23.18 4.25
CA ARG H 12 -49.34 23.08 3.60
C ARG H 12 -49.21 23.41 2.16
N ILE H 13 -50.06 22.76 1.34
CA ILE H 13 -49.91 22.88 -0.07
C ILE H 13 -51.24 23.22 -0.65
N LYS H 14 -51.26 23.00 -1.98
CA LYS H 14 -52.33 22.71 -2.86
C LYS H 14 -53.09 21.57 -2.29
N SER H 15 -53.64 21.76 -1.07
CA SER H 15 -54.47 20.74 -0.50
C SER H 15 -55.53 20.45 -1.50
N VAL H 16 -55.59 19.18 -1.92
CA VAL H 16 -56.46 18.81 -2.99
C VAL H 16 -57.84 19.04 -2.49
N VAL H 17 -58.55 20.08 -2.99
CA VAL H 17 -59.71 20.41 -2.22
C VAL H 17 -60.84 19.57 -2.66
N TYR H 18 -61.82 19.46 -1.75
CA TYR H 18 -62.58 18.27 -1.76
C TYR H 18 -63.97 18.60 -1.36
N ASN H 19 -64.74 17.55 -1.05
CA ASN H 19 -65.70 17.62 -0.01
C ASN H 19 -65.03 16.92 1.15
N PRO H 20 -65.53 17.02 2.34
CA PRO H 20 -64.69 16.79 3.49
C PRO H 20 -64.27 15.37 3.63
N VAL H 21 -64.69 14.49 2.70
CA VAL H 21 -64.44 13.10 2.83
C VAL H 21 -62.96 12.84 2.86
N ASN H 22 -62.34 12.54 1.70
CA ASN H 22 -61.05 11.90 1.68
C ASN H 22 -60.05 12.67 2.50
N VAL H 23 -59.68 13.88 2.01
CA VAL H 23 -58.72 14.70 2.69
C VAL H 23 -59.30 15.07 4.03
N VAL H 24 -58.50 15.00 5.11
CA VAL H 24 -58.94 15.55 6.38
C VAL H 24 -57.91 16.55 6.78
N LYS H 25 -58.22 17.36 7.81
CA LYS H 25 -57.27 18.35 8.21
C LYS H 25 -56.52 17.72 9.33
N ILE H 26 -55.31 17.24 9.01
CA ILE H 26 -54.60 16.35 9.88
C ILE H 26 -53.90 17.23 10.85
N ASP H 27 -53.62 18.45 10.37
CA ASP H 27 -52.78 19.43 10.99
C ASP H 27 -53.20 19.76 12.41
N ALA H 28 -52.29 20.47 13.11
CA ALA H 28 -52.22 20.64 14.54
C ALA H 28 -50.80 20.30 14.84
N VAL H 29 -50.36 20.21 16.12
CA VAL H 29 -48.94 19.97 16.25
C VAL H 29 -48.68 18.59 15.74
N ALA H 30 -47.86 18.50 14.67
CA ALA H 30 -47.60 17.23 14.04
C ALA H 30 -46.15 17.21 13.64
N GLY H 31 -45.73 16.16 12.91
CA GLY H 31 -44.37 16.07 12.47
C GLY H 31 -43.93 14.65 12.61
N VAL H 32 -44.27 14.05 13.77
CA VAL H 32 -43.80 12.74 14.14
C VAL H 32 -44.42 11.75 13.19
N ALA H 33 -43.55 11.21 12.31
CA ALA H 33 -43.84 10.58 11.03
C ALA H 33 -45.26 10.18 10.88
N THR H 34 -46.12 11.15 10.52
CA THR H 34 -47.46 10.84 10.13
C THR H 34 -47.48 10.88 8.65
N HIS H 35 -47.70 9.71 8.03
CA HIS H 35 -47.87 9.69 6.61
C HIS H 35 -49.13 10.45 6.35
N ILE H 36 -50.28 9.76 6.31
CA ILE H 36 -51.51 10.45 6.50
C ILE H 36 -52.08 9.96 7.80
N VAL H 37 -53.04 10.70 8.39
CA VAL H 37 -53.76 10.09 9.45
C VAL H 37 -54.94 9.43 8.77
N VAL H 38 -56.15 9.93 9.09
CA VAL H 38 -57.46 9.54 8.64
C VAL H 38 -57.43 8.48 7.59
N ALA H 39 -57.96 8.81 6.41
CA ALA H 39 -57.95 7.94 5.28
C ALA H 39 -56.55 7.48 5.07
N PRO H 40 -56.39 6.51 4.22
CA PRO H 40 -57.44 5.68 3.72
C PRO H 40 -57.84 4.78 4.84
N ASP H 41 -58.64 3.74 4.54
CA ASP H 41 -58.84 2.67 5.47
C ASP H 41 -57.70 1.73 5.26
N GLU H 42 -57.09 1.75 4.06
CA GLU H 42 -55.92 0.95 3.91
C GLU H 42 -54.81 1.68 4.60
N THR H 43 -53.65 1.01 4.71
CA THR H 43 -52.53 1.48 5.49
C THR H 43 -52.19 2.86 5.04
N TYR H 44 -52.09 3.81 5.99
CA TYR H 44 -51.81 5.16 5.62
C TYR H 44 -50.51 5.20 4.87
N ILE H 45 -49.39 4.75 5.49
CA ILE H 45 -49.37 4.00 6.72
C ILE H 45 -49.12 4.92 7.86
N THR H 46 -49.06 4.33 9.06
CA THR H 46 -49.58 4.92 10.24
C THR H 46 -48.79 6.11 10.63
N HIS H 47 -49.28 6.79 11.68
CA HIS H 47 -48.75 8.03 12.13
C HIS H 47 -48.35 7.83 13.56
N ALA H 48 -47.37 8.62 14.01
CA ALA H 48 -47.31 8.98 15.39
C ALA H 48 -47.91 10.34 15.41
N PHE H 49 -48.30 10.85 16.59
CA PHE H 49 -48.74 12.20 16.55
C PHE H 49 -48.05 12.92 17.64
N GLY H 50 -48.36 14.22 17.78
CA GLY H 50 -47.97 14.97 18.93
C GLY H 50 -46.49 15.06 19.00
N ASP H 51 -45.80 14.56 17.97
CA ASP H 51 -44.37 14.54 18.01
C ASP H 51 -43.97 13.88 19.27
N SER H 52 -44.79 12.89 19.67
CA SER H 52 -44.51 12.14 20.85
C SER H 52 -44.80 10.71 20.53
N GLU H 53 -45.03 9.90 21.57
CA GLU H 53 -45.48 8.57 21.35
C GLU H 53 -46.31 8.26 22.54
N SER H 54 -47.28 9.15 22.78
CA SER H 54 -48.29 8.95 23.77
C SER H 54 -49.53 8.98 22.97
N ARG H 55 -50.61 8.39 23.47
CA ARG H 55 -51.82 8.61 22.75
C ARG H 55 -52.89 7.98 23.56
N THR H 56 -54.13 8.46 23.38
CA THR H 56 -55.15 8.06 24.30
C THR H 56 -55.65 6.71 23.91
N PHE H 57 -56.28 6.06 24.90
CA PHE H 57 -56.10 4.67 25.18
C PHE H 57 -57.46 4.15 25.53
N ALA H 58 -58.21 4.96 26.28
CA ALA H 58 -59.55 4.56 26.56
C ALA H 58 -60.22 4.55 25.24
N HIS H 59 -61.39 3.91 25.18
CA HIS H 59 -62.08 3.97 23.93
C HIS H 59 -63.24 4.88 24.13
N LYS H 60 -63.40 5.87 23.24
CA LYS H 60 -64.45 6.81 23.43
C LYS H 60 -65.69 6.09 23.06
N MET H 61 -65.91 5.97 21.73
CA MET H 61 -66.97 5.15 21.20
C MET H 61 -66.28 4.04 20.49
N ASN H 62 -66.93 3.51 19.44
CA ASN H 62 -66.24 2.70 18.48
C ASN H 62 -65.05 3.50 18.10
N HIS H 63 -65.27 4.51 17.25
CA HIS H 63 -64.17 5.36 16.98
C HIS H 63 -63.81 6.00 18.26
N PHE H 64 -62.50 6.14 18.51
CA PHE H 64 -62.20 6.50 19.84
C PHE H 64 -60.91 7.25 19.85
N PHE H 65 -60.76 8.10 20.89
CA PHE H 65 -59.77 9.14 20.92
C PHE H 65 -58.41 8.53 20.73
N VAL H 66 -57.43 9.40 20.40
CA VAL H 66 -56.09 9.24 20.92
C VAL H 66 -55.62 10.62 21.18
N LYS H 67 -54.70 10.81 22.15
CA LYS H 67 -54.35 12.16 22.40
C LYS H 67 -52.97 12.23 22.96
N PRO H 68 -51.96 12.24 22.13
CA PRO H 68 -50.65 12.63 22.55
C PRO H 68 -50.76 14.03 23.04
N LYS H 69 -50.16 14.33 24.21
CA LYS H 69 -49.95 15.70 24.59
C LYS H 69 -48.55 16.01 24.21
N GLN H 70 -48.33 17.09 23.45
CA GLN H 70 -46.97 17.34 23.05
C GLN H 70 -46.24 17.87 24.24
N ALA H 71 -46.17 19.21 24.36
CA ALA H 71 -45.38 19.78 25.42
C ALA H 71 -46.22 19.92 26.65
N MET H 72 -45.91 20.94 27.46
CA MET H 72 -46.66 21.22 28.64
C MET H 72 -47.79 22.10 28.20
N SER H 73 -47.55 22.80 27.08
CA SER H 73 -48.47 23.74 26.52
C SER H 73 -49.74 23.03 26.18
N ASP H 74 -50.74 23.80 25.69
CA ASP H 74 -52.01 23.23 25.36
C ASP H 74 -51.79 22.40 24.16
N THR H 75 -51.98 21.08 24.31
CA THR H 75 -51.61 20.21 23.25
C THR H 75 -52.67 19.17 23.20
N ASN H 76 -53.85 19.59 22.71
CA ASN H 76 -54.93 18.65 22.65
C ASN H 76 -54.90 18.00 21.32
N LEU H 77 -53.94 17.09 21.16
CA LEU H 77 -53.85 16.38 19.93
C LEU H 77 -54.80 15.26 20.03
N VAL H 78 -55.88 15.30 19.22
CA VAL H 78 -56.79 14.22 19.23
C VAL H 78 -56.71 13.59 17.90
N ILE H 79 -56.78 12.26 17.86
CA ILE H 79 -57.14 11.67 16.63
C ILE H 79 -58.00 10.50 16.98
N VAL H 80 -59.34 10.69 16.83
CA VAL H 80 -60.28 9.72 17.31
C VAL H 80 -60.31 8.56 16.36
N THR H 81 -59.17 8.33 15.69
CA THR H 81 -59.13 7.47 14.56
C THR H 81 -59.34 6.08 15.07
N ASP H 82 -60.52 5.52 14.75
CA ASP H 82 -60.82 4.14 15.00
C ASP H 82 -60.72 3.51 13.68
N LYS H 83 -61.48 4.13 12.76
CA LYS H 83 -61.88 3.63 11.49
C LYS H 83 -63.30 3.18 11.61
N ARG H 84 -64.11 3.90 12.40
CA ARG H 84 -65.52 3.81 12.17
C ARG H 84 -65.86 5.05 11.43
N THR H 85 -66.80 5.81 12.01
CA THR H 85 -66.86 7.19 11.72
C THR H 85 -65.91 7.84 12.67
N TYR H 86 -66.03 9.18 12.84
CA TYR H 86 -64.86 9.87 13.26
C TYR H 86 -65.19 11.31 13.46
N ASN H 87 -65.08 11.81 14.72
CA ASN H 87 -65.14 13.23 14.98
C ASN H 87 -64.03 13.60 15.92
N ILE H 88 -63.29 14.70 15.62
CA ILE H 88 -62.29 15.22 16.51
C ILE H 88 -62.20 16.70 16.31
N VAL H 89 -61.94 17.46 17.39
CA VAL H 89 -61.68 18.87 17.19
C VAL H 89 -60.36 19.22 17.78
N LEU H 90 -59.39 19.62 16.93
CA LEU H 90 -58.12 20.03 17.45
C LEU H 90 -58.13 21.51 17.62
N HIS H 91 -57.30 22.01 18.54
CA HIS H 91 -56.92 23.39 18.53
C HIS H 91 -55.48 23.41 18.93
N PHE H 92 -54.83 24.59 18.86
CA PHE H 92 -53.46 24.61 19.30
C PHE H 92 -53.05 26.01 19.62
N ILE H 93 -52.42 26.17 20.81
CA ILE H 93 -51.81 27.41 21.20
C ILE H 93 -50.84 27.05 22.28
N GLY H 94 -49.58 26.77 21.90
CA GLY H 94 -48.55 26.43 22.86
C GLY H 94 -47.74 27.66 23.05
N GLU H 95 -46.39 27.52 23.04
CA GLU H 95 -45.50 28.63 23.23
C GLU H 95 -45.95 29.70 22.29
N GLU H 96 -46.43 30.81 22.88
CA GLU H 96 -47.35 31.67 22.19
C GLU H 96 -46.68 32.14 20.94
N THR H 97 -45.39 32.50 21.06
CA THR H 97 -44.61 32.73 19.89
C THR H 97 -44.16 31.38 19.44
N LYS H 98 -44.93 30.75 18.54
CA LYS H 98 -44.55 29.46 17.99
C LYS H 98 -44.52 29.58 16.51
N LYS H 99 -44.48 28.41 15.84
CA LYS H 99 -44.70 28.33 14.42
C LYS H 99 -46.16 28.08 14.28
N ASN H 100 -46.90 29.12 13.86
CA ASN H 100 -48.28 29.39 14.21
C ASN H 100 -49.07 28.14 14.34
N ALA H 101 -49.45 27.81 15.60
CA ALA H 101 -50.23 26.63 15.87
C ALA H 101 -51.61 27.11 16.14
N ASP H 102 -51.74 28.45 16.22
CA ASP H 102 -52.89 29.12 16.75
C ASP H 102 -54.12 28.60 16.10
N GLY H 103 -54.19 28.72 14.76
CA GLY H 103 -55.35 28.31 14.03
C GLY H 103 -55.60 26.88 14.39
N THR H 104 -56.89 26.54 14.55
CA THR H 104 -57.19 25.20 14.90
C THR H 104 -58.17 24.65 13.91
N VAL H 105 -58.24 23.31 13.87
CA VAL H 105 -58.91 22.55 12.85
C VAL H 105 -60.02 21.78 13.48
N SER H 106 -60.72 20.99 12.63
CA SER H 106 -61.61 19.97 13.05
C SER H 106 -61.46 18.89 12.02
N LYS H 107 -61.70 17.61 12.37
CA LYS H 107 -61.60 16.63 11.32
C LYS H 107 -62.92 15.96 11.18
N SER H 108 -63.44 15.90 9.94
CA SER H 108 -64.42 14.90 9.70
C SER H 108 -63.71 13.77 9.02
N PHE H 109 -64.44 12.66 8.79
CA PHE H 109 -63.82 11.43 8.43
C PHE H 109 -64.92 10.43 8.33
N ILE H 110 -65.48 10.24 7.11
CA ILE H 110 -66.22 9.04 6.86
C ILE H 110 -65.28 8.17 6.10
N GLU H 111 -65.39 6.84 6.28
CA GLU H 111 -64.64 5.94 5.46
C GLU H 111 -65.58 5.54 4.38
N THR H 112 -66.79 5.14 4.80
CA THR H 112 -67.95 4.90 3.98
C THR H 112 -67.97 5.89 2.81
N LEU I 1 -54.44 -6.08 13.37
CA LEU I 1 -54.30 -5.79 11.92
C LEU I 1 -54.25 -7.08 11.14
N GLU I 2 -53.02 -7.52 10.76
CA GLU I 2 -52.89 -8.77 10.06
C GLU I 2 -53.19 -9.86 11.03
N VAL I 3 -52.99 -11.13 10.63
CA VAL I 3 -53.05 -12.24 11.53
C VAL I 3 -52.07 -11.95 12.60
N GLY I 4 -50.83 -12.43 12.42
CA GLY I 4 -49.82 -12.00 13.34
C GLY I 4 -49.71 -10.53 13.15
N ARG I 5 -49.86 -9.76 14.26
CA ARG I 5 -49.68 -8.35 14.12
C ARG I 5 -48.29 -8.17 13.64
N ASN I 6 -47.32 -8.79 14.35
CA ASN I 6 -45.97 -8.77 13.91
C ASN I 6 -45.47 -7.36 13.95
N SER I 7 -46.16 -6.45 14.66
CA SER I 7 -45.76 -5.09 14.49
C SER I 7 -45.52 -4.46 15.82
N PRO I 8 -44.38 -3.86 15.92
CA PRO I 8 -44.31 -2.55 16.52
C PRO I 8 -45.24 -1.71 15.69
N TYR I 9 -46.13 -0.92 16.32
CA TYR I 9 -47.30 -0.46 15.62
C TYR I 9 -46.93 0.27 14.37
N ASP I 10 -46.24 1.43 14.40
CA ASP I 10 -45.32 1.98 15.37
C ASP I 10 -46.06 2.44 16.58
N TYR I 11 -47.08 3.29 16.39
CA TYR I 11 -48.03 3.45 17.44
C TYR I 11 -49.37 3.29 16.80
N ARG I 12 -50.45 3.56 17.56
CA ARG I 12 -51.73 3.07 17.16
C ARG I 12 -52.08 3.57 15.80
N ILE I 13 -52.83 2.75 15.06
CA ILE I 13 -53.09 3.05 13.70
C ILE I 13 -54.55 2.95 13.45
N LYS I 14 -54.81 2.85 12.14
CA LYS I 14 -55.92 2.30 11.44
C LYS I 14 -56.09 0.90 11.93
N SER I 15 -56.36 0.75 13.25
CA SER I 15 -56.64 -0.54 13.78
C SER I 15 -57.74 -1.10 12.96
N VAL I 16 -57.49 -2.26 12.34
CA VAL I 16 -58.41 -2.82 11.42
C VAL I 16 -59.63 -3.15 12.20
N VAL I 17 -60.73 -2.40 12.05
CA VAL I 17 -61.72 -2.59 13.07
C VAL I 17 -62.58 -3.74 12.72
N TYR I 18 -63.21 -4.28 13.76
CA TYR I 18 -63.51 -5.66 13.68
C TYR I 18 -64.79 -5.89 14.40
N ASN I 19 -65.06 -7.19 14.66
CA ASN I 19 -65.71 -7.58 15.86
C ASN I 19 -64.59 -8.09 16.72
N PRO I 20 -64.79 -8.30 17.98
CA PRO I 20 -63.66 -8.31 18.89
C PRO I 20 -62.78 -9.51 18.69
N VAL I 21 -63.09 -10.38 17.72
CA VAL I 21 -62.36 -11.59 17.54
C VAL I 21 -60.93 -11.29 17.24
N ASN I 22 -60.55 -11.23 15.95
CA ASN I 22 -59.16 -11.35 15.57
C ASN I 22 -58.31 -10.34 16.29
N VAL I 23 -58.49 -9.05 15.97
CA VAL I 23 -57.73 -8.00 16.59
C VAL I 23 -58.05 -8.00 18.06
N VAL I 24 -57.03 -7.89 18.93
CA VAL I 24 -57.29 -7.67 20.34
C VAL I 24 -56.60 -6.41 20.71
N LYS I 25 -56.90 -5.87 21.91
CA LYS I 25 -56.26 -4.65 22.29
C LYS I 25 -55.10 -5.08 23.11
N ILE I 26 -53.91 -5.05 22.48
CA ILE I 26 -52.77 -5.70 23.03
C ILE I 26 -52.17 -4.72 23.98
N ASP I 27 -52.44 -3.44 23.69
CA ASP I 27 -51.85 -2.29 24.30
C ASP I 27 -52.00 -2.28 25.80
N ALA I 28 -51.24 -1.37 26.44
CA ALA I 28 -50.87 -1.33 27.83
C ALA I 28 -49.39 -1.15 27.78
N VAL I 29 -48.65 -1.20 28.91
CA VAL I 29 -47.25 -0.93 28.73
C VAL I 29 -46.68 -2.06 27.94
N ALA I 30 -46.15 -1.74 26.73
CA ALA I 30 -45.66 -2.74 25.83
C ALA I 30 -44.42 -2.21 25.18
N GLY I 31 -43.88 -2.96 24.20
CA GLY I 31 -42.71 -2.49 23.49
C GLY I 31 -41.81 -3.66 23.29
N VAL I 32 -41.63 -4.46 24.36
CA VAL I 32 -40.68 -5.54 24.39
C VAL I 32 -41.15 -6.58 23.42
N ALA I 33 -40.40 -6.67 22.30
CA ALA I 33 -40.76 -7.25 21.02
C ALA I 33 -41.96 -8.12 21.08
N THR I 34 -43.16 -7.49 21.06
CA THR I 34 -44.37 -8.23 20.90
C THR I 34 -44.75 -8.06 19.48
N HIS I 35 -44.73 -9.16 18.72
CA HIS I 35 -45.22 -9.09 17.37
C HIS I 35 -46.68 -8.82 17.50
N ILE I 36 -47.50 -9.88 17.57
CA ILE I 36 -48.82 -9.70 18.11
C ILE I 36 -48.86 -10.49 19.38
N VAL I 37 -49.83 -10.22 20.26
CA VAL I 37 -50.03 -11.16 21.32
C VAL I 37 -51.04 -12.11 20.77
N VAL I 38 -52.23 -12.13 21.41
CA VAL I 38 -53.42 -12.92 21.16
C VAL I 38 -53.29 -13.79 19.94
N ALA I 39 -54.18 -13.56 18.97
CA ALA I 39 -54.15 -14.25 17.72
C ALA I 39 -52.77 -14.14 17.16
N PRO I 40 -52.51 -14.90 16.14
CA PRO I 40 -53.32 -16.00 15.71
C PRO I 40 -53.10 -17.10 16.71
N ASP I 41 -53.57 -18.32 16.39
CA ASP I 41 -53.17 -19.47 17.13
C ASP I 41 -51.87 -19.91 16.53
N GLU I 42 -51.61 -19.55 15.27
CA GLU I 42 -50.32 -19.84 14.74
C GLU I 42 -49.38 -18.85 15.34
N THR I 43 -48.07 -19.04 15.10
CA THR I 43 -47.02 -18.28 15.72
C THR I 43 -47.28 -16.84 15.46
N TYR I 44 -47.26 -16.01 16.53
CA TYR I 44 -47.55 -14.62 16.36
C TYR I 44 -46.56 -14.03 15.39
N ILE I 45 -45.23 -14.11 15.69
CA ILE I 45 -44.67 -14.91 16.74
C ILE I 45 -44.47 -14.08 17.96
N THR I 46 -43.92 -14.74 19.00
CA THR I 46 -44.31 -14.50 20.35
C THR I 46 -43.88 -13.14 20.78
N HIS I 47 -44.30 -12.80 22.01
CA HIS I 47 -44.11 -11.51 22.57
C HIS I 47 -43.34 -11.70 23.84
N ALA I 48 -42.59 -10.64 24.22
CA ALA I 48 -42.32 -10.43 25.60
C ALA I 48 -43.32 -9.38 25.98
N PHE I 49 -43.56 -9.17 27.29
CA PHE I 49 -44.42 -8.08 27.59
C PHE I 49 -43.75 -7.26 28.63
N GLY I 50 -44.43 -6.19 29.05
CA GLY I 50 -44.05 -5.47 30.22
C GLY I 50 -42.71 -4.85 30.02
N ASP I 51 -42.16 -4.97 28.80
CA ASP I 51 -40.85 -4.46 28.55
C ASP I 51 -39.96 -5.06 29.58
N SER I 52 -40.27 -6.31 29.95
CA SER I 52 -39.49 -7.03 30.90
C SER I 52 -39.36 -8.42 30.39
N GLU I 53 -39.04 -9.36 31.28
CA GLU I 53 -39.06 -10.75 30.93
C GLU I 53 -39.43 -11.44 32.18
N SER I 54 -40.55 -11.00 32.76
CA SER I 54 -41.16 -11.64 33.88
C SER I 54 -42.51 -11.98 33.34
N ARG I 55 -43.16 -12.98 33.93
CA ARG I 55 -44.52 -13.14 33.51
C ARG I 55 -45.09 -14.20 34.39
N THR I 56 -46.42 -14.19 34.53
CA THR I 56 -46.98 -15.02 35.55
C THR I 56 -47.10 -16.41 35.02
N PHE I 57 -47.20 -17.34 35.99
CA PHE I 57 -46.51 -18.59 35.97
C PHE I 57 -47.49 -19.60 36.48
N ALA I 58 -48.27 -19.20 37.50
CA ALA I 58 -49.27 -20.09 37.95
C ALA I 58 -50.21 -20.21 36.81
N HIS I 59 -51.09 -21.22 36.86
CA HIS I 59 -52.03 -21.28 35.79
C HIS I 59 -53.35 -20.89 36.37
N LYS I 60 -54.03 -19.94 35.73
CA LYS I 60 -55.26 -19.47 36.28
C LYS I 60 -56.25 -20.55 36.03
N MET I 61 -56.73 -20.61 34.78
CA MET I 61 -57.55 -21.70 34.32
C MET I 61 -56.73 -22.41 33.30
N ASN I 62 -57.40 -23.03 32.32
CA ASN I 62 -56.73 -23.44 31.11
C ASN I 62 -56.01 -22.23 30.66
N HIS I 63 -56.76 -21.29 30.07
CA HIS I 63 -56.11 -20.06 29.75
C HIS I 63 -55.67 -19.48 31.03
N PHE I 64 -54.47 -18.89 31.04
CA PHE I 64 -53.98 -18.58 32.33
C PHE I 64 -53.06 -17.42 32.23
N PHE I 65 -52.94 -16.68 33.35
CA PHE I 65 -52.38 -15.36 33.38
C PHE I 65 -51.00 -15.41 32.82
N VAL I 66 -50.45 -14.22 32.47
CA VAL I 66 -49.07 -13.94 32.68
C VAL I 66 -49.02 -12.51 33.09
N LYS I 67 -48.02 -12.10 33.89
CA LYS I 67 -48.08 -10.74 34.29
C LYS I 67 -46.71 -10.23 34.58
N PRO I 68 -45.99 -9.77 33.59
CA PRO I 68 -44.83 -8.97 33.80
C PRO I 68 -45.27 -7.76 34.56
N LYS I 69 -44.55 -7.38 35.63
CA LYS I 69 -44.72 -6.08 36.20
C LYS I 69 -43.63 -5.24 35.62
N GLN I 70 -43.98 -4.08 35.03
CA GLN I 70 -42.92 -3.33 34.43
C GLN I 70 -42.14 -2.68 35.53
N ALA I 71 -42.48 -1.43 35.88
CA ALA I 71 -41.69 -0.72 36.85
C ALA I 71 -42.21 -1.02 38.22
N MET I 72 -42.06 -0.05 39.13
CA MET I 72 -42.56 -0.18 40.46
C MET I 72 -43.97 0.28 40.41
N SER I 73 -44.27 1.12 39.41
CA SER I 73 -45.56 1.71 39.22
C SER I 73 -46.56 0.63 39.01
N ASP I 74 -47.85 1.02 38.86
CA ASP I 74 -48.89 0.07 38.68
C ASP I 74 -48.71 -0.51 37.34
N THR I 75 -48.41 -1.81 37.29
CA THR I 75 -48.05 -2.37 36.04
C THR I 75 -48.69 -3.72 36.01
N ASN I 76 -50.01 -3.71 35.84
CA ASN I 76 -50.70 -4.97 35.82
C ASN I 76 -50.78 -5.42 34.42
N LEU I 77 -49.64 -5.91 33.91
CA LEU I 77 -49.63 -6.40 32.58
C LEU I 77 -50.11 -7.80 32.66
N VAL I 78 -51.29 -8.06 32.09
CA VAL I 78 -51.76 -9.40 32.08
C VAL I 78 -51.80 -9.82 30.67
N ILE I 79 -51.44 -11.08 30.41
CA ILE I 79 -51.87 -11.63 29.18
C ILE I 79 -52.19 -13.06 29.48
N VAL I 80 -53.50 -13.36 29.62
CA VAL I 80 -53.92 -14.65 30.09
C VAL I 80 -53.80 -15.63 28.97
N THR I 81 -52.85 -15.37 28.07
CA THR I 81 -52.79 -16.04 26.82
C THR I 81 -52.41 -17.45 27.10
N ASP I 82 -53.37 -18.37 26.92
CA ASP I 82 -53.13 -19.78 26.96
C ASP I 82 -53.15 -20.19 25.56
N LYS I 83 -54.28 -19.81 24.93
CA LYS I 83 -54.78 -20.29 23.69
C LYS I 83 -55.89 -21.24 24.00
N ARG I 84 -56.68 -20.94 25.05
CA ARG I 84 -57.99 -21.51 25.09
C ARG I 84 -58.89 -20.41 24.66
N THR I 85 -59.87 -20.11 25.54
CA THR I 85 -60.45 -18.82 25.52
C THR I 85 -59.57 -17.96 26.37
N TYR I 86 -60.08 -16.79 26.80
CA TYR I 86 -59.13 -15.77 27.10
C TYR I 86 -59.87 -14.58 27.62
N ASN I 87 -59.62 -14.20 28.90
CA ASN I 87 -60.09 -12.93 29.42
C ASN I 87 -58.96 -12.28 30.18
N ILE I 88 -58.73 -10.95 29.94
CA ILE I 88 -57.78 -10.21 30.71
C ILE I 88 -58.23 -8.78 30.75
N VAL I 89 -57.97 -8.08 31.88
CA VAL I 89 -58.25 -6.67 31.89
C VAL I 89 -57.03 -5.92 32.28
N LEU I 90 -56.49 -5.11 31.34
CA LEU I 90 -55.33 -4.32 31.66
C LEU I 90 -55.80 -2.98 32.10
N HIS I 91 -54.98 -2.31 32.92
CA HIS I 91 -55.08 -0.89 33.08
C HIS I 91 -53.68 -0.38 33.18
N PHE I 92 -53.50 0.95 33.21
CA PHE I 92 -52.16 1.43 33.38
C PHE I 92 -52.17 2.83 33.86
N ILE I 93 -51.36 3.09 34.92
CA ILE I 93 -51.11 4.43 35.39
C ILE I 93 -49.85 4.34 36.19
N GLY I 94 -48.70 4.58 35.52
CA GLY I 94 -47.42 4.54 36.19
C GLY I 94 -47.04 5.95 36.44
N GLU I 95 -45.77 6.31 36.15
CA GLU I 95 -45.27 7.65 36.35
C GLU I 95 -46.27 8.56 35.73
N GLU I 96 -46.93 9.36 36.59
CA GLU I 96 -48.22 9.89 36.25
C GLU I 96 -48.07 10.71 35.00
N THR I 97 -46.99 11.49 34.93
CA THR I 97 -46.64 12.10 33.70
C THR I 97 -45.89 11.06 32.93
N LYS I 98 -46.60 10.28 32.09
CA LYS I 98 -45.96 9.29 31.27
C LYS I 98 -46.34 9.56 29.85
N LYS I 99 -46.07 8.56 28.99
CA LYS I 99 -46.60 8.55 27.65
C LYS I 99 -47.88 7.79 27.75
N ASN I 100 -49.01 8.53 27.67
CA ASN I 100 -50.27 8.24 28.33
C ASN I 100 -50.55 6.78 28.39
N ALA I 101 -50.47 6.22 29.61
CA ALA I 101 -50.72 4.82 29.80
C ALA I 101 -52.07 4.73 30.41
N ASP I 102 -52.62 5.91 30.76
CA ASP I 102 -53.76 6.06 31.62
C ASP I 102 -54.86 5.19 31.13
N GLY I 103 -55.29 5.42 29.88
CA GLY I 103 -56.39 4.69 29.32
C GLY I 103 -56.07 3.24 29.46
N THR I 104 -57.08 2.44 29.80
CA THR I 104 -56.83 1.05 29.97
C THR I 104 -57.77 0.28 29.09
N VAL I 105 -57.41 -0.97 28.83
CA VAL I 105 -58.01 -1.83 27.83
C VAL I 105 -58.62 -3.00 28.52
N SER I 106 -59.20 -3.89 27.69
CA SER I 106 -59.57 -5.22 28.09
C SER I 106 -59.33 -6.05 26.87
N LYS I 107 -59.04 -7.36 27.02
CA LYS I 107 -58.88 -8.13 25.82
C LYS I 107 -59.89 -9.21 25.81
N SER I 108 -60.65 -9.33 24.71
CA SER I 108 -61.28 -10.60 24.49
C SER I 108 -60.41 -11.32 23.49
N PHE I 109 -60.77 -12.59 23.21
CA PHE I 109 -59.88 -13.47 22.52
C PHE I 109 -60.58 -14.78 22.46
N ILE I 110 -61.33 -15.04 21.36
CA ILE I 110 -61.66 -16.39 21.04
C ILE I 110 -60.70 -16.79 19.97
N GLU I 111 -60.32 -18.07 19.93
CA GLU I 111 -59.54 -18.55 18.83
C GLU I 111 -60.53 -19.15 17.89
N THR I 112 -61.40 -20.02 18.46
CA THR I 112 -62.57 -20.57 17.85
C THR I 112 -63.20 -19.54 16.91
N LEU J 1 -44.33 -26.76 22.32
CA LEU J 1 -44.64 -26.30 20.95
C LEU J 1 -44.37 -27.40 19.95
N GLU J 2 -43.19 -27.32 19.27
CA GLU J 2 -42.83 -28.36 18.34
C GLU J 2 -42.50 -29.58 19.15
N VAL J 3 -42.01 -30.64 18.49
CA VAL J 3 -41.47 -31.78 19.18
C VAL J 3 -40.41 -31.26 20.07
N GLY J 4 -39.17 -31.23 19.57
CA GLY J 4 -38.16 -30.57 20.34
C GLY J 4 -38.60 -29.15 20.41
N ARG J 5 -38.72 -28.60 21.63
CA ARG J 5 -39.05 -27.21 21.72
C ARG J 5 -37.96 -26.49 21.01
N ASN J 6 -36.71 -26.79 21.41
CA ASN J 6 -35.58 -26.23 20.73
C ASN J 6 -35.59 -24.74 20.92
N SER J 7 -36.34 -24.22 21.90
CA SER J 7 -36.47 -22.80 21.91
C SER J 7 -36.13 -22.27 23.25
N PRO J 8 -35.26 -21.30 23.24
CA PRO J 8 -35.49 -20.12 24.04
C PRO J 8 -36.82 -19.60 23.57
N TYR J 9 -37.74 -19.25 24.49
CA TYR J 9 -39.12 -19.18 24.12
C TYR J 9 -39.35 -18.25 22.97
N ASP J 10 -39.09 -16.92 23.08
CA ASP J 10 -38.19 -16.18 23.94
C ASP J 10 -38.73 -16.14 25.33
N TYR J 11 -39.99 -15.70 25.50
CA TYR J 11 -40.65 -16.01 26.72
C TYR J 11 -41.97 -16.59 26.34
N ARG J 12 -42.86 -16.80 27.33
CA ARG J 12 -43.96 -17.68 27.10
C ARG J 12 -44.78 -17.20 25.95
N ILE J 13 -45.37 -18.17 25.24
CA ILE J 13 -46.04 -17.86 24.02
C ILE J 13 -47.40 -18.46 24.05
N LYS J 14 -47.93 -18.51 22.82
CA LYS J 14 -48.92 -19.35 22.25
C LYS J 14 -48.50 -20.75 22.51
N SER J 15 -48.37 -21.12 23.80
CA SER J 15 -48.06 -22.48 24.14
C SER J 15 -49.09 -23.32 23.47
N VAL J 16 -48.62 -24.23 22.60
CA VAL J 16 -49.50 -24.99 21.79
C VAL J 16 -50.31 -25.82 22.73
N VAL J 17 -51.61 -25.51 22.93
CA VAL J 17 -52.19 -26.15 24.06
C VAL J 17 -52.67 -27.48 23.69
N TYR J 18 -52.82 -28.33 24.72
CA TYR J 18 -52.66 -29.70 24.45
C TYR J 18 -53.56 -30.46 25.35
N ASN J 19 -53.32 -31.78 25.42
CA ASN J 19 -53.50 -32.50 26.64
C ASN J 19 -52.09 -32.65 27.16
N PRO J 20 -51.89 -33.05 28.38
CA PRO J 20 -50.64 -32.73 29.02
C PRO J 20 -49.49 -33.50 28.45
N VAL J 21 -49.72 -34.32 27.42
CA VAL J 21 -48.70 -35.16 26.89
C VAL J 21 -47.57 -34.33 26.37
N ASN J 22 -47.55 -34.01 25.06
CA ASN J 22 -46.34 -33.58 24.41
C ASN J 22 -45.73 -32.42 25.13
N VAL J 23 -46.40 -31.25 25.08
CA VAL J 23 -45.89 -30.07 25.72
C VAL J 23 -45.83 -30.33 27.19
N VAL J 24 -44.73 -29.94 27.87
CA VAL J 24 -44.69 -29.97 29.31
C VAL J 24 -44.40 -28.59 29.77
N LYS J 25 -44.55 -28.32 31.07
CA LYS J 25 -44.27 -27.00 31.54
C LYS J 25 -42.87 -27.05 32.03
N ILE J 26 -41.96 -26.52 31.20
CA ILE J 26 -40.57 -26.76 31.38
C ILE J 26 -40.11 -25.74 32.36
N ASP J 27 -40.86 -24.62 32.36
CA ASP J 27 -40.55 -23.40 33.05
C ASP J 27 -40.32 -23.60 34.52
N ALA J 28 -39.77 -22.54 35.16
CA ALA J 28 -39.12 -22.51 36.44
C ALA J 28 -37.84 -21.80 36.14
N VAL J 29 -36.87 -21.69 37.07
CA VAL J 29 -35.72 -20.91 36.67
C VAL J 29 -35.02 -21.67 35.60
N ALA J 30 -34.95 -21.06 34.38
CA ALA J 30 -34.38 -21.73 33.25
C ALA J 30 -33.59 -20.71 32.47
N GLY J 31 -33.09 -21.11 31.29
CA GLY J 31 -32.35 -20.19 30.47
C GLY J 31 -31.19 -20.92 29.89
N VAL J 32 -30.50 -21.70 30.74
CA VAL J 32 -29.27 -22.36 30.39
C VAL J 32 -29.60 -23.40 29.36
N ALA J 33 -29.15 -23.11 28.12
CA ALA J 33 -29.60 -23.63 26.85
C ALA J 33 -30.40 -24.89 26.98
N THR J 34 -31.69 -24.73 27.31
CA THR J 34 -32.60 -25.85 27.25
C THR J 34 -33.36 -25.68 25.99
N HIS J 35 -33.15 -26.61 25.05
CA HIS J 35 -33.95 -26.60 23.86
C HIS J 35 -35.34 -26.89 24.32
N ILE J 36 -35.72 -28.17 24.34
CA ILE J 36 -36.84 -28.55 25.16
C ILE J 36 -36.31 -29.41 26.25
N VAL J 37 -37.07 -29.61 27.34
CA VAL J 37 -36.68 -30.66 28.23
C VAL J 37 -37.42 -31.86 27.72
N VAL J 38 -38.34 -32.37 28.56
CA VAL J 38 -39.22 -33.50 28.41
C VAL J 38 -39.11 -34.15 27.06
N ALA J 39 -40.24 -34.15 26.33
CA ALA J 39 -40.29 -34.66 24.99
C ALA J 39 -39.21 -34.00 24.21
N PRO J 40 -38.97 -34.51 23.03
CA PRO J 40 -39.44 -35.78 22.58
C PRO J 40 -38.63 -36.81 23.30
N ASP J 41 -38.74 -38.08 22.87
CA ASP J 41 -37.81 -39.08 23.30
C ASP J 41 -36.62 -38.96 22.40
N GLU J 42 -36.82 -38.40 21.19
CA GLU J 42 -35.67 -38.14 20.38
C GLU J 42 -35.00 -36.94 20.95
N THR J 43 -33.81 -36.62 20.43
CA THR J 43 -32.94 -35.60 20.96
C THR J 43 -33.72 -34.33 21.02
N TYR J 44 -33.71 -33.67 22.20
CA TYR J 44 -34.49 -32.46 22.34
C TYR J 44 -34.02 -31.47 21.32
N ILE J 45 -32.70 -31.09 21.34
CA ILE J 45 -31.67 -31.73 22.10
C ILE J 45 -31.47 -31.01 23.38
N THR J 46 -30.49 -31.52 24.16
CA THR J 46 -30.59 -31.57 25.58
C THR J 46 -30.55 -30.21 26.16
N HIS J 47 -30.75 -30.16 27.49
CA HIS J 47 -30.87 -28.95 28.22
C HIS J 47 -29.79 -28.97 29.26
N ALA J 48 -29.37 -27.77 29.68
CA ALA J 48 -28.85 -27.61 31.00
C ALA J 48 -30.01 -27.04 31.74
N PHE J 49 -29.98 -27.06 33.09
CA PHE J 49 -31.05 -26.39 33.74
C PHE J 49 -30.47 -25.50 34.77
N GLY J 50 -31.34 -24.80 35.49
CA GLY J 50 -30.94 -24.10 36.68
C GLY J 50 -29.98 -23.03 36.34
N ASP J 51 -29.74 -22.81 35.03
CA ASP J 51 -28.77 -21.84 34.63
C ASP J 51 -27.51 -22.17 35.35
N SER J 52 -27.29 -23.49 35.54
CA SER J 52 -26.11 -23.96 36.17
C SER J 52 -25.65 -25.14 35.40
N GLU J 53 -24.82 -25.99 36.03
CA GLU J 53 -24.48 -27.24 35.45
C GLU J 53 -24.27 -28.15 36.60
N SER J 54 -25.30 -28.20 37.46
CA SER J 54 -25.37 -29.13 38.53
C SER J 54 -26.61 -29.88 38.22
N ARG J 55 -26.74 -31.11 38.73
CA ARG J 55 -28.03 -31.70 38.56
C ARG J 55 -27.97 -32.98 39.33
N THR J 56 -29.15 -33.47 39.72
CA THR J 56 -29.14 -34.54 40.66
C THR J 56 -28.92 -35.83 39.93
N PHE J 57 -28.47 -36.82 40.71
CA PHE J 57 -27.43 -37.72 40.34
C PHE J 57 -27.87 -39.06 40.83
N ALA J 58 -28.45 -39.08 42.04
CA ALA J 58 -28.97 -40.31 42.51
C ALA J 58 -30.06 -40.65 41.57
N HIS J 59 -30.50 -41.91 41.61
CA HIS J 59 -31.62 -42.21 40.76
C HIS J 59 -32.80 -42.38 41.64
N LYS J 60 -33.90 -41.68 41.32
CA LYS J 60 -35.04 -41.75 42.17
C LYS J 60 -35.64 -43.09 41.93
N MET J 61 -36.37 -43.19 40.80
CA MET J 61 -36.86 -44.45 40.32
C MET J 61 -36.12 -44.72 39.05
N ASN J 62 -36.77 -45.43 38.12
CA ASN J 62 -36.33 -45.44 36.76
C ASN J 62 -36.18 -44.02 36.40
N HIS J 63 -37.32 -43.35 36.14
CA HIS J 63 -37.20 -41.96 35.93
C HIS J 63 -36.69 -41.38 37.18
N PHE J 64 -35.79 -40.40 37.06
CA PHE J 64 -35.13 -40.06 38.27
C PHE J 64 -34.70 -38.65 38.20
N PHE J 65 -34.56 -38.03 39.39
CA PHE J 65 -34.49 -36.60 39.55
C PHE J 65 -33.34 -36.09 38.74
N VAL J 66 -33.33 -34.76 38.51
CA VAL J 66 -32.10 -34.01 38.49
C VAL J 66 -32.44 -32.71 39.14
N LYS J 67 -31.46 -32.06 39.79
CA LYS J 67 -31.87 -30.86 40.44
C LYS J 67 -30.72 -29.91 40.54
N PRO J 68 -30.46 -29.12 39.53
CA PRO J 68 -29.61 -27.99 39.66
C PRO J 68 -30.24 -27.10 40.69
N LYS J 69 -29.43 -26.60 41.65
CA LYS J 69 -29.89 -25.51 42.46
C LYS J 69 -29.32 -24.27 41.84
N GLN J 70 -30.16 -23.27 41.55
CA GLN J 70 -29.59 -22.13 40.90
C GLN J 70 -28.83 -21.36 41.93
N ALA J 71 -29.47 -20.35 42.56
CA ALA J 71 -28.75 -19.50 43.47
C ALA J 71 -28.79 -20.11 44.84
N MET J 72 -28.75 -19.24 45.86
CA MET J 72 -28.83 -19.69 47.22
C MET J 72 -30.28 -19.77 47.52
N SER J 73 -31.08 -19.00 46.77
CA SER J 73 -32.49 -18.89 46.94
C SER J 73 -33.10 -20.25 46.74
N ASP J 74 -34.44 -20.33 46.91
CA ASP J 74 -35.12 -21.58 46.78
C ASP J 74 -35.10 -21.91 45.34
N THR J 75 -34.40 -23.00 45.00
CA THR J 75 -34.19 -23.27 43.62
C THR J 75 -34.34 -24.75 43.47
N ASN J 76 -35.59 -25.20 43.57
CA ASN J 76 -35.81 -26.61 43.45
C ASN J 76 -36.06 -26.92 42.03
N LEU J 77 -34.99 -26.91 41.24
CA LEU J 77 -35.14 -27.24 39.86
C LEU J 77 -35.10 -28.70 39.78
N VAL J 78 -36.23 -29.32 39.41
CA VAL J 78 -36.21 -30.73 39.26
C VAL J 78 -36.45 -31.00 37.83
N ILE J 79 -35.77 -32.01 37.28
CA ILE J 79 -36.28 -32.55 36.08
C ILE J 79 -36.03 -34.01 36.17
N VAL J 80 -37.09 -34.79 36.51
CA VAL J 80 -36.93 -36.18 36.81
C VAL J 80 -36.76 -36.93 35.53
N THR J 81 -36.21 -36.26 34.52
CA THR J 81 -36.25 -36.73 33.19
C THR J 81 -35.34 -37.93 33.13
N ASP J 82 -35.96 -39.10 32.97
CA ASP J 82 -35.27 -40.34 32.72
C ASP J 82 -35.50 -40.58 31.29
N LYS J 83 -36.80 -40.57 30.97
CA LYS J 83 -37.40 -41.08 29.79
C LYS J 83 -38.03 -42.39 30.13
N ARG J 84 -38.59 -42.51 31.35
CA ARG J 84 -39.58 -43.51 31.53
C ARG J 84 -40.87 -42.79 31.50
N THR J 85 -41.64 -42.95 32.58
CA THR J 85 -42.61 -41.96 32.91
C THR J 85 -41.88 -40.93 33.72
N TYR J 86 -42.63 -40.08 34.44
CA TYR J 86 -42.03 -38.82 34.73
C TYR J 86 -42.97 -38.03 35.59
N ASN J 87 -42.56 -37.72 36.85
CA ASN J 87 -43.27 -36.77 37.66
C ASN J 87 -42.29 -35.83 38.30
N ILE J 88 -42.57 -34.50 38.26
CA ILE J 88 -41.76 -33.53 38.94
C ILE J 88 -42.64 -32.38 39.34
N VAL J 89 -42.35 -31.75 40.50
CA VAL J 89 -43.08 -30.55 40.82
C VAL J 89 -42.12 -29.44 41.09
N LEU J 90 -42.11 -28.41 40.22
CA LEU J 90 -41.25 -27.29 40.46
C LEU J 90 -42.02 -26.26 41.21
N HIS J 91 -41.29 -25.41 41.96
CA HIS J 91 -41.82 -24.15 42.39
C HIS J 91 -40.69 -23.19 42.31
N PHE J 92 -40.96 -21.89 42.54
CA PHE J 92 -39.85 -20.98 42.53
C PHE J 92 -40.20 -19.73 43.25
N ILE J 93 -39.30 -19.30 44.16
CA ILE J 93 -39.39 -18.02 44.80
C ILE J 93 -38.02 -17.72 45.32
N GLY J 94 -37.21 -17.02 44.50
CA GLY J 94 -35.87 -16.66 44.89
C GLY J 94 -35.94 -15.23 45.30
N GLU J 95 -34.97 -14.40 44.84
CA GLU J 95 -34.91 -13.01 45.19
C GLU J 95 -36.27 -12.47 44.95
N GLU J 96 -36.93 -12.05 46.05
CA GLU J 96 -38.36 -11.99 46.06
C GLU J 96 -38.80 -11.06 44.98
N THR J 97 -38.09 -9.93 44.84
CA THR J 97 -38.27 -9.11 43.69
C THR J 97 -37.44 -9.72 42.61
N LYS J 98 -38.03 -10.63 41.81
CA LYS J 98 -37.32 -11.23 40.71
C LYS J 98 -38.10 -10.98 39.46
N LYS J 99 -37.74 -11.72 38.40
CA LYS J 99 -38.54 -11.80 37.21
C LYS J 99 -39.42 -12.97 37.42
N ASN J 100 -40.73 -12.68 37.70
CA ASN J 100 -41.62 -13.47 38.52
C ASN J 100 -41.37 -14.93 38.36
N ALA J 101 -40.81 -15.55 39.43
CA ALA J 101 -40.53 -16.96 39.42
C ALA J 101 -41.59 -17.59 40.25
N ASP J 102 -42.39 -16.73 40.91
CA ASP J 102 -43.27 -17.09 41.97
C ASP J 102 -44.10 -18.25 41.56
N GLY J 103 -44.88 -18.07 40.48
CA GLY J 103 -45.77 -19.09 40.02
C GLY J 103 -44.96 -20.32 39.83
N THR J 104 -45.54 -21.47 40.22
CA THR J 104 -44.81 -22.69 40.08
C THR J 104 -45.63 -23.65 39.27
N VAL J 105 -44.94 -24.66 38.73
CA VAL J 105 -45.46 -25.57 37.73
C VAL J 105 -45.45 -26.94 38.29
N SER J 106 -45.89 -27.90 37.45
CA SER J 106 -45.70 -29.30 37.67
C SER J 106 -45.50 -29.87 36.30
N LYS J 107 -44.75 -30.99 36.15
CA LYS J 107 -44.64 -31.51 34.82
C LYS J 107 -45.22 -32.89 34.82
N SER J 108 -46.14 -33.17 33.88
CA SER J 108 -46.34 -34.54 33.55
C SER J 108 -45.56 -34.81 32.30
N PHE J 109 -45.54 -36.08 31.87
CA PHE J 109 -44.60 -36.49 30.87
C PHE J 109 -44.81 -37.97 30.71
N ILE J 110 -45.68 -38.36 29.75
CA ILE J 110 -45.60 -39.71 29.26
C ILE J 110 -44.87 -39.61 27.97
N GLU J 111 -44.11 -40.67 27.63
CA GLU J 111 -43.50 -40.71 26.33
C GLU J 111 -44.43 -41.54 25.52
N THR J 112 -44.80 -42.71 26.08
CA THR J 112 -45.84 -43.59 25.61
C THR J 112 -46.99 -42.77 25.01
N LEU K 1 -26.07 -43.13 25.28
CA LEU K 1 -26.84 -42.68 24.10
C LEU K 1 -26.47 -43.49 22.89
N GLU K 2 -25.60 -42.94 22.03
CA GLU K 2 -25.15 -43.67 20.87
C GLU K 2 -24.25 -44.76 21.36
N VAL K 3 -23.60 -45.50 20.44
CA VAL K 3 -22.57 -46.43 20.79
C VAL K 3 -21.56 -45.65 21.55
N GLY K 4 -20.56 -45.13 20.83
CA GLY K 4 -19.67 -44.22 21.50
C GLY K 4 -20.52 -43.07 21.90
N ARG K 5 -20.52 -42.73 23.21
CA ARG K 5 -21.27 -41.57 23.60
C ARG K 5 -20.67 -40.44 22.84
N ASN K 6 -19.33 -40.30 22.92
CA ASN K 6 -18.67 -39.30 22.15
C ASN K 6 -19.11 -37.94 22.60
N SER K 7 -19.73 -37.84 23.79
CA SER K 7 -20.32 -36.57 24.08
C SER K 7 -19.86 -36.09 25.40
N PRO K 8 -19.40 -34.87 25.40
CA PRO K 8 -19.79 -33.94 26.42
C PRO K 8 -21.29 -33.90 26.32
N TYR K 9 -22.03 -34.00 27.45
CA TYR K 9 -23.40 -34.41 27.38
C TYR K 9 -24.19 -33.51 26.48
N ASP K 10 -24.37 -32.19 26.77
CA ASP K 10 -23.59 -31.27 27.56
C ASP K 10 -23.75 -31.57 29.02
N TYR K 11 -25.00 -31.64 29.50
CA TYR K 11 -25.20 -32.28 30.75
C TYR K 11 -26.31 -33.25 30.53
N ARG K 12 -26.81 -33.87 31.62
CA ARG K 12 -27.57 -35.06 31.45
C ARG K 12 -28.76 -34.81 30.59
N ILE K 13 -29.15 -35.86 29.84
CA ILE K 13 -30.16 -35.68 28.85
C ILE K 13 -31.20 -36.73 29.03
N LYS K 14 -31.97 -36.85 27.94
CA LYS K 14 -32.72 -37.94 27.44
C LYS K 14 -31.81 -39.10 27.35
N SER K 15 -31.26 -39.53 28.51
CA SER K 15 -30.44 -40.70 28.52
C SER K 15 -31.27 -41.79 27.93
N VAL K 16 -30.75 -42.38 26.85
CA VAL K 16 -31.51 -43.32 26.09
C VAL K 16 -31.73 -44.48 27.00
N VAL K 17 -32.97 -44.68 27.50
CA VAL K 17 -33.01 -45.60 28.59
C VAL K 17 -33.10 -46.98 28.09
N TYR K 18 -32.70 -47.91 28.95
CA TYR K 18 -32.15 -49.11 28.42
C TYR K 18 -32.52 -50.23 29.32
N ASN K 19 -31.85 -51.37 29.11
CA ASN K 19 -31.46 -52.21 30.19
C ASN K 19 -30.00 -51.89 30.38
N PRO K 20 -29.40 -52.31 31.46
CA PRO K 20 -28.20 -51.64 31.89
C PRO K 20 -27.03 -51.86 30.98
N VAL K 21 -27.23 -52.61 29.88
CA VAL K 21 -26.16 -52.96 29.02
C VAL K 21 -25.52 -51.73 28.45
N ASN K 22 -25.93 -51.29 27.25
CA ASN K 22 -25.14 -50.39 26.46
C ASN K 22 -24.78 -49.16 27.24
N VAL K 23 -25.80 -48.32 27.54
CA VAL K 23 -25.57 -47.11 28.27
C VAL K 23 -25.07 -47.47 29.63
N VAL K 24 -24.02 -46.77 30.13
CA VAL K 24 -23.63 -46.94 31.52
C VAL K 24 -23.70 -45.59 32.14
N LYS K 25 -23.62 -45.53 33.49
CA LYS K 25 -23.69 -44.25 34.12
C LYS K 25 -22.28 -43.84 34.32
N ILE K 26 -21.82 -42.95 33.43
CA ILE K 26 -20.42 -42.67 33.30
C ILE K 26 -20.11 -41.65 34.34
N ASP K 27 -21.15 -40.90 34.68
CA ASP K 27 -21.11 -39.72 35.50
C ASP K 27 -20.48 -39.97 36.85
N ALA K 28 -20.18 -38.85 37.55
CA ALA K 28 -19.28 -38.72 38.66
C ALA K 28 -18.42 -37.56 38.24
N VAL K 29 -17.35 -37.19 38.98
CA VAL K 29 -16.65 -36.02 38.51
C VAL K 29 -16.04 -36.35 37.20
N ALA K 30 -16.46 -35.65 36.13
CA ALA K 30 -16.00 -35.95 34.81
C ALA K 30 -15.82 -34.65 34.09
N GLY K 31 -15.50 -34.71 32.78
CA GLY K 31 -15.34 -33.50 32.01
C GLY K 31 -14.19 -33.71 31.09
N VAL K 32 -13.09 -34.26 31.64
CA VAL K 32 -11.83 -34.39 30.95
C VAL K 32 -12.04 -35.36 29.82
N ALA K 33 -12.03 -34.81 28.60
CA ALA K 33 -12.58 -35.34 27.37
C ALA K 33 -12.86 -36.80 27.43
N THR K 34 -14.01 -37.16 28.02
CA THR K 34 -14.47 -38.52 27.94
C THR K 34 -15.52 -38.51 26.89
N HIS K 35 -15.27 -39.20 25.78
CA HIS K 35 -16.29 -39.36 24.79
C HIS K 35 -17.34 -40.18 25.44
N ILE K 36 -17.26 -41.52 25.32
CA ILE K 36 -17.96 -42.35 26.25
C ILE K 36 -16.92 -43.07 27.04
N VAL K 37 -17.28 -43.64 28.21
CA VAL K 37 -16.37 -44.55 28.80
C VAL K 37 -16.77 -45.88 28.24
N VAL K 38 -17.22 -46.77 29.13
CA VAL K 38 -17.69 -48.13 28.95
C VAL K 38 -17.71 -48.54 27.51
N ALA K 39 -18.91 -48.89 27.03
CA ALA K 39 -19.12 -49.25 25.66
C ALA K 39 -18.54 -48.16 24.81
N PRO K 40 -18.44 -48.43 23.54
CA PRO K 40 -18.57 -49.73 22.97
C PRO K 40 -17.31 -50.47 23.32
N ASP K 41 -17.09 -51.64 22.70
CA ASP K 41 -15.81 -52.27 22.75
C ASP K 41 -14.99 -51.63 21.67
N GLU K 42 -15.65 -51.06 20.64
CA GLU K 42 -14.88 -50.34 19.69
C GLU K 42 -14.53 -49.04 20.33
N THR K 43 -13.67 -48.25 19.65
CA THR K 43 -13.10 -47.04 20.18
C THR K 43 -14.21 -46.16 20.62
N TYR K 44 -14.14 -45.66 21.88
CA TYR K 44 -15.21 -44.84 22.37
C TYR K 44 -15.35 -43.64 21.48
N ILE K 45 -14.29 -42.81 21.31
CA ILE K 45 -12.95 -43.12 21.73
C ILE K 45 -12.68 -42.50 23.05
N THR K 46 -11.44 -42.69 23.52
CA THR K 46 -11.17 -42.93 24.91
C THR K 46 -11.43 -41.69 25.70
N HIS K 47 -11.30 -41.86 27.03
CA HIS K 47 -11.64 -40.86 27.98
C HIS K 47 -10.40 -40.59 28.77
N ALA K 48 -10.30 -39.36 29.31
CA ALA K 48 -9.57 -39.16 30.51
C ALA K 48 -10.64 -39.12 31.55
N PHE K 49 -10.26 -39.26 32.84
CA PHE K 49 -11.30 -39.11 33.80
C PHE K 49 -10.82 -38.17 34.83
N GLY K 50 -11.66 -37.91 35.83
CA GLY K 50 -11.24 -37.23 37.02
C GLY K 50 -10.81 -35.85 36.70
N ASP K 51 -10.98 -35.43 35.43
CA ASP K 51 -10.51 -34.15 35.04
C ASP K 51 -9.07 -34.07 35.42
N SER K 52 -8.40 -35.22 35.32
CA SER K 52 -7.00 -35.30 35.62
C SER K 52 -6.39 -36.16 34.58
N GLU K 53 -5.20 -36.69 34.88
CA GLU K 53 -4.61 -37.67 34.02
C GLU K 53 -3.84 -38.56 34.93
N SER K 54 -4.54 -39.06 35.94
CA SER K 54 -4.04 -40.05 36.83
C SER K 54 -5.00 -41.18 36.63
N ARG K 55 -4.59 -42.40 36.93
CA ARG K 55 -5.60 -43.41 36.91
C ARG K 55 -4.95 -44.64 37.41
N THR K 56 -5.76 -45.57 37.93
CA THR K 56 -5.18 -46.65 38.64
C THR K 56 -4.72 -47.68 37.66
N PHE K 57 -3.79 -48.52 38.15
CA PHE K 57 -2.63 -48.95 37.43
C PHE K 57 -2.45 -50.39 37.74
N ALA K 58 -2.70 -50.74 39.02
CA ALA K 58 -2.64 -52.11 39.35
C ALA K 58 -3.76 -52.73 38.59
N HIS K 59 -3.74 -54.06 38.49
CA HIS K 59 -4.86 -54.66 37.83
C HIS K 59 -5.66 -55.34 38.88
N LYS K 60 -6.97 -55.06 38.90
CA LYS K 60 -7.78 -55.62 39.93
C LYS K 60 -7.94 -57.05 39.58
N MET K 61 -8.85 -57.31 38.62
CA MET K 61 -9.01 -58.59 38.02
C MET K 61 -8.56 -58.44 36.60
N ASN K 62 -9.13 -59.26 35.70
CA ASN K 62 -9.06 -58.97 34.30
C ASN K 62 -9.48 -57.56 34.18
N HIS K 63 -10.80 -57.33 34.27
CA HIS K 63 -11.22 -55.97 34.30
C HIS K 63 -10.63 -55.38 35.51
N PHE K 64 -10.16 -54.14 35.40
CA PHE K 64 -9.38 -53.71 36.50
C PHE K 64 -9.47 -52.22 36.60
N PHE K 65 -9.26 -51.73 37.84
CA PHE K 65 -9.63 -50.39 38.23
C PHE K 65 -8.94 -49.42 37.32
N VAL K 66 -9.44 -48.16 37.33
CA VAL K 66 -8.57 -47.02 37.22
C VAL K 66 -9.15 -46.00 38.13
N LYS K 67 -8.32 -45.10 38.69
CA LYS K 67 -8.93 -44.20 39.61
C LYS K 67 -8.17 -42.93 39.66
N PRO K 68 -8.44 -42.00 38.77
CA PRO K 68 -8.02 -40.65 38.94
C PRO K 68 -8.62 -40.16 40.21
N LYS K 69 -7.83 -39.50 41.07
CA LYS K 69 -8.40 -38.74 42.14
C LYS K 69 -8.44 -37.32 41.66
N GLN K 70 -9.62 -36.67 41.72
CA GLN K 70 -9.63 -35.35 41.19
C GLN K 70 -8.94 -34.45 42.17
N ALA K 71 -9.71 -33.81 43.08
CA ALA K 71 -9.10 -32.86 43.97
C ALA K 71 -8.60 -33.57 45.19
N MET K 72 -8.61 -32.85 46.33
CA MET K 72 -8.21 -33.43 47.58
C MET K 72 -9.43 -34.08 48.14
N SER K 73 -10.59 -33.57 47.70
CA SER K 73 -11.88 -34.01 48.16
C SER K 73 -12.04 -35.46 47.84
N ASP K 74 -13.18 -36.03 48.25
CA ASP K 74 -13.42 -37.43 48.02
C ASP K 74 -13.63 -37.58 46.57
N THR K 75 -12.72 -38.30 45.91
CA THR K 75 -12.78 -38.34 44.50
C THR K 75 -12.46 -39.74 44.11
N ASN K 76 -13.43 -40.63 44.36
CA ASN K 76 -13.18 -42.01 44.04
C ASN K 76 -13.67 -42.25 42.67
N LEU K 77 -12.88 -41.77 41.70
CA LEU K 77 -13.26 -41.98 40.34
C LEU K 77 -12.75 -43.32 39.99
N VAL K 78 -13.66 -44.27 39.74
CA VAL K 78 -13.21 -45.55 39.33
C VAL K 78 -13.70 -45.74 37.96
N ILE K 79 -12.88 -46.38 37.11
CA ILE K 79 -13.46 -46.94 35.95
C ILE K 79 -12.72 -48.22 35.73
N VAL K 80 -13.33 -49.35 36.12
CA VAL K 80 -12.65 -50.62 36.13
C VAL K 80 -12.57 -51.12 34.73
N THR K 81 -12.54 -50.19 33.77
CA THR K 81 -12.74 -50.51 32.41
C THR K 81 -11.55 -51.29 31.97
N ASP K 82 -11.75 -52.59 31.72
CA ASP K 82 -10.77 -53.45 31.12
C ASP K 82 -11.24 -53.62 29.74
N LYS K 83 -12.52 -54.05 29.69
CA LYS K 83 -13.19 -54.62 28.57
C LYS K 83 -13.24 -56.11 28.79
N ARG K 84 -13.41 -56.53 30.05
CA ARG K 84 -13.93 -57.85 30.24
C ARG K 84 -15.37 -57.64 30.59
N THR K 85 -15.74 -58.18 31.75
CA THR K 85 -16.87 -57.64 32.43
C THR K 85 -16.36 -56.50 33.25
N TYR K 86 -17.15 -56.05 34.25
CA TYR K 86 -16.94 -54.70 34.64
C TYR K 86 -17.85 -54.41 35.80
N ASN K 87 -17.28 -54.09 36.98
CA ASN K 87 -18.05 -53.55 38.08
C ASN K 87 -17.30 -52.39 38.67
N ILE K 88 -18.01 -51.25 38.92
CA ILE K 88 -17.43 -50.13 39.61
C ILE K 88 -18.50 -49.42 40.35
N VAL K 89 -18.17 -48.86 41.54
CA VAL K 89 -19.15 -48.03 42.20
C VAL K 89 -18.58 -46.68 42.47
N LEU K 90 -19.13 -45.64 41.82
CA LEU K 90 -18.65 -44.32 42.08
C LEU K 90 -19.51 -43.72 43.15
N HIS K 91 -18.94 -42.74 43.88
CA HIS K 91 -19.74 -41.82 44.63
C HIS K 91 -19.04 -40.49 44.50
N PHE K 92 -19.67 -39.41 45.01
CA PHE K 92 -18.96 -38.17 44.95
C PHE K 92 -19.52 -37.21 45.94
N ILE K 93 -18.62 -36.57 46.72
CA ILE K 93 -18.97 -35.49 47.59
C ILE K 93 -17.69 -34.77 47.87
N GLY K 94 -17.39 -33.74 47.05
CA GLY K 94 -16.20 -32.95 47.23
C GLY K 94 -16.62 -31.70 47.90
N GLU K 95 -16.12 -30.53 47.41
CA GLU K 95 -16.45 -29.25 47.99
C GLU K 95 -17.93 -29.22 48.11
N GLU K 96 -18.40 -29.18 49.38
CA GLU K 96 -19.72 -29.66 49.68
C GLU K 96 -20.69 -28.85 48.89
N THR K 97 -20.45 -27.52 48.82
CA THR K 97 -21.17 -26.72 47.90
C THR K 97 -20.47 -26.88 46.59
N LYS K 98 -20.92 -27.85 45.77
CA LYS K 98 -20.33 -28.04 44.46
C LYS K 98 -21.43 -27.97 43.46
N LYS K 99 -21.12 -28.41 42.22
CA LYS K 99 -22.12 -28.66 41.22
C LYS K 99 -22.48 -30.09 41.38
N ASN K 100 -23.69 -30.32 41.95
CA ASN K 100 -24.05 -31.46 42.77
C ASN K 100 -23.37 -32.70 42.31
N ALA K 101 -22.40 -33.17 43.12
CA ALA K 101 -21.68 -34.38 42.80
C ALA K 101 -22.23 -35.44 43.70
N ASP K 102 -23.08 -34.99 44.64
CA ASP K 102 -23.50 -35.76 45.77
C ASP K 102 -23.98 -37.09 45.33
N GLY K 103 -25.02 -37.10 44.47
CA GLY K 103 -25.61 -38.32 44.02
C GLY K 103 -24.51 -39.16 43.46
N THR K 104 -24.55 -40.47 43.73
CA THR K 104 -23.52 -41.31 43.23
C THR K 104 -24.15 -42.42 42.45
N VAL K 105 -23.31 -43.05 41.60
CA VAL K 105 -23.73 -43.98 40.58
C VAL K 105 -23.13 -45.31 40.87
N SER K 106 -23.41 -46.27 39.97
CA SER K 106 -22.71 -47.52 39.89
C SER K 106 -22.69 -47.83 38.43
N LYS K 107 -21.67 -48.58 37.94
CA LYS K 107 -21.73 -48.90 36.54
C LYS K 107 -21.78 -50.38 36.40
N SER K 108 -22.77 -50.88 35.63
CA SER K 108 -22.58 -52.20 35.10
C SER K 108 -22.09 -52.02 33.70
N PHE K 109 -21.74 -53.15 33.05
CA PHE K 109 -20.99 -53.10 31.83
C PHE K 109 -20.75 -54.52 31.45
N ILE K 110 -21.64 -55.11 30.62
CA ILE K 110 -21.25 -56.29 29.90
C ILE K 110 -20.92 -55.80 28.53
N GLU K 111 -19.96 -56.46 27.86
CA GLU K 111 -19.71 -56.16 26.48
C GLU K 111 -20.49 -57.17 25.72
N THR K 112 -20.29 -58.45 26.13
CA THR K 112 -21.06 -59.59 25.72
C THR K 112 -22.52 -59.20 25.51
N LEU L 1 -3.28 -51.96 21.67
CA LEU L 1 -4.43 -51.70 20.76
C LEU L 1 -4.11 -52.19 19.37
N GLU L 2 -3.71 -51.28 18.47
CA GLU L 2 -3.34 -51.67 17.13
C GLU L 2 -2.04 -52.41 17.23
N VAL L 3 -1.42 -52.76 16.09
CA VAL L 3 -0.10 -53.29 16.07
C VAL L 3 0.75 -52.27 16.74
N GLY L 4 1.31 -51.35 15.94
CA GLY L 4 1.98 -50.25 16.58
C GLY L 4 0.92 -49.53 17.34
N ARG L 5 1.14 -49.35 18.66
CA ARG L 5 0.17 -48.59 19.39
C ARG L 5 0.15 -47.25 18.75
N ASN L 6 1.34 -46.64 18.60
CA ASN L 6 1.43 -45.39 17.90
C ASN L 6 0.68 -44.35 18.67
N SER L 7 0.37 -44.59 19.96
CA SER L 7 -0.52 -43.66 20.57
C SER L 7 0.07 -43.18 21.85
N PRO L 8 0.09 -41.89 21.97
CA PRO L 8 -0.33 -41.27 23.21
C PRO L 8 -1.73 -41.77 23.41
N TYR L 9 -2.09 -42.24 24.62
CA TYR L 9 -3.23 -43.11 24.74
C TYR L 9 -4.46 -42.47 24.19
N ASP L 10 -4.99 -41.35 24.74
CA ASP L 10 -4.40 -40.29 25.52
C ASP L 10 -4.09 -40.77 26.90
N TYR L 11 -5.08 -41.34 27.59
CA TYR L 11 -4.75 -42.14 28.72
C TYR L 11 -5.49 -43.42 28.55
N ARG L 12 -5.48 -44.28 29.59
CA ARG L 12 -5.81 -45.64 29.36
C ARG L 12 -7.19 -45.75 28.80
N ILE L 13 -7.39 -46.78 27.97
CA ILE L 13 -8.61 -46.90 27.24
C ILE L 13 -9.16 -48.26 27.43
N LYS L 14 -10.08 -48.54 26.50
CA LYS L 14 -10.54 -49.77 25.96
C LYS L 14 -9.34 -50.51 25.49
N SER L 15 -8.42 -50.82 26.43
CA SER L 15 -7.27 -51.62 26.07
C SER L 15 -7.82 -52.86 25.46
N VAL L 16 -7.41 -53.11 24.21
CA VAL L 16 -7.97 -54.19 23.46
C VAL L 16 -7.57 -55.43 24.17
N VAL L 17 -8.51 -56.12 24.86
CA VAL L 17 -7.98 -57.09 25.76
C VAL L 17 -7.73 -58.35 25.04
N TYR L 18 -6.85 -59.16 25.63
CA TYR L 18 -6.08 -60.01 24.79
C TYR L 18 -5.82 -61.27 25.54
N ASN L 19 -4.88 -62.06 24.99
CA ASN L 19 -3.99 -62.81 25.81
C ASN L 19 -2.72 -62.01 25.77
N PRO L 20 -1.76 -62.28 26.61
CA PRO L 20 -0.79 -61.27 26.93
C PRO L 20 0.12 -60.96 25.78
N VAL L 21 -0.07 -61.61 24.62
CA VAL L 21 0.82 -61.47 23.52
C VAL L 21 0.85 -60.03 23.07
N ASN L 22 0.03 -59.66 22.07
CA ASN L 22 0.26 -58.45 21.31
C ASN L 22 0.37 -57.26 22.22
N VAL L 23 -0.76 -56.88 22.86
CA VAL L 23 -0.77 -55.75 23.74
C VAL L 23 0.14 -56.04 24.89
N VAL L 24 0.98 -55.07 25.30
CA VAL L 24 1.74 -55.21 26.52
C VAL L 24 1.38 -54.05 27.38
N LYS L 25 1.76 -54.10 28.67
CA LYS L 25 1.42 -53.01 29.53
C LYS L 25 2.62 -52.13 29.52
N ILE L 26 2.52 -51.04 28.73
CA ILE L 26 3.68 -50.28 28.38
C ILE L 26 3.88 -49.33 29.52
N ASP L 27 2.75 -49.04 30.19
CA ASP L 27 2.60 -48.02 31.18
C ASP L 27 3.59 -48.15 32.31
N ALA L 28 3.66 -47.07 33.13
CA ALA L 28 4.72 -46.72 34.04
C ALA L 28 5.01 -45.31 33.69
N VAL L 29 6.05 -44.65 34.26
CA VAL L 29 6.18 -43.26 33.88
C VAL L 29 6.54 -43.22 32.44
N ALA L 30 5.64 -42.61 31.62
CA ALA L 30 5.84 -42.59 30.20
C ALA L 30 5.40 -41.24 29.70
N GLY L 31 5.39 -41.06 28.37
CA GLY L 31 4.95 -39.81 27.81
C GLY L 31 5.85 -39.48 26.67
N VAL L 32 7.16 -39.65 26.88
CA VAL L 32 8.18 -39.24 25.95
C VAL L 32 8.04 -40.10 24.73
N ALA L 33 7.56 -39.47 23.65
CA ALA L 33 6.93 -40.03 22.47
C ALA L 33 7.19 -41.49 22.32
N THR L 34 6.40 -42.31 23.05
CA THR L 34 6.40 -43.72 22.81
C THR L 34 5.19 -44.00 22.01
N HIS L 35 5.39 -44.43 20.76
CA HIS L 35 4.26 -44.85 19.98
C HIS L 35 3.74 -46.07 20.67
N ILE L 36 4.22 -47.26 20.28
CA ILE L 36 4.09 -48.38 21.17
C ILE L 36 5.46 -48.74 21.61
N VAL L 37 5.61 -49.52 22.70
CA VAL L 37 6.90 -50.09 22.92
C VAL L 37 6.84 -51.41 22.22
N VAL L 38 6.93 -52.49 23.02
CA VAL L 38 6.91 -53.90 22.69
C VAL L 38 6.68 -54.15 21.23
N ALA L 39 5.59 -54.86 20.93
CA ALA L 39 5.18 -55.12 19.59
C ALA L 39 5.13 -53.83 18.85
N PRO L 40 5.01 -53.91 17.56
CA PRO L 40 5.18 -55.11 16.79
C PRO L 40 6.66 -55.37 16.76
N ASP L 41 7.10 -56.31 15.90
CA ASP L 41 8.48 -56.43 15.60
C ASP L 41 8.75 -55.44 14.51
N GLU L 42 7.71 -55.05 13.75
CA GLU L 42 7.94 -54.00 12.81
C GLU L 42 7.98 -52.73 13.59
N THR L 43 8.34 -51.63 12.91
CA THR L 43 8.59 -50.35 13.54
C THR L 43 7.39 -49.98 14.33
N TYR L 44 7.60 -49.62 15.62
CA TYR L 44 6.47 -49.29 16.45
C TYR L 44 5.72 -48.14 15.83
N ILE L 45 6.39 -46.97 15.62
CA ILE L 45 7.80 -46.81 15.70
C ILE L 45 8.16 -46.28 17.05
N THR L 46 9.48 -46.06 17.23
CA THR L 46 10.15 -46.30 18.46
C THR L 46 9.69 -45.34 19.50
N HIS L 47 10.18 -45.58 20.73
CA HIS L 47 9.78 -44.87 21.89
C HIS L 47 11.02 -44.24 22.46
N ALA L 48 10.82 -43.13 23.18
CA ALA L 48 11.72 -42.79 24.23
C ALA L 48 10.99 -43.25 25.45
N PHE L 49 11.69 -43.38 26.60
CA PHE L 49 10.92 -43.71 27.75
C PHE L 49 11.31 -42.76 28.82
N GLY L 50 10.70 -42.93 29.99
CA GLY L 50 11.15 -42.27 31.19
C GLY L 50 11.01 -40.80 31.04
N ASP L 51 10.40 -40.35 29.93
CA ASP L 51 10.31 -38.95 29.68
C ASP L 51 11.68 -38.39 29.79
N SER L 52 12.66 -39.20 29.36
CA SER L 52 14.03 -38.79 29.36
C SER L 52 14.62 -39.26 28.08
N GLU L 53 15.95 -39.36 28.04
CA GLU L 53 16.60 -39.97 26.93
C GLU L 53 17.82 -40.59 27.50
N SER L 54 17.59 -41.43 28.52
CA SER L 54 18.59 -42.24 29.10
C SER L 54 18.04 -43.61 28.89
N ARG L 55 18.90 -44.63 28.88
CA ARG L 55 18.30 -45.93 28.87
C ARG L 55 19.44 -46.88 29.00
N THR L 56 19.12 -48.09 29.50
CA THR L 56 20.19 -48.94 29.88
C THR L 56 20.71 -49.64 28.66
N PHE L 57 21.95 -50.13 28.80
CA PHE L 57 22.97 -50.03 27.81
C PHE L 57 23.69 -51.34 27.82
N ALA L 58 23.90 -51.87 29.03
CA ALA L 58 24.48 -53.16 29.09
C ALA L 58 23.48 -54.06 28.46
N HIS L 59 23.92 -55.28 28.12
CA HIS L 59 22.94 -56.16 27.59
C HIS L 59 22.69 -57.19 28.63
N LYS L 60 21.40 -57.41 28.96
CA LYS L 60 21.11 -58.34 30.02
C LYS L 60 21.34 -59.68 29.44
N MET L 61 20.36 -60.14 28.64
CA MET L 61 20.51 -61.34 27.87
C MET L 61 20.52 -60.89 26.44
N ASN L 62 20.05 -61.77 25.54
CA ASN L 62 19.68 -61.34 24.23
C ASN L 62 18.79 -60.16 24.45
N HIS L 63 17.54 -60.45 24.83
CA HIS L 63 16.71 -59.35 25.18
C HIS L 63 17.34 -58.70 26.34
N PHE L 64 17.33 -57.37 26.37
CA PHE L 64 18.17 -56.79 27.35
C PHE L 64 17.62 -55.47 27.74
N PHE L 65 17.96 -55.05 28.98
CA PHE L 65 17.28 -53.99 29.67
C PHE L 65 17.35 -52.75 28.83
N VAL L 66 16.49 -51.76 29.17
CA VAL L 66 16.87 -50.38 29.10
C VAL L 66 16.24 -49.74 30.27
N LYS L 67 16.82 -48.66 30.82
CA LYS L 67 16.20 -48.15 31.98
C LYS L 67 16.48 -46.69 32.11
N PRO L 68 15.71 -45.84 31.48
CA PRO L 68 15.69 -44.45 31.79
C PRO L 68 15.27 -44.35 33.23
N LYS L 69 16.00 -43.53 34.02
CA LYS L 69 15.48 -43.14 35.30
C LYS L 69 14.87 -41.80 35.10
N GLN L 70 13.60 -41.63 35.50
CA GLN L 70 13.00 -40.35 35.23
C GLN L 70 13.58 -39.37 36.21
N ALA L 71 12.89 -39.15 37.34
CA ALA L 71 13.34 -38.14 38.26
C ALA L 71 14.33 -38.73 39.21
N MET L 72 14.37 -38.18 40.43
CA MET L 72 15.23 -38.70 41.46
C MET L 72 14.47 -39.79 42.12
N SER L 73 13.13 -39.71 42.02
CA SER L 73 12.22 -40.63 42.63
C SER L 73 12.48 -41.99 42.08
N ASP L 74 11.73 -42.99 42.60
CA ASP L 74 11.92 -44.34 42.18
C ASP L 74 11.41 -44.42 40.80
N THR L 75 12.33 -44.69 39.85
CA THR L 75 11.94 -44.60 38.49
C THR L 75 12.60 -45.74 37.81
N ASN L 76 12.07 -46.94 38.07
CA ASN L 76 12.67 -48.10 37.48
C ASN L 76 11.97 -48.36 36.20
N LEU L 77 12.29 -47.53 35.20
CA LEU L 77 11.70 -47.73 33.92
C LEU L 77 12.51 -48.75 33.24
N VAL L 78 11.94 -49.93 33.01
CA VAL L 78 12.67 -50.92 32.30
C VAL L 78 11.96 -51.14 31.03
N ILE L 79 12.70 -51.34 29.94
CA ILE L 79 12.09 -51.96 28.83
C ILE L 79 13.13 -52.85 28.25
N VAL L 80 13.03 -54.16 28.54
CA VAL L 80 14.08 -55.09 28.19
C VAL L 80 13.98 -55.39 26.73
N THR L 81 13.47 -54.42 25.97
CA THR L 81 13.06 -54.65 24.63
C THR L 81 14.29 -54.89 23.83
N ASP L 82 14.48 -56.15 23.41
CA ASP L 82 15.50 -56.53 22.48
C ASP L 82 14.79 -56.72 21.22
N LYS L 83 13.77 -57.58 21.33
CA LYS L 83 13.08 -58.24 20.28
C LYS L 83 13.56 -59.65 20.23
N ARG L 84 13.87 -60.23 21.40
CA ARG L 84 13.87 -61.66 21.45
C ARG L 84 12.58 -62.03 22.10
N THR L 85 12.70 -62.78 23.20
CA THR L 85 11.66 -62.76 24.17
C THR L 85 11.96 -61.61 25.07
N TYR L 86 11.32 -61.57 26.27
CA TYR L 86 11.15 -60.28 26.85
C TYR L 86 10.52 -60.46 28.18
N ASN L 87 11.22 -60.07 29.28
CA ASN L 87 10.62 -59.96 30.58
C ASN L 87 11.05 -58.67 31.22
N ILE L 88 10.10 -57.90 31.80
CA ILE L 88 10.42 -56.72 32.55
C ILE L 88 9.38 -56.52 33.61
N VAL L 89 9.79 -56.00 34.79
CA VAL L 89 8.79 -55.67 35.77
C VAL L 89 8.93 -54.23 36.15
N LEU L 90 7.92 -53.41 35.83
CA LEU L 90 7.98 -52.03 36.22
C LEU L 90 7.26 -51.89 37.52
N HIS L 91 7.63 -50.86 38.29
CA HIS L 91 6.78 -50.37 39.34
C HIS L 91 6.95 -48.88 39.32
N PHE L 92 6.14 -48.15 40.12
CA PHE L 92 6.36 -46.73 40.16
C PHE L 92 5.77 -46.15 41.39
N ILE L 93 6.57 -45.31 42.08
CA ILE L 93 6.10 -44.52 43.18
C ILE L 93 7.10 -43.42 43.34
N GLY L 94 6.83 -42.27 42.67
CA GLY L 94 7.70 -41.13 42.76
C GLY L 94 7.07 -40.19 43.71
N GLU L 95 7.02 -38.88 43.36
CA GLU L 95 6.44 -37.87 44.21
C GLU L 95 5.10 -38.39 44.62
N GLU L 96 4.97 -38.66 45.94
CA GLU L 96 4.00 -39.60 46.40
C GLU L 96 2.65 -39.12 45.97
N THR L 97 2.42 -37.81 46.10
CA THR L 97 1.27 -37.24 45.49
C THR L 97 1.64 -36.99 44.06
N LYS L 98 1.36 -37.97 43.18
CA LYS L 98 1.64 -37.81 41.76
C LYS L 98 0.36 -38.04 41.03
N LYS L 99 0.49 -38.21 39.70
CA LYS L 99 -0.58 -38.69 38.87
C LYS L 99 -0.40 -40.18 38.85
N ASN L 100 -1.29 -40.89 39.59
CA ASN L 100 -1.03 -42.15 40.25
C ASN L 100 -0.11 -43.02 39.44
N ALA L 101 1.13 -43.18 39.95
CA ALA L 101 2.09 -44.00 39.29
C ALA L 101 2.17 -45.27 40.07
N ASP L 102 1.47 -45.26 41.22
CA ASP L 102 1.62 -46.24 42.26
C ASP L 102 1.52 -47.61 41.69
N GLY L 103 0.37 -47.89 41.05
CA GLY L 103 0.13 -49.20 40.51
C GLY L 103 1.28 -49.51 39.60
N THR L 104 1.73 -50.78 39.65
CA THR L 104 2.82 -51.13 38.81
C THR L 104 2.43 -52.31 37.98
N VAL L 105 3.19 -52.51 36.89
CA VAL L 105 2.87 -53.41 35.81
C VAL L 105 3.94 -54.45 35.74
N SER L 106 3.77 -55.36 34.76
CA SER L 106 4.79 -56.25 34.32
C SER L 106 4.57 -56.39 32.85
N LYS L 107 5.63 -56.66 32.05
CA LYS L 107 5.35 -56.84 30.65
C LYS L 107 5.75 -58.22 30.26
N SER L 108 4.82 -58.96 29.61
CA SER L 108 5.31 -60.06 28.83
C SER L 108 5.35 -59.59 27.42
N PHE L 109 5.88 -60.43 26.52
CA PHE L 109 6.25 -60.00 25.21
C PHE L 109 6.85 -61.19 24.54
N ILE L 110 6.03 -61.96 23.80
CA ILE L 110 6.61 -62.84 22.82
C ILE L 110 6.41 -62.14 21.52
N GLU L 111 7.33 -62.33 20.57
CA GLU L 111 7.13 -61.83 19.25
C GLU L 111 6.57 -62.97 18.49
N THR L 112 7.27 -64.12 18.60
CA THR L 112 6.84 -65.43 18.16
C THR L 112 5.34 -65.56 18.31
N LEU M 1 19.52 -51.48 12.19
CA LEU M 1 18.17 -51.56 11.58
C LEU M 1 18.29 -51.77 10.09
N GLU M 2 18.13 -50.68 9.30
CA GLU M 2 18.27 -50.78 7.87
C GLU M 2 19.73 -51.00 7.59
N VAL M 3 20.12 -50.99 6.30
CA VAL M 3 21.50 -50.99 5.93
C VAL M 3 22.11 -49.82 6.60
N GLY M 4 22.12 -48.67 5.88
CA GLY M 4 22.52 -47.47 6.57
C GLY M 4 21.50 -47.27 7.63
N ARG M 5 21.95 -47.16 8.90
CA ARG M 5 21.01 -46.88 9.93
C ARG M 5 20.38 -45.58 9.56
N ASN M 6 21.23 -44.57 9.29
CA ASN M 6 20.72 -43.31 8.82
C ASN M 6 19.89 -42.69 9.89
N SER M 7 20.00 -43.16 11.16
CA SER M 7 19.03 -42.68 12.09
C SER M 7 19.72 -42.16 13.30
N PRO M 8 19.34 -40.96 13.64
CA PRO M 8 19.05 -40.67 15.02
C PRO M 8 17.98 -41.65 15.40
N TYR M 9 18.12 -42.34 16.55
CA TYR M 9 17.39 -43.57 16.74
C TYR M 9 15.92 -43.38 16.55
N ASP M 10 15.21 -42.58 17.39
CA ASP M 10 15.58 -41.47 18.22
C ASP M 10 16.36 -41.93 19.40
N TYR M 11 15.81 -42.88 20.16
CA TYR M 11 16.66 -43.62 21.04
C TYR M 11 16.37 -45.06 20.79
N ARG M 12 16.92 -45.95 21.63
CA ARG M 12 17.01 -47.32 21.23
C ARG M 12 15.65 -47.87 20.94
N ILE M 13 15.61 -48.81 19.99
CA ILE M 13 14.36 -49.28 19.50
C ILE M 13 14.36 -50.77 19.54
N LYS M 14 13.38 -51.27 18.78
CA LYS M 14 13.24 -52.53 18.13
C LYS M 14 14.47 -52.73 17.31
N SER M 15 15.64 -52.77 17.97
CA SER M 15 16.85 -53.06 17.27
C SER M 15 16.62 -54.35 16.56
N VAL M 16 16.77 -54.30 15.23
CA VAL M 16 16.44 -55.43 14.42
C VAL M 16 17.38 -56.51 14.81
N VAL M 17 16.93 -57.56 15.53
CA VAL M 17 17.95 -58.35 16.11
C VAL M 17 18.42 -59.35 15.15
N TYR M 18 19.64 -59.84 15.40
CA TYR M 18 20.41 -60.27 14.30
C TYR M 18 21.24 -61.41 14.73
N ASN M 19 22.23 -61.74 13.88
CA ASN M 19 23.50 -62.20 14.36
C ASN M 19 24.38 -60.99 14.23
N PRO M 20 25.54 -60.98 14.81
CA PRO M 20 26.17 -59.71 15.10
C PRO M 20 26.62 -58.98 13.87
N VAL M 21 26.37 -59.55 12.68
CA VAL M 21 26.86 -58.97 11.47
C VAL M 21 26.31 -57.59 11.29
N ASN M 22 25.19 -57.45 10.55
CA ASN M 22 24.83 -56.17 9.99
C ASN M 22 24.74 -55.12 11.06
N VAL M 23 23.74 -55.24 11.96
CA VAL M 23 23.57 -54.29 13.02
C VAL M 23 24.79 -54.34 13.89
N VAL M 24 25.33 -53.17 14.30
CA VAL M 24 26.36 -53.16 15.32
C VAL M 24 25.86 -52.30 16.42
N LYS M 25 26.54 -52.33 17.58
CA LYS M 25 26.08 -51.53 18.67
C LYS M 25 26.88 -50.28 18.58
N ILE M 26 26.24 -49.22 18.04
CA ILE M 26 26.96 -48.06 17.62
C ILE M 26 27.10 -47.22 18.85
N ASP M 27 26.14 -47.42 19.76
CA ASP M 27 25.91 -46.64 20.93
C ASP M 27 27.13 -46.51 21.80
N ALA M 28 27.04 -45.57 22.78
CA ALA M 28 28.11 -44.96 23.52
C ALA M 28 27.82 -43.50 23.38
N VAL M 29 28.69 -42.57 23.84
CA VAL M 29 28.25 -41.20 23.71
C VAL M 29 28.21 -40.89 22.25
N ALA M 30 26.99 -40.57 21.74
CA ALA M 30 26.82 -40.33 20.34
C ALA M 30 25.86 -39.20 20.19
N GLY M 31 25.45 -38.90 18.94
CA GLY M 31 24.50 -37.85 18.71
C GLY M 31 24.93 -37.10 17.49
N VAL M 32 26.24 -36.81 17.41
CA VAL M 32 26.80 -35.96 16.39
C VAL M 32 26.67 -36.69 15.08
N ALA M 33 25.75 -36.16 14.25
CA ALA M 33 25.08 -36.79 13.13
C ALA M 33 25.75 -38.04 12.67
N THR M 34 25.49 -39.16 13.38
CA THR M 34 25.90 -40.45 12.90
C THR M 34 24.69 -41.06 12.32
N HIS M 35 24.70 -41.26 10.99
CA HIS M 35 23.63 -41.98 10.38
C HIS M 35 23.73 -43.37 10.92
N ILE M 36 24.47 -44.26 10.25
CA ILE M 36 24.93 -45.43 10.93
C ILE M 36 26.42 -45.31 11.02
N VAL M 37 27.07 -46.09 11.90
CA VAL M 37 28.49 -46.17 11.77
C VAL M 37 28.70 -47.35 10.87
N VAL M 38 29.34 -48.40 11.42
CA VAL M 38 29.71 -49.67 10.85
C VAL M 38 29.22 -49.85 9.44
N ALA M 39 28.39 -50.86 9.24
CA ALA M 39 27.78 -51.13 7.97
C ALA M 39 27.13 -49.88 7.51
N PRO M 40 26.72 -49.87 6.27
CA PRO M 40 27.09 -50.83 5.28
C PRO M 40 28.51 -50.54 4.92
N ASP M 41 29.01 -51.16 3.84
CA ASP M 41 30.24 -50.73 3.25
C ASP M 41 29.89 -49.61 2.33
N GLU M 42 28.64 -49.56 1.87
CA GLU M 42 28.26 -48.40 1.11
C GLU M 42 28.07 -47.29 2.08
N THR M 43 27.87 -46.07 1.56
CA THR M 43 27.83 -44.86 2.34
C THR M 43 26.80 -45.03 3.41
N TYR M 44 27.19 -44.75 4.67
CA TYR M 44 26.26 -44.94 5.75
C TYR M 44 25.05 -44.09 5.51
N ILE M 45 25.21 -42.75 5.38
CA ILE M 45 26.46 -42.09 5.22
C ILE M 45 26.94 -41.59 6.54
N THR M 46 28.11 -40.92 6.50
CA THR M 46 29.10 -41.04 7.52
C THR M 46 28.63 -40.42 8.78
N HIS M 47 29.46 -40.59 9.82
CA HIS M 47 29.13 -40.19 11.15
C HIS M 47 30.19 -39.22 11.58
N ALA M 48 29.83 -38.33 12.51
CA ALA M 48 30.79 -37.79 13.41
C ALA M 48 30.57 -38.61 14.65
N PHE M 49 31.53 -38.58 15.59
CA PHE M 49 31.22 -39.28 16.79
C PHE M 49 31.52 -38.37 17.92
N GLY M 50 31.31 -38.87 19.15
CA GLY M 50 31.79 -38.21 20.32
C GLY M 50 31.14 -36.88 20.47
N ASP M 51 30.17 -36.57 19.59
CA ASP M 51 29.55 -35.28 19.63
C ASP M 51 30.65 -34.28 19.57
N SER M 52 31.70 -34.64 18.82
CA SER M 52 32.81 -33.77 18.64
C SER M 52 33.20 -33.85 17.19
N GLU M 53 34.44 -33.45 16.88
CA GLU M 53 34.95 -33.67 15.58
C GLU M 53 36.41 -33.86 15.77
N SER M 54 36.73 -34.82 16.66
CA SER M 54 38.06 -35.28 16.87
C SER M 54 37.96 -36.71 16.53
N ARG M 55 39.08 -37.34 16.17
CA ARG M 55 38.96 -38.76 16.05
C ARG M 55 40.33 -39.24 15.79
N THR M 56 40.57 -40.53 16.11
CA THR M 56 41.92 -40.97 16.11
C THR M 56 42.33 -41.30 14.71
N PHE M 57 43.66 -41.31 14.52
CA PHE M 57 44.30 -40.76 13.38
C PHE M 57 45.40 -41.70 13.01
N ALA M 58 46.07 -42.25 14.05
CA ALA M 58 47.04 -43.24 13.77
C ALA M 58 46.27 -44.37 13.19
N HIS M 59 46.99 -45.31 12.56
CA HIS M 59 46.26 -46.43 12.07
C HIS M 59 46.63 -47.58 12.95
N LYS M 60 45.62 -48.28 13.47
CA LYS M 60 45.90 -49.34 14.38
C LYS M 60 46.43 -50.45 13.54
N MET M 61 45.50 -51.16 12.87
CA MET M 61 45.83 -52.14 11.88
C MET M 61 45.35 -51.57 10.58
N ASN M 62 44.99 -52.47 9.65
CA ASN M 62 44.18 -52.07 8.53
C ASN M 62 43.05 -51.33 9.12
N HIS M 63 42.09 -52.09 9.69
CA HIS M 63 41.05 -51.40 10.38
C HIS M 63 41.70 -50.69 11.49
N PHE M 64 41.25 -49.46 11.76
CA PHE M 64 42.07 -48.72 12.66
C PHE M 64 41.22 -47.74 13.37
N PHE M 65 41.69 -47.34 14.58
CA PHE M 65 40.89 -46.68 15.56
C PHE M 65 40.34 -45.43 14.97
N VAL M 66 39.31 -44.86 15.64
CA VAL M 66 39.18 -43.43 15.74
C VAL M 66 38.68 -43.19 17.11
N LYS M 67 38.99 -42.02 17.71
CA LYS M 67 38.54 -41.89 19.05
C LYS M 67 38.34 -40.46 19.39
N PRO M 68 37.20 -39.88 19.07
CA PRO M 68 36.80 -38.64 19.64
C PRO M 68 36.74 -38.83 21.12
N LYS M 69 37.32 -37.90 21.89
CA LYS M 69 37.04 -37.85 23.30
C LYS M 69 35.98 -36.81 23.46
N GLN M 70 34.86 -37.16 24.13
CA GLN M 70 33.84 -36.15 24.21
C GLN M 70 34.27 -35.14 25.22
N ALA M 71 33.86 -35.30 26.48
CA ALA M 71 34.16 -34.29 27.46
C ALA M 71 35.48 -34.57 28.08
N MET M 72 35.63 -34.18 29.36
CA MET M 72 36.84 -34.44 30.09
C MET M 72 36.67 -35.80 30.67
N SER M 73 35.40 -36.19 30.84
CA SER M 73 35.01 -37.44 31.45
C SER M 73 35.58 -38.56 30.63
N ASP M 74 35.35 -39.80 31.09
CA ASP M 74 35.87 -40.94 30.40
C ASP M 74 35.09 -41.06 29.15
N THR M 75 35.79 -40.89 28.02
CA THR M 75 35.07 -40.81 26.79
C THR M 75 35.88 -41.56 25.80
N ASN M 76 35.87 -42.89 25.95
CA ASN M 76 36.66 -43.68 25.04
C ASN M 76 35.79 -44.05 23.90
N LEU M 77 35.56 -43.07 23.03
CA LEU M 77 34.77 -43.34 21.87
C LEU M 77 35.69 -43.91 20.87
N VAL M 78 35.50 -45.20 20.54
CA VAL M 78 36.32 -45.78 19.54
C VAL M 78 35.43 -46.12 18.42
N ILE M 79 35.91 -45.92 17.19
CA ILE M 79 35.29 -46.61 16.13
C ILE M 79 36.39 -47.00 15.20
N VAL M 80 36.80 -48.27 15.26
CA VAL M 80 37.98 -48.72 14.56
C VAL M 80 37.63 -48.88 13.12
N THR M 81 36.66 -48.10 12.65
CA THR M 81 36.03 -48.33 11.41
C THR M 81 37.04 -48.02 10.35
N ASP M 82 37.53 -49.07 9.67
CA ASP M 82 38.36 -48.95 8.52
C ASP M 82 37.46 -49.27 7.40
N LYS M 83 36.84 -50.45 7.56
CA LYS M 83 36.18 -51.22 6.56
C LYS M 83 37.08 -52.33 6.17
N ARG M 84 37.83 -52.88 7.14
CA ARG M 84 38.31 -54.21 6.93
C ARG M 84 37.42 -55.07 7.73
N THR M 85 38.05 -55.84 8.63
CA THR M 85 37.34 -56.30 9.77
C THR M 85 37.44 -55.21 10.79
N TYR M 86 37.15 -55.53 12.07
CA TYR M 86 36.71 -54.46 12.89
C TYR M 86 36.51 -54.98 14.28
N ASN M 87 37.29 -54.47 15.27
CA ASN M 87 37.02 -54.73 16.66
C ASN M 87 37.15 -53.44 17.42
N ILE M 88 36.16 -53.13 18.31
CA ILE M 88 36.25 -52.00 19.18
C ILE M 88 35.50 -52.30 20.43
N VAL M 89 35.99 -51.78 21.59
CA VAL M 89 35.20 -51.93 22.78
C VAL M 89 34.95 -50.60 23.39
N LEU M 90 33.67 -50.16 23.42
CA LEU M 90 33.37 -48.90 24.04
C LEU M 90 32.98 -49.17 25.46
N HIS M 91 33.17 -48.15 26.31
CA HIS M 91 32.49 -48.10 27.57
C HIS M 91 32.14 -46.67 27.79
N PHE M 92 31.37 -46.37 28.85
CA PHE M 92 31.10 -44.98 29.09
C PHE M 92 30.67 -44.77 30.50
N ILE M 93 31.29 -43.77 31.17
CA ILE M 93 30.88 -43.32 32.46
C ILE M 93 31.45 -41.95 32.62
N GLY M 94 30.67 -40.92 32.23
CA GLY M 94 31.10 -39.55 32.35
C GLY M 94 30.44 -39.02 33.57
N GLU M 95 29.88 -37.79 33.47
CA GLU M 95 29.22 -37.15 34.58
C GLU M 95 28.28 -38.16 35.15
N GLU M 96 28.58 -38.58 36.39
CA GLU M 96 28.12 -39.85 36.86
C GLU M 96 26.62 -39.86 36.79
N THR M 97 26.00 -38.74 37.19
CA THR M 97 24.61 -38.56 36.93
C THR M 97 24.52 -38.06 35.52
N LYS M 98 24.38 -38.98 34.55
CA LYS M 98 24.23 -38.59 33.17
C LYS M 98 22.97 -39.20 32.66
N LYS M 99 22.82 -39.18 31.32
CA LYS M 99 21.80 -39.94 30.65
C LYS M 99 22.44 -41.24 30.32
N ASN M 100 22.06 -42.29 31.07
CA ASN M 100 22.87 -43.43 31.43
C ASN M 100 23.80 -43.82 30.33
N ALA M 101 25.10 -43.57 30.55
CA ALA M 101 26.10 -43.91 29.57
C ALA M 101 26.78 -45.14 30.09
N ASP M 102 26.42 -45.50 31.33
CA ASP M 102 27.13 -46.45 32.13
C ASP M 102 27.36 -47.70 31.35
N GLY M 103 26.25 -48.33 30.91
CA GLY M 103 26.33 -49.57 30.20
C GLY M 103 27.26 -49.35 29.05
N THR M 104 28.09 -50.36 28.77
CA THR M 104 29.01 -50.20 27.69
C THR M 104 28.84 -51.35 26.75
N VAL M 105 29.33 -51.15 25.51
CA VAL M 105 29.08 -52.00 24.38
C VAL M 105 30.38 -52.57 23.92
N SER M 106 30.28 -53.37 22.83
CA SER M 106 31.41 -53.78 22.06
C SER M 106 30.89 -53.84 20.65
N LYS M 107 31.74 -53.64 19.63
CA LYS M 107 31.20 -53.76 18.30
C LYS M 107 31.93 -54.86 17.60
N SER M 108 31.18 -55.81 17.02
CA SER M 108 31.79 -56.57 15.98
C SER M 108 31.33 -55.97 14.69
N PHE M 109 31.87 -56.48 13.57
CA PHE M 109 31.75 -55.81 12.31
C PHE M 109 32.52 -56.62 11.34
N ILE M 110 31.86 -57.58 10.64
CA ILE M 110 32.42 -58.08 9.43
C ILE M 110 31.70 -57.37 8.34
N GLU M 111 32.38 -57.12 7.21
CA GLU M 111 31.69 -56.60 6.07
C GLU M 111 31.39 -57.78 5.23
N THR M 112 32.42 -58.60 5.01
CA THR M 112 32.36 -59.91 4.42
C THR M 112 31.07 -60.61 4.83
N LEU N 1 37.84 -41.79 -1.28
CA LEU N 1 36.49 -42.31 -1.62
C LEU N 1 36.29 -42.31 -3.11
N GLU N 2 35.59 -41.27 -3.64
CA GLU N 2 35.40 -41.18 -5.07
C GLU N 2 36.74 -40.82 -5.67
N VAL N 3 36.78 -40.54 -6.98
CA VAL N 3 37.94 -40.00 -7.60
C VAL N 3 38.26 -38.75 -6.87
N GLY N 4 37.73 -37.62 -7.35
CA GLY N 4 37.86 -36.44 -6.56
C GLY N 4 37.12 -36.72 -5.29
N ARG N 5 37.80 -36.58 -4.14
CA ARG N 5 37.11 -36.77 -2.91
C ARG N 5 36.02 -35.76 -2.92
N ASN N 6 36.38 -34.48 -3.16
CA ASN N 6 35.40 -33.46 -3.29
C ASN N 6 34.70 -33.30 -1.98
N SER N 7 35.25 -33.81 -0.87
CA SER N 7 34.44 -33.82 0.31
C SER N 7 35.19 -33.20 1.43
N PRO N 8 34.54 -32.27 2.05
CA PRO N 8 34.52 -32.24 3.49
C PRO N 8 33.96 -33.58 3.89
N TYR N 9 34.59 -34.28 4.85
CA TYR N 9 34.38 -35.70 4.94
C TYR N 9 32.93 -36.03 5.08
N ASP N 10 32.23 -35.64 6.17
CA ASP N 10 32.40 -34.55 7.10
C ASP N 10 33.55 -34.83 8.01
N TYR N 11 33.55 -35.99 8.67
CA TYR N 11 34.78 -36.44 9.23
C TYR N 11 34.94 -37.85 8.78
N ARG N 12 35.94 -38.57 9.33
CA ARG N 12 36.38 -39.76 8.68
C ARG N 12 35.25 -40.73 8.56
N ILE N 13 35.29 -41.53 7.49
CA ILE N 13 34.19 -42.37 7.17
C ILE N 13 34.69 -43.75 6.94
N LYS N 14 33.77 -44.49 6.30
CA LYS N 14 33.90 -45.64 5.48
C LYS N 14 34.89 -45.30 4.42
N SER N 15 36.13 -44.98 4.82
CA SER N 15 37.16 -44.74 3.86
C SER N 15 37.21 -45.94 2.99
N VAL N 16 37.00 -45.71 1.68
CA VAL N 16 36.87 -46.80 0.77
C VAL N 16 38.19 -47.50 0.76
N VAL N 17 38.29 -48.70 1.35
CA VAL N 17 39.63 -49.11 1.57
C VAL N 17 40.16 -49.79 0.37
N TYR N 18 41.49 -49.82 0.30
CA TYR N 18 42.07 -49.82 -0.99
C TYR N 18 43.31 -50.63 -0.94
N ASN N 19 44.12 -50.49 -2.01
CA ASN N 19 45.53 -50.50 -1.88
C ASN N 19 45.91 -49.04 -1.96
N PRO N 20 47.11 -48.66 -1.63
CA PRO N 20 47.33 -47.30 -1.23
C PRO N 20 47.19 -46.33 -2.37
N VAL N 21 46.87 -46.82 -3.58
CA VAL N 21 46.83 -46.00 -4.73
C VAL N 21 45.83 -44.91 -4.56
N ASN N 22 44.58 -45.10 -5.03
CA ASN N 22 43.68 -44.00 -5.26
C ASN N 22 43.53 -43.16 -4.03
N VAL N 23 42.87 -43.72 -2.99
CA VAL N 23 42.65 -43.00 -1.77
C VAL N 23 43.99 -42.70 -1.16
N VAL N 24 44.20 -41.46 -0.66
CA VAL N 24 45.39 -41.18 0.11
C VAL N 24 44.91 -40.67 1.44
N LYS N 25 45.82 -40.57 2.42
CA LYS N 25 45.41 -40.10 3.70
C LYS N 25 45.71 -38.64 3.68
N ILE N 26 44.64 -37.85 3.48
CA ILE N 26 44.80 -36.47 3.15
C ILE N 26 44.95 -35.77 4.45
N ASP N 27 44.37 -36.40 5.48
CA ASP N 27 44.18 -35.87 6.80
C ASP N 27 45.47 -35.39 7.42
N ALA N 28 45.31 -34.65 8.54
CA ALA N 28 46.26 -33.77 9.17
C ALA N 28 45.49 -32.50 9.34
N VAL N 29 46.08 -31.38 9.79
CA VAL N 29 45.20 -30.26 10.00
C VAL N 29 44.70 -29.83 8.66
N ALA N 30 43.37 -29.93 8.45
CA ALA N 30 42.78 -29.63 7.18
C ALA N 30 41.49 -28.91 7.42
N GLY N 31 40.72 -28.66 6.35
CA GLY N 31 39.45 -28.01 6.50
C GLY N 31 39.29 -27.04 5.37
N VAL N 32 40.36 -26.28 5.10
CA VAL N 32 40.35 -25.20 4.17
C VAL N 32 40.15 -25.79 2.79
N ALA N 33 38.93 -25.55 2.26
CA ALA N 33 38.26 -26.27 1.20
C ALA N 33 39.18 -27.13 0.40
N THR N 34 39.48 -28.33 0.93
CA THR N 34 40.16 -29.33 0.17
C THR N 34 39.12 -30.28 -0.28
N HIS N 35 38.88 -30.33 -1.60
CA HIS N 35 37.99 -31.33 -2.11
C HIS N 35 38.66 -32.63 -1.85
N ILE N 36 39.47 -33.11 -2.81
CA ILE N 36 40.45 -34.10 -2.45
C ILE N 36 41.78 -33.46 -2.63
N VAL N 37 42.85 -34.03 -2.04
CA VAL N 37 44.14 -33.58 -2.46
C VAL N 37 44.50 -34.50 -3.58
N VAL N 38 45.57 -35.29 -3.36
CA VAL N 38 46.19 -36.29 -4.21
C VAL N 38 45.46 -36.48 -5.50
N ALA N 39 44.99 -37.71 -5.72
CA ALA N 39 44.20 -38.05 -6.87
C ALA N 39 43.08 -37.07 -6.97
N PRO N 40 42.41 -37.10 -8.08
CA PRO N 40 42.83 -37.76 -9.28
C PRO N 40 43.93 -36.92 -9.85
N ASP N 41 44.34 -37.22 -11.11
CA ASP N 41 45.17 -36.32 -11.83
C ASP N 41 44.25 -35.30 -12.45
N GLU N 42 42.97 -35.66 -12.65
CA GLU N 42 42.06 -34.66 -13.10
C GLU N 42 41.76 -33.80 -11.92
N THR N 43 41.05 -32.69 -12.17
CA THR N 43 40.79 -31.66 -11.19
C THR N 43 40.18 -32.30 -10.00
N TYR N 44 40.74 -32.02 -8.80
CA TYR N 44 40.23 -32.65 -7.61
C TYR N 44 38.78 -32.28 -7.46
N ILE N 45 38.46 -30.96 -7.37
CA ILE N 45 39.34 -29.87 -7.65
C ILE N 45 39.94 -29.37 -6.39
N THR N 46 40.77 -28.33 -6.53
CA THR N 46 41.96 -28.18 -5.76
C THR N 46 41.63 -27.90 -4.34
N HIS N 47 42.69 -27.86 -3.52
CA HIS N 47 42.60 -27.74 -2.11
C HIS N 47 43.34 -26.50 -1.73
N ALA N 48 42.93 -25.90 -0.59
CA ALA N 48 43.86 -25.14 0.19
C ALA N 48 44.23 -26.10 1.27
N PHE N 49 45.33 -25.82 2.00
CA PHE N 49 45.57 -26.70 3.10
C PHE N 49 45.82 -25.86 4.29
N GLY N 50 46.09 -26.52 5.42
CA GLY N 50 46.60 -25.86 6.58
C GLY N 50 45.60 -24.88 7.09
N ASP N 51 44.41 -24.86 6.49
CA ASP N 51 43.43 -23.90 6.87
C ASP N 51 44.07 -22.55 6.78
N SER N 52 44.97 -22.43 5.79
CA SER N 52 45.65 -21.20 5.56
C SER N 52 45.67 -21.00 4.09
N GLU N 53 46.60 -20.15 3.61
CA GLU N 53 46.82 -20.03 2.21
C GLU N 53 48.26 -19.69 2.08
N SER N 54 49.08 -20.55 2.70
CA SER N 54 50.50 -20.51 2.57
C SER N 54 50.80 -21.85 2.01
N ARG N 55 51.93 -21.98 1.33
CA ARG N 55 52.27 -23.33 0.98
C ARG N 55 53.63 -23.26 0.37
N THR N 56 54.34 -24.39 0.41
CA THR N 56 55.72 -24.31 0.07
C THR N 56 55.85 -24.32 -1.43
N PHE N 57 57.03 -23.84 -1.87
CA PHE N 57 57.16 -22.97 -2.99
C PHE N 57 58.37 -23.42 -3.72
N ALA N 58 59.41 -23.78 -2.95
CA ALA N 58 60.57 -24.31 -3.59
C ALA N 58 60.10 -25.58 -4.20
N HIS N 59 60.91 -26.12 -5.12
CA HIS N 59 60.51 -27.39 -5.65
C HIS N 59 61.42 -28.40 -5.08
N LYS N 60 60.87 -29.47 -4.51
CA LYS N 60 61.70 -30.45 -3.88
C LYS N 60 62.34 -31.20 -4.99
N MET N 61 61.56 -32.12 -5.58
CA MET N 61 61.95 -32.81 -6.78
C MET N 61 61.01 -32.33 -7.83
N ASN N 62 60.74 -33.20 -8.83
CA ASN N 62 59.61 -33.01 -9.68
C ASN N 62 58.47 -32.80 -8.75
N HIS N 63 57.99 -33.91 -8.16
CA HIS N 63 56.99 -33.71 -7.17
C HIS N 63 57.61 -32.93 -6.09
N PHE N 64 56.87 -31.98 -5.52
CA PHE N 64 57.58 -31.09 -4.69
C PHE N 64 56.65 -30.55 -3.65
N PHE N 65 57.25 -30.15 -2.51
CA PHE N 65 56.54 -29.92 -1.29
C PHE N 65 55.48 -28.90 -1.53
N VAL N 66 54.51 -28.81 -0.58
CA VAL N 66 53.95 -27.54 -0.21
C VAL N 66 53.74 -27.64 1.26
N LYS N 67 53.79 -26.51 1.99
CA LYS N 67 53.66 -26.69 3.40
C LYS N 67 53.08 -25.46 4.01
N PRO N 68 51.78 -25.32 4.04
CA PRO N 68 51.14 -24.36 4.88
C PRO N 68 51.51 -24.71 6.28
N LYS N 69 51.92 -23.72 7.09
CA LYS N 69 51.99 -23.91 8.51
C LYS N 69 50.72 -23.35 9.05
N GLN N 70 49.98 -24.14 9.85
CA GLN N 70 48.74 -23.60 10.31
C GLN N 70 49.04 -22.60 11.38
N ALA N 71 49.02 -23.03 12.65
CA ALA N 71 49.20 -22.08 13.72
C ALA N 71 50.66 -21.93 14.01
N MET N 72 50.97 -21.63 15.28
CA MET N 72 52.34 -21.50 15.70
C MET N 72 52.78 -22.88 16.06
N SER N 73 51.79 -23.73 16.40
CA SER N 73 52.00 -25.08 16.83
C SER N 73 52.69 -25.83 15.72
N ASP N 74 53.00 -27.11 16.00
CA ASP N 74 53.68 -27.92 15.03
C ASP N 74 52.71 -28.18 13.95
N THR N 75 53.01 -27.66 12.75
CA THR N 75 52.03 -27.71 11.72
C THR N 75 52.78 -28.02 10.48
N ASN N 76 53.25 -29.27 10.38
CA ASN N 76 54.00 -29.62 9.21
C ASN N 76 53.05 -30.17 8.21
N LEU N 77 52.31 -29.25 7.59
CA LEU N 77 51.39 -29.68 6.58
C LEU N 77 52.18 -29.77 5.33
N VAL N 78 52.35 -31.00 4.82
CA VAL N 78 53.05 -31.14 3.59
C VAL N 78 52.07 -31.67 2.62
N ILE N 79 52.14 -31.18 1.38
CA ILE N 79 51.54 -31.94 0.35
C ILE N 79 52.45 -31.81 -0.82
N VAL N 80 53.27 -32.85 -1.07
CA VAL N 80 54.32 -32.77 -2.06
C VAL N 80 53.70 -32.90 -3.41
N THR N 81 52.44 -32.48 -3.53
CA THR N 81 51.64 -32.79 -4.66
C THR N 81 52.20 -32.04 -5.81
N ASP N 82 52.83 -32.78 -6.75
CA ASP N 82 53.27 -32.25 -8.01
C ASP N 82 52.28 -32.74 -8.97
N LYS N 83 52.15 -34.08 -8.91
CA LYS N 83 51.54 -34.93 -9.88
C LYS N 83 52.64 -35.60 -10.63
N ARG N 84 53.75 -35.94 -9.94
CA ARG N 84 54.58 -36.97 -10.48
C ARG N 84 54.25 -38.17 -9.69
N THR N 85 55.29 -38.74 -9.08
CA THR N 85 55.07 -39.54 -7.92
C THR N 85 55.06 -38.59 -6.76
N TYR N 86 55.21 -39.12 -5.53
CA TYR N 86 54.65 -38.37 -4.45
C TYR N 86 54.98 -39.07 -3.17
N ASN N 87 55.76 -38.42 -2.28
CA ASN N 87 55.95 -38.89 -0.93
C ASN N 87 55.82 -37.71 0.00
N ILE N 88 55.04 -37.89 1.11
CA ILE N 88 54.95 -36.88 2.14
C ILE N 88 54.68 -37.57 3.44
N VAL N 89 55.23 -37.03 4.55
CA VAL N 89 54.86 -37.58 5.84
C VAL N 89 54.34 -36.49 6.70
N LEU N 90 53.04 -36.55 7.06
CA LEU N 90 52.49 -35.56 7.94
C LEU N 90 52.57 -36.08 9.34
N HIS N 91 52.62 -35.16 10.31
CA HIS N 91 52.29 -35.49 11.66
C HIS N 91 51.55 -34.30 12.20
N PHE N 92 51.00 -34.42 13.42
CA PHE N 92 50.36 -33.26 13.96
C PHE N 92 50.25 -33.36 15.43
N ILE N 93 50.64 -32.27 16.14
CA ILE N 93 50.43 -32.14 17.55
C ILE N 93 50.54 -30.67 17.83
N GLY N 94 49.39 -29.97 17.80
CA GLY N 94 49.36 -28.56 18.08
C GLY N 94 48.87 -28.42 19.48
N GLU N 95 47.93 -27.47 19.71
CA GLU N 95 47.40 -27.23 21.02
C GLU N 95 47.01 -28.56 21.57
N GLU N 96 47.72 -28.97 22.64
CA GLU N 96 47.83 -30.36 22.94
C GLU N 96 46.46 -30.91 23.17
N THR N 97 45.63 -30.14 23.88
CA THR N 97 44.24 -30.45 23.92
C THR N 97 43.65 -29.88 22.68
N LYS N 98 43.58 -30.69 21.60
CA LYS N 98 42.98 -30.24 20.36
C LYS N 98 41.90 -31.21 20.01
N LYS N 99 41.43 -31.11 18.75
CA LYS N 99 40.59 -32.12 18.16
C LYS N 99 41.53 -33.06 17.49
N ASN N 100 41.72 -34.25 18.10
CA ASN N 100 42.92 -35.05 18.09
C ASN N 100 43.62 -34.96 16.77
N ALA N 101 44.79 -34.27 16.77
CA ALA N 101 45.56 -34.13 15.58
C ALA N 101 46.71 -35.07 15.72
N ASP N 102 46.82 -35.66 16.92
CA ASP N 102 47.97 -36.36 17.39
C ASP N 102 48.40 -37.36 16.37
N GLY N 103 47.49 -38.30 16.05
CA GLY N 103 47.81 -39.35 15.12
C GLY N 103 48.29 -38.70 13.88
N THR N 104 49.32 -39.30 13.26
CA THR N 104 49.85 -38.71 12.07
C THR N 104 49.84 -39.75 11.00
N VAL N 105 49.92 -39.26 9.74
CA VAL N 105 49.69 -40.02 8.54
C VAL N 105 50.94 -40.03 7.75
N SER N 106 50.87 -40.70 6.57
CA SER N 106 51.83 -40.59 5.53
C SER N 106 51.04 -40.69 4.27
N LYS N 107 51.51 -40.10 3.15
CA LYS N 107 50.72 -40.27 1.96
C LYS N 107 51.58 -40.95 0.94
N SER N 108 51.07 -42.05 0.35
CA SER N 108 51.63 -42.43 -0.91
C SER N 108 50.69 -41.91 -1.96
N PHE N 109 51.09 -42.08 -3.23
CA PHE N 109 50.44 -41.38 -4.30
C PHE N 109 51.18 -41.75 -5.54
N ILE N 110 50.71 -42.80 -6.25
CA ILE N 110 51.11 -42.94 -7.62
C ILE N 110 49.93 -42.43 -8.40
N GLU N 111 50.20 -41.84 -9.58
CA GLU N 111 49.12 -41.49 -10.45
C GLU N 111 49.03 -42.62 -11.41
N THR N 112 50.20 -42.98 -11.98
CA THR N 112 50.43 -44.17 -12.76
C THR N 112 49.58 -45.33 -12.24
#